data_3R0Q
#
_entry.id   3R0Q
#
_cell.length_a   80.552
_cell.length_b   86.691
_cell.length_c   114.735
_cell.angle_alpha   90.00
_cell.angle_beta   89.97
_cell.angle_gamma   90.00
#
_symmetry.space_group_name_H-M   'P 1 21 1'
#
loop_
_entity.id
_entity.type
_entity.pdbx_description
1 polymer 'Probable protein arginine N-methyltransferase 4.2'
2 non-polymer S-ADENOSYL-L-HOMOCYSTEINE
3 water water
#
_entity_poly.entity_id   1
_entity_poly.type   'polypeptide(L)'
_entity_poly.pdbx_seq_one_letter_code
;SNAGGRAAGTGGGGPSAPVDKEVDYAQYFCTYSFLYHQKDMLSDRVRMDAYFNAVFQNKHHFEGKTVLDVGTGSGILAIW
SAQAGARKVYAVEATKMADHARALVKANNLDHIVEVIEGSVEDISLPEKVDVIISEWMGYFLLRESMFDSVISARDRWLK
PTGVMYPSHARMWLAPIKSNIADRKRNDFDGAMADWHNFSDEIKSYYGVDMGVLTKPFAEEQEKYYIQTAMWNDLNPQQI
IGTPTIVKEMDCLTASVSEIEEVRSNVTSVINMEHTRLCGFGGWFDVQFSGRKEDPAQQEIELTTAPSEQHCTHWGQQVF
IMSNPINVEEGDNLNLGLLMSRSKENHRLMEIELNCEIKEASGNPKESFKKTYFIE
;
_entity_poly.pdbx_strand_id   C,G,A,E
#
# COMPACT_ATOMS: atom_id res chain seq x y z
N TYR A 28 -23.77 -26.99 -14.59
CA TYR A 28 -23.01 -28.20 -14.34
C TYR A 28 -23.60 -29.40 -15.08
N PHE A 29 -24.73 -29.91 -14.61
CA PHE A 29 -25.41 -31.02 -15.30
C PHE A 29 -25.50 -30.74 -16.81
N CYS A 30 -25.49 -29.47 -17.19
CA CYS A 30 -25.61 -29.06 -18.58
C CYS A 30 -24.65 -29.77 -19.53
N THR A 31 -23.36 -29.59 -19.31
CA THR A 31 -22.34 -30.11 -20.23
C THR A 31 -22.31 -31.65 -20.30
N TYR A 32 -22.82 -32.31 -19.27
CA TYR A 32 -22.77 -33.77 -19.21
C TYR A 32 -23.90 -34.42 -20.01
N SER A 33 -24.75 -33.60 -20.61
CA SER A 33 -25.88 -34.11 -21.38
C SER A 33 -25.57 -34.26 -22.86
N PHE A 34 -24.33 -33.93 -23.24
CA PHE A 34 -23.91 -34.07 -24.63
C PHE A 34 -23.23 -35.40 -24.92
N LEU A 35 -23.65 -36.09 -25.97
CA LEU A 35 -22.93 -37.28 -26.46
C LEU A 35 -21.47 -36.94 -26.65
N TYR A 36 -21.25 -35.75 -27.20
CA TYR A 36 -19.94 -35.28 -27.58
C TYR A 36 -19.00 -35.20 -26.39
N HIS A 37 -19.53 -34.77 -25.25
CA HIS A 37 -18.74 -34.63 -24.03
C HIS A 37 -18.51 -36.00 -23.44
N GLN A 38 -19.54 -36.84 -23.51
CA GLN A 38 -19.49 -38.17 -22.95
C GLN A 38 -18.47 -39.05 -23.65
N LYS A 39 -18.33 -38.88 -24.97
CA LYS A 39 -17.33 -39.67 -25.71
C LYS A 39 -15.91 -39.20 -25.42
N ASP A 40 -15.77 -37.93 -25.07
CA ASP A 40 -14.47 -37.42 -24.68
C ASP A 40 -13.94 -38.33 -23.58
N MET A 41 -14.73 -38.47 -22.52
CA MET A 41 -14.38 -39.33 -21.40
C MET A 41 -14.11 -40.76 -21.85
N LEU A 42 -15.04 -41.30 -22.62
CA LEU A 42 -14.92 -42.67 -23.11
C LEU A 42 -13.67 -42.84 -23.98
N SER A 43 -13.12 -41.74 -24.44
CA SER A 43 -11.95 -41.78 -25.32
C SER A 43 -10.67 -41.95 -24.53
N ASP A 44 -10.77 -41.79 -23.22
CA ASP A 44 -9.60 -41.91 -22.37
C ASP A 44 -9.23 -43.37 -22.18
N ARG A 45 -8.26 -43.84 -22.95
CA ARG A 45 -7.81 -45.23 -22.86
C ARG A 45 -7.31 -45.55 -21.46
N VAL A 46 -6.58 -44.60 -20.86
CA VAL A 46 -6.09 -44.79 -19.50
C VAL A 46 -7.29 -44.87 -18.55
N ARG A 47 -8.15 -43.86 -18.55
CA ARG A 47 -9.35 -43.92 -17.72
C ARG A 47 -10.11 -45.23 -17.93
N MET A 48 -10.34 -45.59 -19.19
CA MET A 48 -11.14 -46.77 -19.55
C MET A 48 -10.52 -48.12 -19.17
N ASP A 49 -9.22 -48.28 -19.38
CA ASP A 49 -8.57 -49.53 -19.01
C ASP A 49 -8.74 -49.84 -17.53
N ALA A 50 -8.67 -48.83 -16.68
CA ALA A 50 -8.66 -49.07 -15.25
C ALA A 50 -10.00 -49.64 -14.76
N TYR A 51 -11.09 -48.93 -15.07
CA TYR A 51 -12.40 -49.42 -14.71
C TYR A 51 -12.66 -50.77 -15.36
N PHE A 52 -12.21 -50.94 -16.60
CA PHE A 52 -12.33 -52.21 -17.29
C PHE A 52 -11.73 -53.35 -16.47
N ASN A 53 -10.42 -53.23 -16.22
CA ASN A 53 -9.69 -54.23 -15.45
C ASN A 53 -10.13 -54.34 -13.99
N ALA A 54 -10.69 -53.28 -13.43
CA ALA A 54 -11.18 -53.36 -12.05
C ALA A 54 -12.39 -54.27 -12.00
N VAL A 55 -13.28 -54.12 -12.98
CA VAL A 55 -14.49 -54.93 -13.05
C VAL A 55 -14.17 -56.41 -13.35
N PHE A 56 -13.65 -56.66 -14.54
CA PHE A 56 -13.36 -58.02 -15.03
C PHE A 56 -12.26 -58.79 -14.30
N GLN A 57 -11.23 -58.11 -13.79
CA GLN A 57 -10.17 -58.81 -13.04
C GLN A 57 -10.66 -59.15 -11.64
N ASN A 58 -11.86 -58.68 -11.30
CA ASN A 58 -12.48 -58.92 -9.99
C ASN A 58 -13.96 -59.29 -10.13
N LYS A 59 -14.28 -60.13 -11.12
CA LYS A 59 -15.67 -60.49 -11.36
C LYS A 59 -16.27 -61.34 -10.24
N HIS A 60 -15.62 -61.35 -9.08
CA HIS A 60 -16.19 -62.00 -7.90
C HIS A 60 -17.04 -61.02 -7.06
N HIS A 61 -16.76 -59.73 -7.20
CA HIS A 61 -17.56 -58.68 -6.55
C HIS A 61 -18.83 -58.46 -7.36
N PHE A 62 -18.86 -59.03 -8.55
CA PHE A 62 -19.98 -58.81 -9.47
C PHE A 62 -20.84 -60.05 -9.70
N GLU A 63 -20.20 -61.21 -9.87
CA GLU A 63 -20.96 -62.44 -10.12
C GLU A 63 -22.18 -62.54 -9.23
N GLY A 64 -23.35 -62.42 -9.84
CA GLY A 64 -24.60 -62.69 -9.16
C GLY A 64 -24.87 -61.70 -8.05
N LYS A 65 -24.37 -60.49 -8.23
CA LYS A 65 -24.57 -59.46 -7.22
C LYS A 65 -25.33 -58.23 -7.74
N THR A 66 -25.58 -57.30 -6.83
CA THR A 66 -26.41 -56.14 -7.11
C THR A 66 -25.50 -54.92 -7.12
N VAL A 67 -25.50 -54.22 -8.24
CA VAL A 67 -24.68 -53.04 -8.35
C VAL A 67 -25.49 -51.78 -8.66
N LEU A 68 -25.07 -50.67 -8.08
CA LEU A 68 -25.62 -49.36 -8.37
C LEU A 68 -24.48 -48.56 -8.96
N ASP A 69 -24.58 -48.27 -10.26
CA ASP A 69 -23.61 -47.42 -10.92
C ASP A 69 -24.04 -45.97 -10.71
N VAL A 70 -23.23 -45.20 -10.01
CA VAL A 70 -23.60 -43.82 -9.67
C VAL A 70 -23.17 -42.84 -10.76
N GLY A 71 -24.16 -42.20 -11.39
CA GLY A 71 -23.87 -41.28 -12.48
C GLY A 71 -23.40 -42.02 -13.71
N THR A 72 -24.33 -42.80 -14.27
CA THR A 72 -23.99 -43.74 -15.32
C THR A 72 -23.67 -43.06 -16.66
N GLY A 73 -24.27 -41.90 -16.93
CA GLY A 73 -24.06 -41.21 -18.19
C GLY A 73 -24.35 -42.15 -19.35
N SER A 74 -23.33 -42.46 -20.15
CA SER A 74 -23.50 -43.37 -21.27
C SER A 74 -23.96 -44.74 -20.82
N GLY A 75 -23.81 -45.01 -19.53
CA GLY A 75 -24.08 -46.33 -18.98
C GLY A 75 -22.95 -47.30 -19.26
N ILE A 76 -21.75 -46.80 -19.53
CA ILE A 76 -20.63 -47.69 -19.82
C ILE A 76 -20.23 -48.62 -18.66
N LEU A 77 -20.01 -48.07 -17.47
CA LEU A 77 -19.59 -48.88 -16.32
C LEU A 77 -20.70 -49.85 -15.93
N ALA A 78 -21.95 -49.47 -16.19
CA ALA A 78 -23.12 -50.26 -15.80
C ALA A 78 -23.34 -51.45 -16.73
N ILE A 79 -22.69 -51.40 -17.87
CA ILE A 79 -22.76 -52.48 -18.85
C ILE A 79 -21.72 -53.53 -18.52
N TRP A 80 -20.53 -53.08 -18.15
CA TRP A 80 -19.45 -53.99 -17.82
C TRP A 80 -19.83 -54.85 -16.61
N SER A 81 -20.47 -54.23 -15.63
CA SER A 81 -20.92 -54.97 -14.45
C SER A 81 -21.90 -56.10 -14.81
N ALA A 82 -22.90 -55.78 -15.63
CA ALA A 82 -23.79 -56.81 -16.14
C ALA A 82 -22.97 -57.81 -16.97
N GLN A 83 -22.15 -57.29 -17.87
CA GLN A 83 -21.33 -58.17 -18.69
C GLN A 83 -20.49 -59.13 -17.87
N ALA A 84 -20.33 -58.83 -16.59
CA ALA A 84 -19.40 -59.58 -15.76
C ALA A 84 -20.09 -60.37 -14.66
N GLY A 85 -21.42 -60.39 -14.66
CA GLY A 85 -22.16 -61.27 -13.78
C GLY A 85 -23.25 -60.67 -12.92
N ALA A 86 -23.25 -59.36 -12.77
CA ALA A 86 -24.23 -58.66 -11.94
C ALA A 86 -25.66 -59.10 -12.22
N ARG A 87 -26.33 -59.58 -11.18
CA ARG A 87 -27.73 -60.01 -11.28
C ARG A 87 -28.61 -58.86 -11.75
N LYS A 88 -28.47 -57.71 -11.08
CA LYS A 88 -29.18 -56.52 -11.49
C LYS A 88 -28.32 -55.31 -11.19
N VAL A 89 -28.45 -54.32 -12.04
CA VAL A 89 -27.62 -53.14 -11.96
C VAL A 89 -28.51 -51.95 -12.15
N TYR A 90 -28.55 -51.10 -11.13
CA TYR A 90 -29.26 -49.84 -11.20
C TYR A 90 -28.31 -48.75 -11.67
N ALA A 91 -28.57 -48.25 -12.87
CA ALA A 91 -27.76 -47.21 -13.46
C ALA A 91 -28.54 -45.90 -13.39
N VAL A 92 -28.10 -45.02 -12.49
CA VAL A 92 -28.76 -43.76 -12.20
C VAL A 92 -28.08 -42.61 -12.97
N GLU A 93 -28.86 -41.87 -13.77
CA GLU A 93 -28.31 -40.71 -14.50
C GLU A 93 -29.25 -39.52 -14.38
N ALA A 94 -28.70 -38.37 -14.00
CA ALA A 94 -29.50 -37.19 -13.72
C ALA A 94 -29.99 -36.48 -14.98
N THR A 95 -29.31 -36.73 -16.11
CA THR A 95 -29.54 -36.02 -17.35
C THR A 95 -30.36 -36.84 -18.36
N LYS A 96 -30.72 -36.21 -19.48
CA LYS A 96 -31.44 -36.90 -20.53
C LYS A 96 -30.51 -37.91 -21.21
N MET A 97 -29.27 -37.91 -20.77
CA MET A 97 -28.30 -38.90 -21.24
C MET A 97 -28.82 -40.28 -20.85
N ALA A 98 -29.70 -40.33 -19.86
CA ALA A 98 -30.29 -41.59 -19.44
C ALA A 98 -30.95 -42.29 -20.62
N ASP A 99 -31.58 -41.49 -21.49
CA ASP A 99 -32.31 -42.03 -22.63
C ASP A 99 -31.38 -42.72 -23.62
N HIS A 100 -30.10 -42.40 -23.56
CA HIS A 100 -29.12 -43.03 -24.44
C HIS A 100 -28.53 -44.27 -23.78
N ALA A 101 -28.15 -44.15 -22.52
CA ALA A 101 -27.76 -45.30 -21.73
C ALA A 101 -28.80 -46.42 -21.85
N ARG A 102 -30.08 -46.07 -22.03
CA ARG A 102 -31.09 -47.11 -22.25
C ARG A 102 -30.94 -47.78 -23.61
N ALA A 103 -30.95 -46.98 -24.67
CA ALA A 103 -30.78 -47.50 -26.01
C ALA A 103 -29.48 -48.31 -26.11
N LEU A 104 -28.49 -47.91 -25.31
CA LEU A 104 -27.18 -48.56 -25.34
C LEU A 104 -27.17 -49.87 -24.57
N VAL A 105 -27.89 -49.92 -23.46
CA VAL A 105 -27.98 -51.13 -22.66
C VAL A 105 -28.94 -52.12 -23.31
N LYS A 106 -29.95 -51.57 -23.99
CA LYS A 106 -30.92 -52.38 -24.72
C LYS A 106 -30.32 -52.86 -26.03
N ALA A 107 -29.58 -51.99 -26.70
CA ALA A 107 -28.96 -52.30 -27.97
C ALA A 107 -27.86 -53.35 -27.82
N ASN A 108 -27.39 -53.54 -26.59
CA ASN A 108 -26.35 -54.51 -26.31
C ASN A 108 -26.91 -55.75 -25.62
N ASN A 109 -28.22 -55.76 -25.42
CA ASN A 109 -28.90 -56.90 -24.82
C ASN A 109 -28.52 -57.12 -23.37
N LEU A 110 -28.87 -56.17 -22.51
CA LEU A 110 -28.60 -56.29 -21.08
C LEU A 110 -29.75 -55.62 -20.36
N ASP A 111 -30.72 -55.16 -21.15
CA ASP A 111 -31.93 -54.52 -20.65
C ASP A 111 -32.65 -55.40 -19.63
N HIS A 112 -32.32 -56.69 -19.61
CA HIS A 112 -32.89 -57.60 -18.64
C HIS A 112 -32.11 -57.66 -17.33
N ILE A 113 -31.00 -56.93 -17.27
CA ILE A 113 -30.17 -56.85 -16.07
C ILE A 113 -30.13 -55.45 -15.52
N VAL A 114 -29.81 -54.50 -16.39
CA VAL A 114 -29.58 -53.10 -16.02
C VAL A 114 -30.86 -52.27 -16.08
N GLU A 115 -31.14 -51.55 -14.99
CA GLU A 115 -32.29 -50.66 -14.93
C GLU A 115 -31.83 -49.21 -14.93
N VAL A 116 -31.96 -48.53 -16.07
CA VAL A 116 -31.51 -47.14 -16.15
C VAL A 116 -32.57 -46.21 -15.62
N ILE A 117 -32.28 -45.54 -14.51
CA ILE A 117 -33.25 -44.60 -13.97
C ILE A 117 -32.73 -43.18 -14.12
N GLU A 118 -33.55 -42.32 -14.73
CA GLU A 118 -33.20 -40.91 -14.89
C GLU A 118 -33.61 -40.13 -13.64
N GLY A 119 -32.72 -39.29 -13.15
CA GLY A 119 -33.02 -38.53 -11.96
C GLY A 119 -31.80 -38.41 -11.06
N SER A 120 -31.88 -37.48 -10.13
CA SER A 120 -30.75 -37.19 -9.26
C SER A 120 -30.68 -38.17 -8.10
N VAL A 121 -29.65 -39.00 -8.07
CA VAL A 121 -29.52 -40.05 -7.05
C VAL A 121 -29.97 -39.61 -5.65
N GLU A 122 -29.88 -38.32 -5.38
CA GLU A 122 -30.32 -37.82 -4.10
C GLU A 122 -31.84 -37.97 -3.92
N ASP A 123 -32.56 -38.11 -5.02
CA ASP A 123 -34.03 -38.05 -5.00
C ASP A 123 -34.71 -39.37 -5.31
N ILE A 124 -33.93 -40.43 -5.44
CA ILE A 124 -34.48 -41.71 -5.89
C ILE A 124 -34.50 -42.80 -4.82
N SER A 125 -35.49 -43.69 -4.94
CA SER A 125 -35.63 -44.79 -4.01
C SER A 125 -35.47 -46.11 -4.74
N LEU A 126 -34.65 -47.01 -4.18
CA LEU A 126 -34.42 -48.31 -4.78
C LEU A 126 -35.30 -49.38 -4.13
N PRO A 127 -35.52 -50.49 -4.83
CA PRO A 127 -36.26 -51.61 -4.23
C PRO A 127 -35.43 -52.34 -3.18
N GLU A 128 -34.13 -52.46 -3.42
CA GLU A 128 -33.25 -53.25 -2.57
C GLU A 128 -31.97 -52.53 -2.20
N LYS A 129 -31.24 -53.08 -1.24
CA LYS A 129 -29.91 -52.59 -0.92
C LYS A 129 -28.95 -53.20 -1.93
N VAL A 130 -27.75 -52.63 -2.01
CA VAL A 130 -26.85 -52.93 -3.11
C VAL A 130 -25.52 -53.47 -2.60
N ASP A 131 -24.98 -54.45 -3.30
CA ASP A 131 -23.66 -55.00 -2.97
C ASP A 131 -22.56 -54.01 -3.33
N VAL A 132 -22.55 -53.58 -4.58
CA VAL A 132 -21.46 -52.75 -5.06
C VAL A 132 -21.96 -51.39 -5.48
N ILE A 133 -21.22 -50.36 -5.09
CA ILE A 133 -21.44 -49.05 -5.67
C ILE A 133 -20.28 -48.80 -6.61
N ILE A 134 -20.56 -48.60 -7.89
CA ILE A 134 -19.51 -48.25 -8.85
C ILE A 134 -19.75 -46.87 -9.44
N SER A 135 -18.73 -46.01 -9.42
CA SER A 135 -18.88 -44.68 -9.97
C SER A 135 -17.55 -44.13 -10.41
N GLU A 136 -17.64 -43.12 -11.26
CA GLU A 136 -16.48 -42.42 -11.70
C GLU A 136 -16.75 -40.94 -11.43
N TRP A 137 -16.43 -40.53 -10.21
CA TRP A 137 -16.85 -39.22 -9.70
C TRP A 137 -15.69 -38.25 -9.69
N MET A 138 -14.52 -38.69 -10.15
CA MET A 138 -13.30 -37.91 -9.98
C MET A 138 -13.21 -36.70 -10.91
N GLY A 139 -12.90 -35.55 -10.33
CA GLY A 139 -12.80 -34.31 -11.08
C GLY A 139 -11.39 -33.78 -11.24
N TYR A 140 -11.28 -32.59 -11.80
CA TYR A 140 -10.01 -31.87 -11.79
C TYR A 140 -9.49 -31.79 -10.36
N PHE A 141 -8.27 -32.25 -10.14
CA PHE A 141 -7.72 -32.31 -8.80
C PHE A 141 -8.59 -33.16 -7.87
N LEU A 142 -9.30 -34.14 -8.43
CA LEU A 142 -10.17 -35.07 -7.68
C LEU A 142 -11.43 -34.44 -7.10
N LEU A 143 -11.27 -33.39 -6.29
CA LEU A 143 -12.40 -32.80 -5.59
C LEU A 143 -13.26 -31.81 -6.37
N ARG A 144 -12.86 -31.43 -7.58
CA ARG A 144 -13.69 -30.52 -8.36
C ARG A 144 -15.03 -31.15 -8.77
N GLU A 145 -16.10 -30.36 -8.64
CA GLU A 145 -17.47 -30.79 -9.01
C GLU A 145 -18.24 -31.40 -7.83
N SER A 146 -17.51 -31.86 -6.83
CA SER A 146 -18.11 -32.38 -5.60
C SER A 146 -19.20 -33.42 -5.86
N MET A 147 -18.98 -34.21 -6.92
CA MET A 147 -19.87 -35.30 -7.25
C MET A 147 -19.74 -36.48 -6.28
N PHE A 148 -18.64 -36.54 -5.54
CA PHE A 148 -18.53 -37.57 -4.51
C PHE A 148 -19.57 -37.37 -3.40
N ASP A 149 -20.08 -36.16 -3.27
CA ASP A 149 -21.15 -35.87 -2.30
C ASP A 149 -22.40 -36.69 -2.62
N SER A 150 -22.55 -37.02 -3.90
CA SER A 150 -23.72 -37.76 -4.35
C SER A 150 -23.50 -39.23 -4.05
N VAL A 151 -22.28 -39.69 -4.29
CA VAL A 151 -21.87 -41.05 -4.00
C VAL A 151 -21.97 -41.39 -2.51
N ILE A 152 -21.60 -40.44 -1.67
CA ILE A 152 -21.76 -40.59 -0.23
C ILE A 152 -23.23 -40.83 0.11
N SER A 153 -24.08 -39.92 -0.34
CA SER A 153 -25.52 -40.11 -0.22
C SER A 153 -25.95 -41.53 -0.63
N ALA A 154 -25.44 -42.00 -1.76
CA ALA A 154 -25.86 -43.28 -2.32
C ALA A 154 -25.42 -44.47 -1.45
N ARG A 155 -24.18 -44.38 -0.98
CA ARG A 155 -23.56 -45.38 -0.10
C ARG A 155 -24.24 -45.45 1.26
N ASP A 156 -24.49 -44.29 1.87
CA ASP A 156 -25.08 -44.23 3.21
C ASP A 156 -26.56 -44.55 3.21
N ARG A 157 -27.18 -44.44 2.04
CA ARG A 157 -28.59 -44.74 1.89
C ARG A 157 -28.83 -46.18 1.41
N TRP A 158 -27.84 -46.79 0.76
CA TRP A 158 -28.08 -48.07 0.07
C TRP A 158 -27.06 -49.20 0.31
N LEU A 159 -25.78 -48.88 0.36
CA LEU A 159 -24.74 -49.91 0.44
C LEU A 159 -24.95 -50.79 1.65
N LYS A 160 -25.25 -52.07 1.43
CA LYS A 160 -25.42 -52.98 2.56
C LYS A 160 -24.15 -52.98 3.42
N PRO A 161 -24.24 -53.54 4.64
CA PRO A 161 -23.16 -53.40 5.64
C PRO A 161 -21.85 -53.97 5.14
N THR A 162 -21.93 -54.74 4.07
CA THR A 162 -20.81 -55.53 3.64
C THR A 162 -20.52 -55.29 2.17
N GLY A 163 -20.98 -54.14 1.68
CA GLY A 163 -20.78 -53.76 0.29
C GLY A 163 -19.36 -53.38 -0.06
N VAL A 164 -19.05 -53.43 -1.35
CA VAL A 164 -17.76 -52.99 -1.85
C VAL A 164 -17.97 -51.66 -2.59
N MET A 165 -16.89 -50.90 -2.81
CA MET A 165 -16.95 -49.66 -3.60
C MET A 165 -15.81 -49.51 -4.62
N TYR A 166 -16.15 -49.00 -5.80
CA TYR A 166 -15.21 -48.84 -6.90
C TYR A 166 -15.13 -47.41 -7.39
N PRO A 167 -14.02 -46.71 -7.13
CA PRO A 167 -12.84 -47.18 -6.40
C PRO A 167 -13.05 -47.27 -4.89
N SER A 168 -12.15 -48.01 -4.25
CA SER A 168 -12.18 -48.24 -2.81
C SER A 168 -11.47 -47.14 -2.03
N HIS A 169 -10.38 -46.62 -2.60
CA HIS A 169 -9.68 -45.48 -2.02
C HIS A 169 -9.34 -44.44 -3.07
N ALA A 170 -9.07 -43.21 -2.62
CA ALA A 170 -8.54 -42.18 -3.51
C ALA A 170 -7.46 -41.40 -2.79
N ARG A 171 -6.84 -40.45 -3.49
CA ARG A 171 -5.61 -39.86 -3.01
C ARG A 171 -5.27 -38.62 -3.84
N MET A 172 -4.81 -37.56 -3.17
CA MET A 172 -4.40 -36.34 -3.84
C MET A 172 -2.94 -36.02 -3.55
N TRP A 173 -2.26 -35.54 -4.58
CA TRP A 173 -0.82 -35.35 -4.56
C TRP A 173 -0.51 -33.92 -4.95
N LEU A 174 0.62 -33.42 -4.48
CA LEU A 174 1.12 -32.10 -4.85
C LEU A 174 2.63 -32.18 -4.97
N ALA A 175 3.21 -31.31 -5.77
CA ALA A 175 4.63 -31.35 -5.99
C ALA A 175 5.06 -30.07 -6.66
N PRO A 176 6.26 -29.58 -6.32
CA PRO A 176 6.74 -28.33 -6.89
C PRO A 176 7.21 -28.62 -8.28
N ILE A 177 6.90 -27.77 -9.25
CA ILE A 177 7.28 -28.00 -10.64
C ILE A 177 8.08 -26.84 -11.24
N LYS A 178 8.46 -26.99 -12.51
CA LYS A 178 9.20 -25.96 -13.23
C LYS A 178 8.69 -25.84 -14.67
N SER A 179 7.83 -24.86 -14.94
CA SER A 179 7.18 -24.77 -16.24
C SER A 179 7.38 -23.41 -16.90
N ASN A 180 7.41 -23.41 -18.22
CA ASN A 180 7.55 -22.17 -18.98
C ASN A 180 6.21 -21.43 -19.03
N ILE A 181 5.17 -22.09 -18.53
CA ILE A 181 3.84 -21.51 -18.55
C ILE A 181 3.73 -20.37 -17.54
N ALA A 182 4.50 -20.48 -16.47
CA ALA A 182 4.58 -19.42 -15.47
C ALA A 182 4.82 -18.07 -16.13
N ASP A 183 5.68 -18.07 -17.14
CA ASP A 183 6.06 -16.85 -17.85
C ASP A 183 5.04 -16.44 -18.91
N ARG A 184 4.46 -17.43 -19.59
CA ARG A 184 3.41 -17.15 -20.55
C ARG A 184 2.30 -16.36 -19.88
N LYS A 185 1.89 -16.82 -18.71
CA LYS A 185 0.78 -16.20 -18.01
C LYS A 185 1.15 -14.83 -17.41
N ARG A 186 2.42 -14.64 -17.05
CA ARG A 186 2.86 -13.33 -16.57
C ARG A 186 2.97 -12.37 -17.74
N ASN A 187 3.35 -12.92 -18.90
CA ASN A 187 3.41 -12.14 -20.12
C ASN A 187 2.02 -11.80 -20.68
N ASP A 188 1.02 -12.59 -20.31
CA ASP A 188 -0.35 -12.35 -20.75
C ASP A 188 -1.03 -11.34 -19.84
N PHE A 189 -0.71 -11.40 -18.55
CA PHE A 189 -1.17 -10.39 -17.61
C PHE A 189 -0.55 -9.02 -17.92
N ASP A 190 0.77 -9.00 -18.11
CA ASP A 190 1.46 -7.76 -18.43
C ASP A 190 0.87 -7.09 -19.67
N GLY A 191 0.62 -7.87 -20.71
CA GLY A 191 -0.04 -7.34 -21.89
C GLY A 191 -1.42 -6.80 -21.56
N ALA A 192 -2.22 -7.64 -20.92
CA ALA A 192 -3.53 -7.22 -20.46
C ALA A 192 -3.38 -5.82 -19.91
N MET A 193 -2.45 -5.67 -18.97
CA MET A 193 -2.23 -4.37 -18.34
C MET A 193 -1.74 -3.31 -19.33
N ALA A 194 -0.93 -3.69 -20.30
CA ALA A 194 -0.48 -2.72 -21.29
C ALA A 194 -1.66 -2.18 -22.10
N ASP A 195 -2.58 -3.06 -22.48
CA ASP A 195 -3.75 -2.64 -23.26
C ASP A 195 -4.65 -1.72 -22.47
N TRP A 196 -4.95 -2.09 -21.22
CA TRP A 196 -5.86 -1.29 -20.39
C TRP A 196 -5.43 0.17 -20.29
N HIS A 197 -4.14 0.44 -20.50
CA HIS A 197 -3.59 1.80 -20.34
C HIS A 197 -3.62 2.61 -21.63
N ASN A 198 -3.58 1.93 -22.76
CA ASN A 198 -3.85 2.58 -24.05
C ASN A 198 -5.31 2.96 -24.14
N PHE A 199 -6.14 1.97 -23.85
CA PHE A 199 -7.58 2.11 -23.85
C PHE A 199 -8.08 3.25 -22.97
N SER A 200 -7.55 3.37 -21.75
CA SER A 200 -8.00 4.48 -20.90
C SER A 200 -7.49 5.85 -21.40
N ASP A 201 -6.34 5.83 -22.09
CA ASP A 201 -5.84 7.00 -22.81
C ASP A 201 -6.77 7.34 -23.96
N GLU A 202 -7.18 6.32 -24.70
CA GLU A 202 -8.10 6.54 -25.81
C GLU A 202 -9.40 7.15 -25.29
N ILE A 203 -9.98 6.54 -24.28
CA ILE A 203 -11.24 7.01 -23.70
C ILE A 203 -11.13 8.37 -22.99
N LYS A 204 -9.91 8.79 -22.68
CA LYS A 204 -9.73 10.12 -22.09
C LYS A 204 -9.65 11.19 -23.18
N SER A 205 -9.17 10.81 -24.36
CA SER A 205 -9.00 11.74 -25.47
C SER A 205 -10.31 12.04 -26.17
N TYR A 206 -11.05 10.97 -26.47
CA TYR A 206 -12.39 11.06 -27.00
C TYR A 206 -13.31 10.73 -25.85
N TYR A 207 -14.54 11.24 -25.86
CA TYR A 207 -15.50 10.95 -24.79
C TYR A 207 -15.20 11.74 -23.50
N GLY A 208 -13.92 11.88 -23.18
CA GLY A 208 -13.52 12.74 -22.09
C GLY A 208 -13.83 12.20 -20.70
N VAL A 209 -13.89 10.88 -20.59
CA VAL A 209 -14.04 10.23 -19.29
C VAL A 209 -12.69 9.66 -18.88
N ASP A 210 -12.36 9.78 -17.60
CA ASP A 210 -11.07 9.35 -17.10
C ASP A 210 -11.25 8.01 -16.41
N MET A 211 -10.59 6.98 -16.93
CA MET A 211 -10.81 5.63 -16.45
C MET A 211 -9.76 5.16 -15.44
N GLY A 212 -9.03 6.09 -14.83
CA GLY A 212 -7.91 5.72 -14.00
C GLY A 212 -8.24 4.86 -12.79
N VAL A 213 -9.38 5.10 -12.15
CA VAL A 213 -9.66 4.52 -10.84
C VAL A 213 -10.14 3.10 -10.93
N LEU A 214 -10.32 2.62 -12.15
CA LEU A 214 -10.71 1.23 -12.36
C LEU A 214 -9.47 0.46 -12.80
N THR A 215 -8.32 1.08 -12.61
CA THR A 215 -7.07 0.42 -12.90
C THR A 215 -6.85 -0.70 -11.90
N LYS A 216 -7.07 -0.39 -10.63
CA LYS A 216 -6.77 -1.37 -9.59
C LYS A 216 -7.67 -2.62 -9.65
N PRO A 217 -9.02 -2.45 -9.65
CA PRO A 217 -9.99 -3.52 -9.86
C PRO A 217 -9.79 -4.34 -11.14
N PHE A 218 -9.25 -3.70 -12.16
CA PHE A 218 -8.96 -4.38 -13.43
C PHE A 218 -7.62 -5.08 -13.28
N ALA A 219 -6.83 -4.65 -12.30
CA ALA A 219 -5.62 -5.36 -11.97
C ALA A 219 -5.98 -6.67 -11.28
N GLU A 220 -6.75 -6.56 -10.21
CA GLU A 220 -7.09 -7.70 -9.38
C GLU A 220 -7.81 -8.76 -10.17
N GLU A 221 -8.80 -8.34 -10.95
CA GLU A 221 -9.57 -9.24 -11.78
C GLU A 221 -8.69 -9.98 -12.77
N GLN A 222 -7.54 -9.39 -13.10
CA GLN A 222 -6.62 -9.96 -14.08
C GLN A 222 -5.57 -10.87 -13.47
N GLU A 223 -5.06 -10.52 -12.29
CA GLU A 223 -4.16 -11.43 -11.60
C GLU A 223 -4.95 -12.67 -11.20
N LYS A 224 -6.24 -12.49 -10.95
CA LYS A 224 -7.11 -13.58 -10.49
C LYS A 224 -7.40 -14.57 -11.61
N TYR A 225 -7.06 -14.19 -12.84
CA TYR A 225 -7.45 -14.96 -14.01
C TYR A 225 -6.26 -15.59 -14.77
N TYR A 226 -5.17 -14.86 -14.90
CA TYR A 226 -3.98 -15.38 -15.55
C TYR A 226 -3.04 -16.01 -14.52
N ILE A 227 -3.08 -15.49 -13.30
CA ILE A 227 -2.14 -15.90 -12.27
C ILE A 227 -2.78 -16.77 -11.20
N GLN A 228 -3.87 -16.27 -10.62
CA GLN A 228 -4.50 -16.88 -9.45
C GLN A 228 -5.34 -18.13 -9.71
N THR A 229 -5.66 -18.45 -10.96
CA THR A 229 -6.58 -19.57 -11.23
C THR A 229 -5.92 -20.79 -11.87
N ALA A 230 -5.96 -21.93 -11.18
CA ALA A 230 -5.26 -23.14 -11.61
C ALA A 230 -5.38 -23.47 -13.11
N MET A 231 -4.30 -23.94 -13.71
CA MET A 231 -4.26 -24.25 -15.13
C MET A 231 -4.37 -25.76 -15.40
N TRP A 232 -5.16 -26.17 -16.39
CA TRP A 232 -5.10 -27.54 -16.90
C TRP A 232 -3.82 -27.64 -17.70
N ASN A 233 -2.88 -28.44 -17.22
CA ASN A 233 -1.65 -28.63 -17.96
C ASN A 233 -1.42 -30.13 -18.02
N ASP A 234 -0.49 -30.54 -18.88
CA ASP A 234 -0.10 -31.93 -19.04
C ASP A 234 1.37 -32.06 -18.67
N LEU A 235 1.64 -31.97 -17.37
CA LEU A 235 3.00 -31.92 -16.84
C LEU A 235 3.92 -33.00 -17.37
N ASN A 236 5.21 -32.83 -17.08
CA ASN A 236 6.23 -33.78 -17.51
C ASN A 236 7.11 -34.20 -16.33
N PRO A 237 7.27 -35.51 -16.16
CA PRO A 237 8.08 -36.05 -15.06
C PRO A 237 9.32 -35.21 -14.82
N GLN A 238 9.92 -34.70 -15.89
CA GLN A 238 11.13 -33.87 -15.79
C GLN A 238 10.86 -32.45 -15.29
N GLN A 239 9.58 -32.09 -15.22
CA GLN A 239 9.20 -30.75 -14.79
C GLN A 239 9.04 -30.70 -13.26
N ILE A 240 8.93 -31.87 -12.64
CA ILE A 240 8.78 -31.97 -11.19
C ILE A 240 10.14 -31.88 -10.53
N ILE A 241 10.30 -30.91 -9.63
CA ILE A 241 11.61 -30.59 -9.07
C ILE A 241 11.78 -30.89 -7.57
N GLY A 242 10.86 -31.67 -7.00
CA GLY A 242 10.96 -32.04 -5.59
C GLY A 242 10.26 -33.34 -5.29
N THR A 243 10.39 -33.83 -4.05
CA THR A 243 9.68 -35.05 -3.68
C THR A 243 8.20 -34.74 -3.61
N PRO A 244 7.37 -35.57 -4.26
CA PRO A 244 5.93 -35.32 -4.20
C PRO A 244 5.36 -35.65 -2.83
N THR A 245 4.38 -34.86 -2.39
CA THR A 245 3.69 -35.09 -1.12
C THR A 245 2.26 -35.55 -1.34
N ILE A 246 1.74 -36.32 -0.39
CA ILE A 246 0.35 -36.75 -0.41
C ILE A 246 -0.40 -35.76 0.46
N VAL A 247 -1.32 -35.02 -0.15
CA VAL A 247 -1.99 -33.93 0.56
C VAL A 247 -3.33 -34.35 1.18
N LYS A 248 -3.75 -35.58 0.91
CA LYS A 248 -4.96 -36.12 1.49
C LYS A 248 -5.17 -37.55 1.03
N GLU A 249 -5.24 -38.48 1.97
CA GLU A 249 -5.68 -39.82 1.65
C GLU A 249 -7.18 -39.94 1.91
N MET A 250 -7.82 -40.98 1.39
CA MET A 250 -9.27 -41.08 1.44
C MET A 250 -9.70 -42.55 1.42
N ASP A 251 -10.86 -42.83 2.02
CA ASP A 251 -11.44 -44.15 2.03
C ASP A 251 -12.89 -43.93 1.67
N CYS A 252 -13.34 -44.45 0.54
CA CYS A 252 -14.66 -44.07 0.02
C CYS A 252 -15.75 -44.83 0.74
N LEU A 253 -15.34 -45.79 1.55
CA LEU A 253 -16.28 -46.64 2.25
C LEU A 253 -16.71 -45.91 3.50
N THR A 254 -16.03 -44.79 3.80
CA THR A 254 -16.07 -44.22 5.13
C THR A 254 -15.90 -42.70 5.18
N ALA A 255 -15.34 -42.14 4.12
CA ALA A 255 -15.25 -40.69 3.97
C ALA A 255 -16.61 -40.05 4.22
N SER A 256 -16.62 -38.79 4.62
CA SER A 256 -17.88 -38.07 4.66
C SER A 256 -17.74 -36.66 4.13
N VAL A 257 -18.86 -35.98 3.88
CA VAL A 257 -18.81 -34.64 3.32
C VAL A 257 -18.03 -33.69 4.22
N SER A 258 -18.22 -33.82 5.53
CA SER A 258 -17.56 -32.96 6.49
C SER A 258 -16.05 -32.96 6.37
N GLU A 259 -15.49 -34.09 5.95
CA GLU A 259 -14.05 -34.22 5.79
C GLU A 259 -13.59 -33.77 4.41
N ILE A 260 -14.54 -33.28 3.61
CA ILE A 260 -14.24 -32.85 2.25
C ILE A 260 -13.49 -31.52 2.19
N GLU A 261 -13.84 -30.59 3.08
CA GLU A 261 -13.11 -29.32 3.13
C GLU A 261 -11.92 -29.53 4.06
N GLU A 262 -10.70 -29.40 3.50
CA GLU A 262 -9.55 -30.07 4.10
C GLU A 262 -8.27 -29.23 4.27
N VAL A 263 -7.53 -29.51 5.35
CA VAL A 263 -6.31 -28.79 5.72
C VAL A 263 -5.17 -29.78 5.88
N ARG A 264 -3.99 -29.44 5.38
CA ARG A 264 -2.86 -30.38 5.35
C ARG A 264 -1.53 -29.63 5.42
N SER A 265 -0.55 -30.16 6.17
CA SER A 265 0.79 -29.59 6.20
C SER A 265 1.87 -30.66 5.98
N ASN A 266 2.73 -30.47 4.98
CA ASN A 266 3.84 -31.41 4.74
C ASN A 266 5.07 -30.80 4.06
N VAL A 267 6.05 -31.63 3.69
CA VAL A 267 7.34 -31.14 3.19
C VAL A 267 7.84 -31.87 1.94
N THR A 268 8.39 -31.11 0.98
CA THR A 268 8.98 -31.70 -0.23
C THR A 268 10.40 -31.19 -0.40
N SER A 269 11.29 -32.06 -0.88
CA SER A 269 12.71 -31.73 -0.96
C SER A 269 13.19 -31.64 -2.41
N VAL A 270 14.04 -30.64 -2.69
CA VAL A 270 14.58 -30.44 -4.04
C VAL A 270 15.68 -31.46 -4.36
N ILE A 271 15.67 -31.97 -5.59
CA ILE A 271 16.53 -33.07 -6.00
C ILE A 271 17.40 -32.70 -7.20
N ASN A 272 17.01 -31.62 -7.89
CA ASN A 272 17.79 -31.10 -9.00
C ASN A 272 19.16 -30.63 -8.53
N MET A 273 19.91 -30.01 -9.44
CA MET A 273 21.26 -29.56 -9.16
C MET A 273 21.44 -28.66 -7.91
N GLU A 274 20.49 -27.75 -7.65
CA GLU A 274 19.22 -27.73 -8.35
C GLU A 274 19.27 -27.05 -9.72
N HIS A 275 19.91 -25.89 -9.77
CA HIS A 275 19.95 -25.11 -11.01
C HIS A 275 18.56 -25.06 -11.62
N THR A 276 17.54 -25.11 -10.76
CA THR A 276 16.17 -24.85 -11.18
C THR A 276 15.53 -23.73 -10.38
N ARG A 277 14.36 -23.31 -10.85
CA ARG A 277 13.54 -22.31 -10.22
C ARG A 277 12.24 -22.96 -9.79
N LEU A 278 11.59 -22.39 -8.78
CA LEU A 278 10.23 -22.78 -8.46
C LEU A 278 9.34 -21.90 -9.33
N CYS A 279 8.61 -22.52 -10.23
CA CYS A 279 7.73 -21.80 -11.15
C CYS A 279 6.28 -22.03 -10.77
N GLY A 280 6.04 -23.03 -9.93
CA GLY A 280 4.69 -23.38 -9.51
C GLY A 280 4.58 -24.77 -8.88
N PHE A 281 3.36 -25.16 -8.53
CA PHE A 281 3.09 -26.49 -8.01
C PHE A 281 2.06 -27.21 -8.87
N GLY A 282 2.30 -28.47 -9.15
CA GLY A 282 1.33 -29.28 -9.83
C GLY A 282 0.56 -30.13 -8.85
N GLY A 283 -0.73 -30.31 -9.10
CA GLY A 283 -1.51 -31.24 -8.31
C GLY A 283 -2.24 -32.26 -9.17
N TRP A 284 -2.24 -33.52 -8.72
CA TRP A 284 -3.00 -34.61 -9.37
C TRP A 284 -3.69 -35.53 -8.34
N PHE A 285 -4.03 -36.75 -8.75
CA PHE A 285 -4.65 -37.69 -7.82
C PHE A 285 -4.45 -39.16 -8.19
N ASP A 286 -4.46 -40.02 -7.16
CA ASP A 286 -4.45 -41.47 -7.32
C ASP A 286 -5.85 -41.97 -7.03
N VAL A 287 -6.20 -43.09 -7.64
CA VAL A 287 -7.38 -43.85 -7.26
C VAL A 287 -7.01 -45.35 -7.21
N GLN A 288 -7.73 -46.12 -6.38
CA GLN A 288 -7.44 -47.55 -6.19
C GLN A 288 -8.67 -48.43 -6.06
N PHE A 289 -8.62 -49.58 -6.74
CA PHE A 289 -9.65 -50.61 -6.62
C PHE A 289 -9.05 -51.81 -5.87
N SER A 290 -9.26 -51.84 -4.55
CA SER A 290 -8.62 -52.80 -3.65
C SER A 290 -9.65 -53.69 -2.94
N GLY A 291 -10.85 -53.16 -2.70
CA GLY A 291 -11.91 -53.90 -2.04
C GLY A 291 -12.08 -53.51 -0.58
N ARG A 292 -12.82 -54.32 0.17
CA ARG A 292 -12.93 -54.16 1.62
C ARG A 292 -11.82 -54.98 2.27
N LYS A 293 -11.36 -54.55 3.44
CA LYS A 293 -10.27 -55.22 4.14
C LYS A 293 -10.65 -56.67 4.41
N GLU A 294 -11.74 -57.09 3.78
CA GLU A 294 -12.46 -58.26 4.20
C GLU A 294 -13.22 -58.91 3.03
N ASP A 295 -13.31 -58.20 1.91
CA ASP A 295 -13.73 -58.78 0.65
C ASP A 295 -12.76 -58.26 -0.39
N PRO A 296 -11.48 -58.64 -0.27
CA PRO A 296 -10.41 -57.97 -1.01
C PRO A 296 -10.61 -58.04 -2.53
N ALA A 297 -9.77 -57.32 -3.27
CA ALA A 297 -9.74 -57.46 -4.72
C ALA A 297 -8.77 -58.59 -5.00
N GLN A 298 -9.17 -59.52 -5.86
CA GLN A 298 -8.28 -60.57 -6.29
C GLN A 298 -7.04 -59.90 -6.89
N GLN A 299 -7.25 -58.73 -7.46
CA GLN A 299 -6.18 -58.01 -8.13
C GLN A 299 -6.43 -56.50 -8.07
N GLU A 300 -5.51 -55.79 -7.41
CA GLU A 300 -5.67 -54.35 -7.20
C GLU A 300 -5.29 -53.53 -8.43
N ILE A 301 -6.23 -52.68 -8.84
CA ILE A 301 -6.05 -51.86 -10.03
C ILE A 301 -5.92 -50.39 -9.63
N GLU A 302 -5.03 -49.67 -10.30
CA GLU A 302 -4.74 -48.29 -9.94
C GLU A 302 -4.93 -47.37 -11.13
N LEU A 303 -5.78 -46.37 -10.93
CA LEU A 303 -5.86 -45.28 -11.87
C LEU A 303 -5.15 -44.06 -11.27
N THR A 304 -3.99 -43.72 -11.84
CA THR A 304 -3.26 -42.51 -11.47
C THR A 304 -3.29 -41.48 -12.59
N THR A 305 -3.03 -40.23 -12.23
CA THR A 305 -2.93 -39.15 -13.21
C THR A 305 -1.55 -38.49 -13.15
N ALA A 306 -0.72 -38.94 -12.21
CA ALA A 306 0.68 -38.56 -12.19
C ALA A 306 1.22 -38.28 -13.58
N PRO A 307 2.00 -37.20 -13.73
CA PRO A 307 2.52 -36.92 -15.06
C PRO A 307 3.18 -38.15 -15.59
N SER A 308 3.06 -38.37 -16.90
CA SER A 308 3.73 -39.46 -17.56
C SER A 308 4.08 -38.98 -18.96
N GLU A 309 5.17 -39.50 -19.52
CA GLU A 309 5.59 -39.15 -20.87
C GLU A 309 4.65 -39.76 -21.90
N GLN A 310 3.84 -40.72 -21.47
CA GLN A 310 3.06 -41.53 -22.39
C GLN A 310 1.60 -41.59 -22.01
N HIS A 311 1.29 -41.70 -20.74
CA HIS A 311 -0.12 -41.83 -20.37
C HIS A 311 -0.81 -40.52 -19.91
N CYS A 312 -1.47 -39.80 -20.82
CA CYS A 312 -2.26 -38.61 -20.48
C CYS A 312 -3.59 -39.08 -19.99
N THR A 313 -4.31 -38.23 -19.30
CA THR A 313 -5.66 -38.50 -18.97
C THR A 313 -6.33 -37.26 -19.36
N HIS A 314 -7.65 -37.26 -19.35
CA HIS A 314 -8.39 -36.05 -19.68
C HIS A 314 -8.37 -35.07 -18.52
N TRP A 315 -7.86 -35.53 -17.38
CA TRP A 315 -7.72 -34.71 -16.17
C TRP A 315 -6.40 -33.93 -16.15
N GLY A 316 -5.40 -34.42 -16.85
CA GLY A 316 -4.08 -33.81 -16.81
C GLY A 316 -3.65 -33.57 -15.38
N GLN A 317 -2.99 -32.44 -15.13
CA GLN A 317 -2.74 -32.00 -13.76
C GLN A 317 -3.12 -30.54 -13.64
N GLN A 318 -3.39 -30.11 -12.41
CA GLN A 318 -3.67 -28.71 -12.16
C GLN A 318 -2.38 -28.05 -11.79
N VAL A 319 -1.92 -27.16 -12.66
CA VAL A 319 -0.78 -26.34 -12.34
C VAL A 319 -1.25 -25.09 -11.56
N PHE A 320 -0.56 -24.80 -10.46
CA PHE A 320 -0.79 -23.60 -9.69
C PHE A 320 0.40 -22.66 -9.90
N ILE A 321 0.17 -21.60 -10.68
CA ILE A 321 1.25 -20.73 -11.18
C ILE A 321 1.78 -19.74 -10.17
N MET A 322 3.08 -19.56 -10.22
CA MET A 322 3.81 -18.73 -9.28
C MET A 322 3.82 -17.27 -9.71
N SER A 323 3.18 -16.42 -8.91
CA SER A 323 3.21 -14.97 -9.13
C SER A 323 4.66 -14.48 -9.25
N ASN A 324 5.55 -15.09 -8.49
CA ASN A 324 6.95 -14.66 -8.44
C ASN A 324 7.85 -15.89 -8.36
N PRO A 325 8.36 -16.36 -9.52
CA PRO A 325 9.26 -17.52 -9.58
C PRO A 325 10.40 -17.33 -8.60
N ILE A 326 10.96 -18.42 -8.13
CA ILE A 326 12.01 -18.33 -7.12
C ILE A 326 13.17 -19.32 -7.37
N ASN A 327 14.40 -18.85 -7.19
CA ASN A 327 15.55 -19.74 -7.28
C ASN A 327 15.58 -20.69 -6.10
N VAL A 328 16.13 -21.88 -6.34
CA VAL A 328 16.06 -22.96 -5.37
C VAL A 328 17.18 -23.98 -5.64
N GLU A 329 17.85 -24.43 -4.58
CA GLU A 329 18.97 -25.37 -4.72
C GLU A 329 18.62 -26.75 -4.22
N GLU A 330 19.49 -27.71 -4.50
CA GLU A 330 19.28 -29.08 -4.03
C GLU A 330 19.37 -29.17 -2.53
N GLY A 331 18.48 -29.95 -1.94
CA GLY A 331 18.46 -30.14 -0.49
C GLY A 331 17.53 -29.16 0.16
N ASP A 332 17.27 -28.04 -0.51
CA ASP A 332 16.28 -27.07 -0.04
C ASP A 332 15.01 -27.79 0.42
N ASN A 333 14.36 -27.23 1.44
CA ASN A 333 13.30 -27.92 2.17
C ASN A 333 12.03 -27.07 2.24
N LEU A 334 11.04 -27.39 1.39
CA LEU A 334 9.81 -26.61 1.25
C LEU A 334 8.72 -27.04 2.23
N ASN A 335 8.55 -26.29 3.31
CA ASN A 335 7.46 -26.58 4.23
C ASN A 335 6.21 -25.97 3.64
N LEU A 336 5.20 -26.80 3.39
CA LEU A 336 3.97 -26.32 2.79
C LEU A 336 2.76 -26.42 3.72
N GLY A 337 1.92 -25.39 3.69
CA GLY A 337 0.68 -25.37 4.44
C GLY A 337 -0.50 -25.12 3.52
N LEU A 338 -1.20 -26.20 3.19
CA LEU A 338 -2.35 -26.11 2.30
C LEU A 338 -3.61 -26.03 3.11
N LEU A 339 -4.58 -25.30 2.57
CA LEU A 339 -5.92 -25.28 3.12
C LEU A 339 -6.89 -25.28 1.94
N MET A 340 -7.85 -26.19 1.94
CA MET A 340 -8.63 -26.43 0.73
C MET A 340 -10.14 -26.46 1.01
N SER A 341 -10.78 -25.32 0.76
CA SER A 341 -12.20 -25.15 1.03
C SER A 341 -13.01 -24.99 -0.25
N ARG A 342 -14.26 -25.44 -0.23
CA ARG A 342 -15.15 -25.29 -1.38
C ARG A 342 -15.81 -23.91 -1.36
N SER A 343 -15.83 -23.24 -2.50
CA SER A 343 -16.25 -21.83 -2.55
C SER A 343 -17.68 -21.59 -2.07
N LYS A 344 -17.99 -20.35 -1.71
CA LYS A 344 -19.30 -20.03 -1.15
C LYS A 344 -20.33 -19.82 -2.27
N GLU A 345 -19.97 -18.98 -3.23
CA GLU A 345 -20.78 -18.77 -4.43
C GLU A 345 -21.25 -20.10 -4.99
N ASN A 346 -20.29 -20.99 -5.22
CA ASN A 346 -20.54 -22.27 -5.85
C ASN A 346 -19.75 -23.40 -5.19
N HIS A 347 -20.46 -24.24 -4.42
CA HIS A 347 -19.83 -25.30 -3.63
C HIS A 347 -19.06 -26.34 -4.45
N ARG A 348 -19.24 -26.34 -5.76
CA ARG A 348 -18.55 -27.29 -6.64
C ARG A 348 -17.17 -26.80 -7.10
N LEU A 349 -16.88 -25.54 -6.84
CA LEU A 349 -15.56 -24.96 -7.15
C LEU A 349 -14.68 -25.00 -5.90
N MET A 350 -13.37 -25.01 -6.10
CA MET A 350 -12.43 -25.05 -4.98
C MET A 350 -11.71 -23.71 -4.82
N GLU A 351 -11.13 -23.50 -3.64
CA GLU A 351 -10.27 -22.37 -3.38
C GLU A 351 -9.11 -22.84 -2.51
N ILE A 352 -7.89 -22.69 -3.00
CA ILE A 352 -6.71 -23.23 -2.35
C ILE A 352 -5.88 -22.15 -1.67
N GLU A 353 -5.74 -22.23 -0.36
CA GLU A 353 -4.85 -21.35 0.37
C GLU A 353 -3.51 -22.06 0.50
N LEU A 354 -2.44 -21.44 0.02
CA LEU A 354 -1.13 -22.10 0.00
C LEU A 354 -0.02 -21.28 0.67
N ASN A 355 0.30 -21.59 1.92
CA ASN A 355 1.41 -20.94 2.60
C ASN A 355 2.69 -21.76 2.41
N CYS A 356 3.79 -21.09 2.06
CA CYS A 356 5.03 -21.80 1.78
C CYS A 356 6.25 -21.15 2.45
N GLU A 357 6.83 -21.86 3.41
CA GLU A 357 8.10 -21.43 4.03
C GLU A 357 9.23 -22.30 3.51
N ILE A 358 10.05 -21.76 2.62
CA ILE A 358 11.19 -22.50 2.09
C ILE A 358 12.39 -22.41 3.03
N LYS A 359 13.09 -23.52 3.21
CA LYS A 359 14.27 -23.54 4.09
C LYS A 359 15.47 -24.17 3.38
N GLU A 360 16.59 -23.47 3.37
CA GLU A 360 17.80 -24.00 2.74
C GLU A 360 18.19 -25.32 3.40
N ALA A 361 19.02 -26.10 2.71
CA ALA A 361 19.52 -27.36 3.27
C ALA A 361 19.94 -27.11 4.71
N SER A 362 20.70 -26.04 4.92
CA SER A 362 21.06 -25.57 6.25
C SER A 362 19.87 -24.84 6.90
N GLY A 363 19.49 -25.26 8.09
CA GLY A 363 18.44 -24.56 8.82
C GLY A 363 18.93 -23.20 9.32
N ASN A 364 18.18 -22.14 9.03
CA ASN A 364 16.97 -22.22 8.22
C ASN A 364 16.55 -20.82 7.75
N PRO A 365 17.12 -20.36 6.63
CA PRO A 365 16.68 -19.12 5.98
C PRO A 365 15.20 -19.24 5.60
N LYS A 366 14.84 -18.79 4.40
CA LYS A 366 13.45 -18.89 3.97
C LYS A 366 13.10 -18.10 2.71
N GLU A 367 11.87 -18.28 2.26
CA GLU A 367 11.30 -17.51 1.18
C GLU A 367 9.79 -17.59 1.34
N SER A 368 9.30 -17.12 2.48
CA SER A 368 7.88 -17.25 2.84
C SER A 368 6.96 -16.52 1.89
N PHE A 369 5.75 -17.07 1.74
CA PHE A 369 4.72 -16.41 0.94
C PHE A 369 3.40 -17.19 1.02
N LYS A 370 2.30 -16.53 0.64
CA LYS A 370 0.96 -17.08 0.78
C LYS A 370 0.17 -16.70 -0.46
N LYS A 371 -0.55 -17.66 -1.03
CA LYS A 371 -1.24 -17.43 -2.29
C LYS A 371 -2.57 -18.17 -2.36
N THR A 372 -3.60 -17.50 -2.88
CA THR A 372 -4.91 -18.12 -3.08
C THR A 372 -5.08 -18.47 -4.56
N TYR A 373 -5.28 -19.76 -4.84
CA TYR A 373 -5.55 -20.22 -6.20
C TYR A 373 -6.98 -20.71 -6.30
N PHE A 374 -7.57 -20.59 -7.47
CA PHE A 374 -8.96 -21.01 -7.66
C PHE A 374 -9.06 -22.13 -8.68
N ILE A 375 -9.79 -23.17 -8.31
CA ILE A 375 -10.14 -24.18 -9.28
C ILE A 375 -11.48 -23.73 -9.87
N GLU A 376 -11.37 -22.81 -10.83
CA GLU A 376 -12.45 -21.95 -11.30
C GLU A 376 -12.94 -20.97 -10.22
N ASP B 24 29.89 18.25 11.63
CA ASP B 24 29.26 18.27 10.31
C ASP B 24 27.74 18.20 10.42
N TYR B 25 27.12 17.29 9.68
CA TYR B 25 25.70 17.01 9.88
C TYR B 25 25.47 16.13 11.08
N ALA B 26 26.51 15.86 11.85
CA ALA B 26 26.34 15.28 13.18
C ALA B 26 25.01 15.82 13.63
N GLN B 27 25.00 17.12 13.95
CA GLN B 27 23.75 17.83 14.28
C GLN B 27 22.55 17.18 13.60
N TYR B 28 22.57 17.16 12.27
CA TYR B 28 21.47 16.61 11.51
C TYR B 28 21.37 15.09 11.70
N PHE B 29 22.37 14.36 11.20
CA PHE B 29 22.41 12.90 11.32
C PHE B 29 22.30 12.33 12.74
N CYS B 30 22.63 13.15 13.74
CA CYS B 30 22.61 12.71 15.13
C CYS B 30 21.21 12.33 15.61
N THR B 31 20.23 13.18 15.28
CA THR B 31 18.86 12.96 15.73
C THR B 31 18.27 11.66 15.21
N TYR B 32 18.77 11.18 14.08
CA TYR B 32 18.26 9.95 13.47
C TYR B 32 18.94 8.66 13.95
N SER B 33 19.80 8.75 14.96
CA SER B 33 20.39 7.54 15.52
C SER B 33 19.48 6.90 16.60
N PHE B 34 18.80 7.73 17.37
CA PHE B 34 18.03 7.26 18.51
C PHE B 34 16.79 6.48 18.11
N LEU B 35 16.72 5.22 18.53
CA LEU B 35 15.56 4.40 18.26
C LEU B 35 14.32 5.16 18.66
N TYR B 36 14.45 5.99 19.69
CA TYR B 36 13.33 6.79 20.17
C TYR B 36 12.70 7.53 19.00
N HIS B 37 13.53 8.28 18.27
CA HIS B 37 13.10 9.12 17.15
C HIS B 37 12.58 8.30 15.98
N GLN B 38 13.29 7.24 15.61
CA GLN B 38 12.80 6.32 14.60
C GLN B 38 11.41 5.83 14.95
N LYS B 39 11.24 5.41 16.21
CA LYS B 39 9.94 4.95 16.72
C LYS B 39 8.83 5.96 16.44
N ASP B 40 9.22 7.22 16.40
CA ASP B 40 8.26 8.32 16.24
C ASP B 40 7.60 8.35 14.88
N MET B 41 8.39 8.30 13.81
CA MET B 41 7.86 8.32 12.46
C MET B 41 7.15 7.02 12.13
N LEU B 42 7.50 5.96 12.86
CA LEU B 42 6.88 4.66 12.66
C LEU B 42 5.49 4.64 13.31
N SER B 43 5.27 5.56 14.24
CA SER B 43 3.99 5.66 14.92
C SER B 43 3.05 6.59 14.16
N ASP B 44 3.56 7.10 13.04
CA ASP B 44 2.73 7.91 12.18
C ASP B 44 1.95 6.98 11.28
N ARG B 45 0.74 6.64 11.73
CA ARG B 45 -0.14 5.71 11.03
C ARG B 45 -0.49 6.18 9.60
N VAL B 46 -0.88 7.45 9.44
CA VAL B 46 -1.28 8.03 8.16
C VAL B 46 -0.10 7.81 7.19
N ARG B 47 1.08 8.26 7.60
CA ARG B 47 2.30 8.12 6.82
C ARG B 47 2.64 6.66 6.51
N MET B 48 2.58 5.82 7.53
CA MET B 48 2.85 4.39 7.37
C MET B 48 1.90 3.73 6.38
N ASP B 49 0.60 3.97 6.57
CA ASP B 49 -0.38 3.47 5.62
C ASP B 49 -0.06 3.87 4.17
N ALA B 50 0.16 5.17 3.93
CA ALA B 50 0.56 5.61 2.60
C ALA B 50 1.58 4.61 2.04
N TYR B 51 2.72 4.51 2.70
CA TYR B 51 3.81 3.63 2.28
C TYR B 51 3.47 2.15 2.23
N PHE B 52 2.93 1.61 3.33
CA PHE B 52 2.44 0.23 3.36
C PHE B 52 1.56 -0.11 2.15
N ASN B 53 0.61 0.77 1.85
CA ASN B 53 -0.31 0.57 0.73
C ASN B 53 0.35 0.81 -0.63
N ALA B 54 1.24 1.79 -0.69
CA ALA B 54 1.93 2.08 -1.94
C ALA B 54 2.62 0.82 -2.43
N VAL B 55 3.38 0.17 -1.55
CA VAL B 55 4.15 -1.03 -1.90
C VAL B 55 3.30 -2.25 -2.25
N PHE B 56 2.24 -2.46 -1.47
CA PHE B 56 1.49 -3.71 -1.60
C PHE B 56 0.34 -3.61 -2.59
N GLN B 57 -0.19 -2.41 -2.77
CA GLN B 57 -1.13 -2.15 -3.86
C GLN B 57 -0.44 -2.09 -5.22
N ASN B 58 0.89 -2.00 -5.19
CA ASN B 58 1.71 -1.93 -6.41
C ASN B 58 2.77 -3.02 -6.47
N LYS B 59 2.37 -4.26 -6.19
CA LYS B 59 3.31 -5.36 -6.09
C LYS B 59 3.89 -5.74 -7.44
N HIS B 60 3.43 -5.08 -8.50
CA HIS B 60 3.98 -5.30 -9.84
C HIS B 60 5.33 -4.56 -10.01
N HIS B 61 5.56 -3.55 -9.17
CA HIS B 61 6.81 -2.79 -9.18
C HIS B 61 7.87 -3.42 -8.28
N PHE B 62 7.49 -4.44 -7.52
CA PHE B 62 8.37 -5.03 -6.51
C PHE B 62 8.66 -6.51 -6.72
N GLU B 63 7.77 -7.21 -7.42
CA GLU B 63 7.90 -8.66 -7.61
C GLU B 63 9.09 -9.03 -8.50
N GLY B 64 10.16 -9.49 -7.89
CA GLY B 64 11.31 -9.99 -8.62
C GLY B 64 12.26 -8.89 -9.00
N LYS B 65 12.07 -7.71 -8.42
CA LYS B 65 12.84 -6.54 -8.82
C LYS B 65 13.79 -6.06 -7.73
N THR B 66 14.97 -5.60 -8.14
CA THR B 66 15.95 -5.03 -7.23
C THR B 66 15.48 -3.65 -6.76
N VAL B 67 15.68 -3.35 -5.49
CA VAL B 67 15.22 -2.10 -4.92
C VAL B 67 16.30 -1.37 -4.13
N LEU B 68 16.22 -0.04 -4.11
CA LEU B 68 17.07 0.78 -3.25
C LEU B 68 16.20 1.58 -2.28
N ASP B 69 16.48 1.44 -0.99
CA ASP B 69 15.80 2.26 0.01
C ASP B 69 16.82 3.22 0.56
N VAL B 70 16.67 4.49 0.21
CA VAL B 70 17.62 5.51 0.67
C VAL B 70 17.21 6.05 2.02
N GLY B 71 18.13 5.95 2.98
CA GLY B 71 17.83 6.34 4.34
C GLY B 71 16.82 5.39 4.95
N THR B 72 17.22 4.12 5.04
CA THR B 72 16.34 3.07 5.54
C THR B 72 16.03 3.22 7.04
N GLY B 73 16.93 3.87 7.78
CA GLY B 73 16.75 4.03 9.22
C GLY B 73 16.65 2.70 9.93
N SER B 74 15.43 2.26 10.23
CA SER B 74 15.21 1.00 10.94
C SER B 74 14.85 -0.08 9.94
N GLY B 75 14.78 0.30 8.66
CA GLY B 75 14.65 -0.64 7.56
C GLY B 75 13.23 -1.06 7.31
N ILE B 76 12.28 -0.23 7.74
CA ILE B 76 10.87 -0.56 7.57
C ILE B 76 10.52 -0.73 6.08
N LEU B 77 10.99 0.19 5.23
CA LEU B 77 10.61 0.20 3.81
C LEU B 77 11.41 -0.79 2.98
N ALA B 78 12.41 -1.41 3.57
CA ALA B 78 13.23 -2.36 2.85
C ALA B 78 12.65 -3.75 3.11
N ILE B 79 12.19 -3.92 4.33
CA ILE B 79 11.50 -5.13 4.71
C ILE B 79 10.29 -5.25 3.80
N TRP B 80 9.41 -4.26 3.86
CA TRP B 80 8.20 -4.24 3.02
C TRP B 80 8.49 -4.61 1.58
N SER B 81 9.44 -3.92 0.96
CA SER B 81 9.82 -4.21 -0.41
C SER B 81 10.20 -5.67 -0.60
N ALA B 82 10.83 -6.26 0.41
CA ALA B 82 11.29 -7.65 0.33
C ALA B 82 10.11 -8.61 0.47
N GLN B 83 9.14 -8.18 1.26
CA GLN B 83 7.91 -8.94 1.44
C GLN B 83 7.06 -8.86 0.18
N ALA B 84 7.18 -7.76 -0.55
CA ALA B 84 6.34 -7.58 -1.72
C ALA B 84 6.89 -8.44 -2.83
N GLY B 85 8.16 -8.82 -2.72
CA GLY B 85 8.72 -9.81 -3.62
C GLY B 85 10.02 -9.41 -4.26
N ALA B 86 10.68 -8.38 -3.73
CA ALA B 86 11.90 -7.89 -4.35
C ALA B 86 13.01 -8.94 -4.40
N ARG B 87 13.63 -9.06 -5.58
CA ARG B 87 14.78 -9.92 -5.81
C ARG B 87 15.83 -9.64 -4.73
N LYS B 88 16.41 -8.46 -4.79
CA LYS B 88 17.26 -7.99 -3.71
C LYS B 88 16.89 -6.56 -3.38
N VAL B 89 17.04 -6.21 -2.10
CA VAL B 89 16.89 -4.83 -1.68
C VAL B 89 18.21 -4.31 -1.10
N TYR B 90 18.53 -3.05 -1.38
CA TYR B 90 19.68 -2.41 -0.75
C TYR B 90 19.19 -1.35 0.21
N ALA B 91 19.44 -1.56 1.49
CA ALA B 91 18.93 -0.62 2.48
C ALA B 91 20.07 0.21 3.05
N VAL B 92 20.19 1.45 2.56
CA VAL B 92 21.29 2.33 2.93
C VAL B 92 20.86 3.26 4.04
N GLU B 93 21.78 3.51 4.97
CA GLU B 93 21.51 4.40 6.09
C GLU B 93 22.84 4.91 6.65
N ALA B 94 22.87 6.20 7.00
CA ALA B 94 24.13 6.86 7.29
C ALA B 94 24.61 6.71 8.74
N THR B 95 23.69 6.44 9.64
CA THR B 95 23.99 6.42 11.07
C THR B 95 24.12 5.03 11.65
N LYS B 96 24.49 4.95 12.93
CA LYS B 96 24.67 3.69 13.62
C LYS B 96 23.33 2.98 13.71
N MET B 97 22.33 3.60 13.09
CA MET B 97 21.03 3.00 12.93
C MET B 97 21.08 1.95 11.82
N ALA B 98 22.25 1.75 11.24
CA ALA B 98 22.47 0.65 10.28
C ALA B 98 22.44 -0.69 11.00
N ASP B 99 23.07 -0.74 12.18
CA ASP B 99 23.09 -1.95 13.00
C ASP B 99 21.68 -2.45 13.27
N HIS B 100 20.81 -1.53 13.66
CA HIS B 100 19.48 -1.93 14.12
C HIS B 100 18.61 -2.40 12.94
N ALA B 101 18.68 -1.70 11.82
CA ALA B 101 18.02 -2.19 10.62
C ALA B 101 18.43 -3.65 10.34
N ARG B 102 19.73 -3.91 10.38
CA ARG B 102 20.30 -5.23 10.14
C ARG B 102 19.81 -6.32 11.11
N ALA B 103 19.40 -5.92 12.31
CA ALA B 103 18.96 -6.85 13.34
C ALA B 103 17.45 -7.06 13.28
N LEU B 104 16.77 -6.23 12.50
CA LEU B 104 15.33 -6.38 12.27
C LEU B 104 15.13 -7.35 11.12
N VAL B 105 15.91 -7.13 10.07
CA VAL B 105 15.93 -8.02 8.93
C VAL B 105 16.22 -9.46 9.39
N LYS B 106 17.45 -9.72 9.79
CA LYS B 106 17.82 -11.00 10.36
C LYS B 106 16.62 -11.67 11.02
N ALA B 107 16.05 -10.97 11.99
CA ALA B 107 15.01 -11.49 12.87
C ALA B 107 13.66 -11.77 12.19
N ASN B 108 13.46 -11.11 11.04
CA ASN B 108 12.22 -11.28 10.28
C ASN B 108 12.43 -12.21 9.10
N ASN B 109 13.58 -12.87 9.06
CA ASN B 109 13.90 -13.83 8.01
C ASN B 109 14.03 -13.24 6.60
N LEU B 110 14.59 -12.03 6.48
CA LEU B 110 14.77 -11.44 5.16
C LEU B 110 16.21 -11.05 4.78
N ASP B 111 17.17 -11.44 5.61
CA ASP B 111 18.56 -11.05 5.42
C ASP B 111 19.21 -11.68 4.16
N HIS B 112 18.49 -12.57 3.51
CA HIS B 112 18.96 -13.16 2.28
C HIS B 112 18.44 -12.37 1.08
N ILE B 113 17.70 -11.31 1.37
CA ILE B 113 17.15 -10.42 0.34
C ILE B 113 17.62 -8.99 0.58
N VAL B 114 17.52 -8.55 1.83
CA VAL B 114 17.85 -7.20 2.23
C VAL B 114 19.33 -7.09 2.63
N GLU B 115 20.08 -6.27 1.89
CA GLU B 115 21.48 -5.99 2.17
C GLU B 115 21.61 -4.64 2.87
N VAL B 116 21.83 -4.65 4.19
CA VAL B 116 21.96 -3.38 4.90
C VAL B 116 23.37 -2.82 4.88
N ILE B 117 23.50 -1.59 4.40
CA ILE B 117 24.79 -0.93 4.23
C ILE B 117 24.85 0.37 5.01
N GLU B 118 25.73 0.44 5.99
CA GLU B 118 26.01 1.69 6.71
C GLU B 118 26.75 2.66 5.81
N GLY B 119 26.38 3.94 5.87
CA GLY B 119 27.12 4.96 5.14
C GLY B 119 26.23 5.94 4.43
N SER B 120 26.77 7.11 4.07
CA SER B 120 26.04 8.09 3.27
C SER B 120 25.95 7.52 1.87
N VAL B 121 24.74 7.44 1.33
CA VAL B 121 24.54 6.82 0.02
C VAL B 121 25.35 7.55 -1.03
N GLU B 122 25.78 8.76 -0.73
CA GLU B 122 26.59 9.53 -1.68
C GLU B 122 27.99 8.96 -1.88
N ASP B 123 28.50 8.22 -0.89
CA ASP B 123 29.88 7.74 -0.94
C ASP B 123 29.98 6.22 -1.08
N ILE B 124 28.84 5.57 -1.22
CA ILE B 124 28.85 4.11 -1.37
C ILE B 124 28.59 3.71 -2.81
N SER B 125 28.94 2.45 -3.10
CA SER B 125 28.79 1.88 -4.44
C SER B 125 27.98 0.60 -4.38
N LEU B 126 27.39 0.25 -5.52
CA LEU B 126 26.54 -0.91 -5.63
C LEU B 126 27.01 -1.79 -6.78
N PRO B 127 26.62 -3.07 -6.77
CA PRO B 127 26.97 -4.04 -7.80
C PRO B 127 26.03 -4.00 -9.00
N GLU B 128 24.97 -3.20 -8.92
CA GLU B 128 23.94 -3.28 -9.94
C GLU B 128 22.94 -2.14 -9.89
N LYS B 129 22.58 -1.64 -11.07
CA LYS B 129 21.48 -0.70 -11.21
C LYS B 129 20.17 -1.29 -10.64
N VAL B 130 19.23 -0.42 -10.29
CA VAL B 130 18.02 -0.85 -9.60
C VAL B 130 16.74 -0.37 -10.30
N ASP B 131 15.67 -1.12 -10.14
CA ASP B 131 14.43 -0.76 -10.77
C ASP B 131 13.73 0.37 -10.04
N VAL B 132 13.87 0.38 -8.71
CA VAL B 132 13.08 1.27 -7.86
C VAL B 132 13.88 1.94 -6.75
N ILE B 133 13.85 3.25 -6.71
CA ILE B 133 14.34 3.96 -5.53
C ILE B 133 13.16 4.36 -4.65
N ILE B 134 13.07 3.76 -3.47
CA ILE B 134 12.02 4.11 -2.53
C ILE B 134 12.68 4.87 -1.41
N SER B 135 11.95 5.75 -0.75
CA SER B 135 12.60 6.63 0.21
C SER B 135 11.63 7.63 0.82
N GLU B 136 11.62 7.72 2.13
CA GLU B 136 10.80 8.73 2.80
C GLU B 136 11.69 9.90 3.21
N TRP B 137 11.80 10.88 2.31
CA TRP B 137 12.83 11.91 2.39
C TRP B 137 12.23 13.26 2.70
N MET B 138 10.95 13.29 3.05
CA MET B 138 10.29 14.57 3.26
C MET B 138 10.53 15.14 4.65
N GLY B 139 10.96 16.40 4.68
CA GLY B 139 11.10 17.15 5.91
C GLY B 139 9.94 18.11 6.02
N TYR B 140 9.96 18.96 7.04
CA TYR B 140 8.91 19.94 7.19
C TYR B 140 8.75 20.74 5.90
N PHE B 141 7.51 21.15 5.62
CA PHE B 141 7.21 21.88 4.40
C PHE B 141 7.92 21.24 3.19
N LEU B 142 8.05 19.93 3.22
CA LEU B 142 8.69 19.14 2.17
C LEU B 142 10.21 19.27 2.03
N LEU B 143 10.72 20.47 1.83
CA LEU B 143 12.11 20.65 1.40
C LEU B 143 13.14 20.69 2.52
N ARG B 144 12.70 21.01 3.72
CA ARG B 144 13.58 21.11 4.86
C ARG B 144 14.37 19.83 5.13
N GLU B 145 15.66 19.99 5.40
CA GLU B 145 16.63 18.89 5.53
C GLU B 145 17.38 18.62 4.23
N SER B 146 16.82 19.08 3.12
CA SER B 146 17.46 18.92 1.81
C SER B 146 17.81 17.46 1.49
N MET B 147 17.14 16.53 2.16
CA MET B 147 17.46 15.11 2.02
C MET B 147 17.21 14.60 0.59
N PHE B 148 16.28 15.22 -0.12
CA PHE B 148 16.03 14.83 -1.51
C PHE B 148 17.31 14.90 -2.37
N ASP B 149 18.19 15.84 -2.02
CA ASP B 149 19.51 15.93 -2.63
C ASP B 149 20.18 14.54 -2.65
N SER B 150 19.98 13.79 -1.56
CA SER B 150 20.60 12.48 -1.42
C SER B 150 19.91 11.45 -2.32
N VAL B 151 18.61 11.67 -2.56
CA VAL B 151 17.84 10.78 -3.40
C VAL B 151 18.23 11.00 -4.86
N ILE B 152 18.37 12.26 -5.24
CA ILE B 152 18.76 12.60 -6.60
C ILE B 152 20.09 11.94 -6.97
N SER B 153 21.06 12.00 -6.07
CA SER B 153 22.36 11.38 -6.32
C SER B 153 22.26 9.88 -6.56
N ALA B 154 21.45 9.20 -5.76
CA ALA B 154 21.26 7.75 -5.87
C ALA B 154 20.48 7.37 -7.11
N ARG B 155 19.64 8.30 -7.56
CA ARG B 155 18.83 8.12 -8.77
C ARG B 155 19.71 8.19 -10.01
N ASP B 156 20.32 9.35 -10.21
CA ASP B 156 21.14 9.57 -11.39
C ASP B 156 22.23 8.53 -11.51
N ARG B 157 22.72 8.02 -10.38
CA ARG B 157 23.84 7.08 -10.43
C ARG B 157 23.39 5.64 -10.60
N TRP B 158 22.29 5.24 -9.96
CA TRP B 158 21.93 3.82 -9.93
C TRP B 158 20.59 3.46 -10.58
N LEU B 159 19.74 4.46 -10.82
CA LEU B 159 18.36 4.18 -11.27
C LEU B 159 18.27 3.80 -12.73
N LYS B 160 17.46 2.79 -13.02
CA LYS B 160 17.39 2.23 -14.35
C LYS B 160 16.64 3.15 -15.31
N PRO B 161 17.01 3.11 -16.60
CA PRO B 161 16.39 3.93 -17.64
C PRO B 161 14.91 3.61 -17.72
N THR B 162 14.47 2.71 -16.85
CA THR B 162 13.06 2.31 -16.79
C THR B 162 12.65 2.14 -15.33
N GLY B 163 13.43 2.71 -14.42
CA GLY B 163 13.16 2.63 -13.00
C GLY B 163 12.04 3.53 -12.53
N VAL B 164 11.56 3.28 -11.32
CA VAL B 164 10.40 3.96 -10.77
C VAL B 164 10.71 4.53 -9.41
N MET B 165 10.14 5.69 -9.09
CA MET B 165 10.41 6.35 -7.82
C MET B 165 9.22 6.25 -6.84
N TYR B 166 9.52 6.07 -5.56
CA TYR B 166 8.49 6.11 -4.52
C TYR B 166 8.88 7.10 -3.43
N PRO B 167 8.14 8.23 -3.32
CA PRO B 167 7.05 8.66 -4.21
C PRO B 167 7.50 8.97 -5.63
N SER B 168 6.55 9.35 -6.47
CA SER B 168 6.92 9.73 -7.84
C SER B 168 6.74 11.23 -8.02
N HIS B 169 5.86 11.82 -7.22
CA HIS B 169 5.69 13.27 -7.28
C HIS B 169 5.44 13.84 -5.90
N ALA B 170 5.89 15.08 -5.70
CA ALA B 170 5.65 15.81 -4.46
C ALA B 170 5.20 17.22 -4.83
N ARG B 171 4.43 17.86 -3.97
CA ARG B 171 3.85 19.16 -4.29
C ARG B 171 3.70 20.04 -3.04
N MET B 172 3.91 21.34 -3.18
CA MET B 172 3.92 22.28 -2.05
C MET B 172 2.74 23.23 -2.10
N TRP B 173 2.03 23.35 -0.98
CA TRP B 173 0.83 24.18 -0.89
C TRP B 173 0.99 25.31 0.12
N LEU B 174 0.26 26.39 -0.14
CA LEU B 174 0.33 27.57 0.69
C LEU B 174 -1.06 28.21 0.83
N ALA B 175 -1.43 28.62 2.03
CA ALA B 175 -2.77 29.21 2.22
C ALA B 175 -2.88 30.21 3.35
N PRO B 176 -3.79 31.19 3.20
CA PRO B 176 -4.20 32.19 4.19
C PRO B 176 -5.00 31.57 5.33
N ILE B 177 -4.62 31.86 6.57
CA ILE B 177 -5.28 31.27 7.72
C ILE B 177 -5.64 32.35 8.71
N LYS B 178 -6.61 32.02 9.57
CA LYS B 178 -6.87 32.79 10.76
C LYS B 178 -6.48 31.85 11.90
N SER B 179 -5.60 32.32 12.77
CA SER B 179 -5.05 31.46 13.82
C SER B 179 -4.59 32.26 15.04
N ASN B 180 -5.16 31.91 16.19
CA ASN B 180 -4.92 32.61 17.44
C ASN B 180 -3.47 32.62 17.89
N ILE B 181 -2.61 31.93 17.14
CA ILE B 181 -1.22 31.76 17.54
C ILE B 181 -0.41 33.00 17.26
N ALA B 182 -0.89 33.82 16.32
CA ALA B 182 -0.24 35.11 16.07
C ALA B 182 -0.28 35.94 17.36
N ASP B 183 -1.40 35.87 18.08
CA ASP B 183 -1.57 36.64 19.31
C ASP B 183 -0.81 36.04 20.48
N ARG B 184 -0.56 34.73 20.41
CA ARG B 184 0.22 34.01 21.42
C ARG B 184 1.73 34.27 21.27
N LYS B 185 2.22 34.27 20.04
CA LYS B 185 3.63 34.57 19.79
C LYS B 185 3.98 36.06 20.04
N ARG B 186 3.02 36.94 19.81
CA ARG B 186 3.25 38.38 19.89
C ARG B 186 3.19 38.92 21.32
N ASN B 187 2.43 38.24 22.18
CA ASN B 187 2.39 38.57 23.60
C ASN B 187 3.44 37.78 24.36
N ASP B 188 3.94 36.71 23.75
CA ASP B 188 5.15 36.06 24.26
C ASP B 188 6.33 36.99 23.99
N PHE B 189 6.25 37.74 22.90
CA PHE B 189 7.28 38.72 22.53
C PHE B 189 7.24 39.91 23.48
N ASP B 190 6.02 40.39 23.76
CA ASP B 190 5.81 41.54 24.61
C ASP B 190 6.36 41.26 26.00
N GLY B 191 6.25 40.00 26.42
CA GLY B 191 6.73 39.58 27.74
C GLY B 191 8.24 39.49 27.75
N ALA B 192 8.82 38.87 26.73
CA ALA B 192 10.25 38.93 26.55
C ALA B 192 10.71 40.37 26.74
N MET B 193 10.10 41.30 26.02
CA MET B 193 10.51 42.70 26.09
C MET B 193 10.31 43.31 27.47
N ALA B 194 9.15 43.09 28.07
CA ALA B 194 8.88 43.55 29.42
C ALA B 194 9.92 43.03 30.42
N ASP B 195 10.37 41.79 30.21
CA ASP B 195 11.44 41.21 31.01
C ASP B 195 12.79 41.90 30.74
N TRP B 196 13.06 42.27 29.50
CA TRP B 196 14.33 42.92 29.18
C TRP B 196 14.54 44.11 30.08
N HIS B 197 13.49 44.90 30.25
CA HIS B 197 13.61 46.19 30.90
C HIS B 197 13.66 46.14 32.43
N ASN B 198 12.97 45.17 33.04
CA ASN B 198 13.06 44.99 34.49
C ASN B 198 14.46 44.53 34.86
N PHE B 199 15.14 43.97 33.87
CA PHE B 199 16.46 43.40 34.02
C PHE B 199 17.52 44.47 33.82
N SER B 200 17.51 45.12 32.66
CA SER B 200 18.53 46.12 32.34
C SER B 200 18.54 47.24 33.38
N ASP B 201 17.36 47.48 33.94
CA ASP B 201 17.14 48.44 35.01
C ASP B 201 17.79 47.98 36.31
N GLU B 202 17.62 46.70 36.62
CA GLU B 202 18.19 46.11 37.82
C GLU B 202 19.69 45.90 37.68
N ILE B 203 20.23 46.21 36.50
CA ILE B 203 21.66 46.09 36.29
C ILE B 203 22.27 47.48 36.44
N LYS B 204 21.49 48.49 36.08
CA LYS B 204 21.95 49.88 36.12
C LYS B 204 21.99 50.31 37.58
N SER B 205 21.08 49.72 38.36
CA SER B 205 20.87 50.09 39.74
C SER B 205 22.00 49.58 40.66
N TYR B 206 22.84 48.73 40.37
CA TYR B 206 23.81 47.91 41.13
C TYR B 206 24.21 46.76 40.26
N TYR B 207 25.66 46.81 40.19
CA TYR B 207 26.49 46.46 39.09
C TYR B 207 26.39 47.62 38.14
N GLY B 208 26.67 48.84 38.60
CA GLY B 208 26.49 49.99 37.74
C GLY B 208 26.92 49.52 36.37
N VAL B 209 25.98 49.49 35.42
CA VAL B 209 26.25 49.25 34.00
C VAL B 209 24.99 49.64 33.23
N ASP B 210 25.15 50.33 32.13
CA ASP B 210 23.97 50.71 31.35
C ASP B 210 23.82 49.75 30.16
N MET B 211 22.63 49.17 30.03
CA MET B 211 22.38 48.17 28.99
C MET B 211 21.60 48.70 27.79
N GLY B 212 21.03 49.89 27.92
CA GLY B 212 20.22 50.48 26.86
C GLY B 212 20.64 50.08 25.45
N VAL B 213 21.93 50.19 25.16
CA VAL B 213 22.46 49.93 23.83
C VAL B 213 21.97 48.63 23.19
N LEU B 214 21.53 47.69 24.02
CA LEU B 214 21.24 46.34 23.57
C LEU B 214 19.74 46.07 23.45
N THR B 215 18.93 47.06 23.76
CA THR B 215 17.50 46.92 23.62
C THR B 215 17.18 46.56 22.18
N LYS B 216 17.80 47.28 21.24
CA LYS B 216 17.52 47.14 19.82
C LYS B 216 17.82 45.74 19.32
N PRO B 217 19.10 45.32 19.39
CA PRO B 217 19.43 43.97 18.90
C PRO B 217 18.79 42.87 19.73
N PHE B 218 18.31 43.21 20.93
CA PHE B 218 17.60 42.22 21.72
C PHE B 218 16.22 42.04 21.12
N ALA B 219 15.54 43.14 20.86
CA ALA B 219 14.25 43.09 20.17
C ALA B 219 14.34 42.34 18.82
N GLU B 220 15.37 42.65 18.05
CA GLU B 220 15.51 42.03 16.72
C GLU B 220 15.74 40.52 16.81
N GLU B 221 16.54 40.08 17.78
CA GLU B 221 16.74 38.68 18.04
C GLU B 221 15.38 38.06 18.45
N GLN B 222 14.56 38.79 19.21
CA GLN B 222 13.25 38.29 19.68
C GLN B 222 12.17 38.26 18.59
N GLU B 223 12.18 39.22 17.65
CA GLU B 223 11.19 39.19 16.56
C GLU B 223 11.49 38.07 15.56
N LYS B 224 12.78 37.74 15.44
CA LYS B 224 13.22 36.62 14.61
C LYS B 224 12.77 35.31 15.26
N TYR B 225 12.87 35.25 16.58
CA TYR B 225 12.55 34.02 17.28
C TYR B 225 11.04 33.72 17.45
N TYR B 226 10.25 34.75 17.69
CA TYR B 226 8.84 34.55 17.96
C TYR B 226 7.97 34.77 16.74
N ILE B 227 8.30 35.79 15.94
CA ILE B 227 7.45 36.17 14.82
C ILE B 227 7.90 35.56 13.50
N GLN B 228 9.18 35.67 13.20
CA GLN B 228 9.69 35.32 11.86
C GLN B 228 9.99 33.83 11.62
N THR B 229 10.24 33.07 12.69
CA THR B 229 10.54 31.65 12.55
C THR B 229 9.24 30.88 12.47
N ALA B 230 9.17 29.92 11.55
CA ALA B 230 7.97 29.11 11.35
C ALA B 230 7.68 28.23 12.57
N MET B 231 6.39 28.13 12.91
CA MET B 231 5.98 27.32 14.04
C MET B 231 5.14 26.11 13.60
N TRP B 232 5.48 24.95 14.15
CA TRP B 232 4.73 23.74 13.90
C TRP B 232 3.39 23.94 14.59
N ASN B 233 2.32 23.48 13.95
CA ASN B 233 1.00 23.71 14.49
C ASN B 233 0.10 22.67 13.88
N ASP B 234 -1.00 22.35 14.55
CA ASP B 234 -1.92 21.36 14.05
C ASP B 234 -3.13 22.07 13.46
N LEU B 235 -3.02 22.49 12.20
CA LEU B 235 -4.07 23.24 11.55
C LEU B 235 -5.34 22.44 11.35
N ASN B 236 -6.39 23.19 11.04
CA ASN B 236 -7.78 22.71 10.93
C ASN B 236 -8.32 23.34 9.66
N PRO B 237 -9.12 22.60 8.90
CA PRO B 237 -9.61 23.14 7.62
C PRO B 237 -10.30 24.49 7.79
N GLN B 238 -11.00 24.68 8.91
CA GLN B 238 -11.84 25.86 9.15
C GLN B 238 -11.05 27.11 9.46
N GLN B 239 -9.73 26.97 9.59
CA GLN B 239 -8.86 28.11 9.84
C GLN B 239 -8.31 28.66 8.52
N ILE B 240 -8.55 27.93 7.43
CA ILE B 240 -8.18 28.35 6.08
C ILE B 240 -9.19 29.35 5.49
N ILE B 241 -8.74 30.61 5.31
CA ILE B 241 -9.63 31.74 4.99
C ILE B 241 -9.60 32.21 3.52
N GLY B 242 -8.96 31.44 2.63
CA GLY B 242 -8.78 31.84 1.24
C GLY B 242 -8.41 30.64 0.39
N THR B 243 -8.43 30.78 -0.93
CA THR B 243 -8.15 29.63 -1.78
C THR B 243 -6.70 29.14 -1.65
N PRO B 244 -6.51 27.85 -1.33
CA PRO B 244 -5.12 27.36 -1.36
C PRO B 244 -4.49 27.50 -2.73
N THR B 245 -3.16 27.47 -2.78
CA THR B 245 -2.42 27.47 -4.04
C THR B 245 -1.19 26.58 -3.91
N ILE B 246 -0.67 26.15 -5.04
CA ILE B 246 0.52 25.31 -5.10
C ILE B 246 1.71 26.20 -5.42
N VAL B 247 2.71 26.20 -4.57
CA VAL B 247 3.85 27.08 -4.79
C VAL B 247 4.96 26.39 -5.61
N LYS B 248 4.89 25.07 -5.69
CA LYS B 248 5.91 24.31 -6.42
C LYS B 248 5.43 22.88 -6.68
N GLU B 249 5.72 22.38 -7.87
CA GLU B 249 5.37 21.03 -8.26
C GLU B 249 6.65 20.35 -8.72
N MET B 250 6.66 19.03 -8.68
CA MET B 250 7.91 18.33 -8.72
C MET B 250 7.70 16.90 -9.17
N ASP B 251 8.51 16.47 -10.13
CA ASP B 251 8.49 15.11 -10.64
C ASP B 251 9.79 14.45 -10.16
N CYS B 252 9.66 13.38 -9.39
CA CYS B 252 10.84 12.84 -8.70
C CYS B 252 11.73 12.07 -9.64
N LEU B 253 11.29 11.96 -10.88
CA LEU B 253 12.12 11.37 -11.92
C LEU B 253 13.17 12.35 -12.46
N THR B 254 12.77 13.61 -12.69
CA THR B 254 13.65 14.58 -13.37
C THR B 254 14.21 15.68 -12.46
N ALA B 255 13.51 15.98 -11.37
CA ALA B 255 13.87 17.08 -10.47
C ALA B 255 15.34 17.02 -10.12
N SER B 256 15.92 18.18 -9.82
CA SER B 256 17.35 18.30 -9.55
C SER B 256 17.67 19.34 -8.48
N VAL B 257 18.89 19.29 -7.95
CA VAL B 257 19.28 20.18 -6.85
C VAL B 257 19.07 21.64 -7.21
N SER B 258 19.37 22.01 -8.45
CA SER B 258 19.21 23.38 -8.94
C SER B 258 17.77 23.89 -8.81
N GLU B 259 16.82 23.08 -9.26
CA GLU B 259 15.41 23.39 -9.14
C GLU B 259 15.00 23.68 -7.69
N ILE B 260 15.72 23.07 -6.74
CA ILE B 260 15.32 23.04 -5.32
C ILE B 260 15.48 24.36 -4.54
N GLU B 261 16.15 25.35 -5.12
CA GLU B 261 16.02 26.72 -4.62
C GLU B 261 15.04 27.48 -5.54
N GLU B 262 13.85 27.76 -5.01
CA GLU B 262 12.65 27.99 -5.83
C GLU B 262 12.00 29.38 -5.76
N VAL B 263 11.49 29.86 -6.91
CA VAL B 263 10.81 31.15 -6.99
C VAL B 263 9.42 31.09 -7.66
N ARG B 264 8.42 31.69 -7.03
CA ARG B 264 7.04 31.52 -7.45
C ARG B 264 6.15 32.74 -7.16
N SER B 265 5.38 33.17 -8.15
CA SER B 265 4.31 34.13 -7.92
C SER B 265 2.95 33.43 -7.88
N ASN B 266 2.08 33.89 -6.99
CA ASN B 266 0.77 33.26 -6.81
C ASN B 266 -0.28 34.27 -6.38
N VAL B 267 -1.53 33.83 -6.37
CA VAL B 267 -2.64 34.67 -5.94
C VAL B 267 -3.67 33.83 -5.22
N THR B 268 -4.21 34.37 -4.12
CA THR B 268 -5.22 33.68 -3.34
C THR B 268 -6.38 34.63 -3.16
N SER B 269 -7.60 34.10 -3.21
CA SER B 269 -8.79 34.91 -3.02
C SER B 269 -9.35 34.64 -1.64
N VAL B 270 -9.62 35.68 -0.87
CA VAL B 270 -10.21 35.49 0.45
C VAL B 270 -11.65 34.99 0.32
N ILE B 271 -11.85 33.72 0.69
CA ILE B 271 -13.14 33.04 0.54
C ILE B 271 -14.15 33.50 1.60
N ASN B 272 -13.68 33.59 2.83
CA ASN B 272 -14.54 33.97 3.96
C ASN B 272 -15.12 35.35 3.75
N MET B 273 -16.45 35.42 3.67
CA MET B 273 -17.12 36.69 3.43
C MET B 273 -16.87 37.65 4.58
N GLU B 274 -16.05 38.67 4.31
CA GLU B 274 -15.63 39.63 5.34
C GLU B 274 -15.63 38.96 6.70
N HIS B 275 -14.92 37.84 6.79
CA HIS B 275 -14.84 37.07 8.01
C HIS B 275 -13.40 36.96 8.47
N THR B 276 -13.17 37.28 9.73
CA THR B 276 -11.84 37.13 10.33
C THR B 276 -10.81 37.95 9.56
N ARG B 277 -9.54 37.65 9.80
CA ARG B 277 -8.46 38.41 9.20
C ARG B 277 -7.24 37.53 8.95
N LEU B 278 -6.44 37.90 7.97
CA LEU B 278 -5.23 37.14 7.66
C LEU B 278 -4.29 37.24 8.84
N CYS B 279 -4.19 36.17 9.62
CA CYS B 279 -3.30 36.13 10.78
C CYS B 279 -1.96 35.45 10.47
N GLY B 280 -1.88 34.81 9.29
CA GLY B 280 -0.66 34.17 8.83
C GLY B 280 -0.91 33.11 7.76
N PHE B 281 0.17 32.47 7.29
CA PHE B 281 0.09 31.44 6.24
C PHE B 281 0.49 30.04 6.73
N GLY B 282 -0.12 29.01 6.15
CA GLY B 282 0.19 27.63 6.50
C GLY B 282 0.81 26.92 5.29
N GLY B 283 1.88 26.17 5.54
CA GLY B 283 2.53 25.43 4.48
C GLY B 283 2.46 23.92 4.71
N TRP B 284 2.08 23.21 3.67
CA TRP B 284 2.00 21.76 3.75
C TRP B 284 2.40 21.15 2.43
N PHE B 285 2.42 19.81 2.38
CA PHE B 285 2.82 19.12 1.16
C PHE B 285 1.94 17.95 0.75
N ASP B 286 2.14 17.49 -0.49
CA ASP B 286 1.50 16.29 -1.03
C ASP B 286 2.60 15.45 -1.61
N VAL B 287 2.38 14.15 -1.56
CA VAL B 287 3.26 13.19 -2.19
C VAL B 287 2.40 12.12 -2.84
N GLN B 288 2.81 11.68 -4.03
CA GLN B 288 2.00 10.77 -4.86
C GLN B 288 2.79 9.56 -5.32
N PHE B 289 2.20 8.38 -5.16
CA PHE B 289 2.85 7.16 -5.63
C PHE B 289 2.12 6.70 -6.86
N SER B 290 2.50 7.27 -8.00
CA SER B 290 1.77 7.08 -9.26
C SER B 290 2.58 6.34 -10.30
N GLY B 291 3.79 5.92 -9.93
CA GLY B 291 4.63 5.16 -10.82
C GLY B 291 5.19 5.95 -11.98
N ARG B 292 5.65 5.24 -12.99
CA ARG B 292 6.30 5.88 -14.14
C ARG B 292 5.26 6.00 -15.24
N LYS B 293 5.41 7.01 -16.09
CA LYS B 293 4.47 7.22 -17.20
C LYS B 293 4.33 5.95 -18.03
N GLU B 294 5.44 5.24 -18.23
CA GLU B 294 5.44 4.01 -18.99
C GLU B 294 4.95 2.84 -18.13
N ASP B 295 5.50 2.73 -16.93
CA ASP B 295 5.09 1.68 -16.00
C ASP B 295 4.25 2.28 -14.88
N PRO B 296 2.99 2.55 -15.18
CA PRO B 296 2.09 3.19 -14.22
C PRO B 296 1.88 2.36 -12.96
N ALA B 297 1.35 2.98 -11.91
CA ALA B 297 0.89 2.26 -10.73
C ALA B 297 -0.31 1.43 -11.13
N GLN B 298 -0.77 0.58 -10.22
CA GLN B 298 -2.05 -0.09 -10.36
C GLN B 298 -3.05 0.60 -9.43
N GLN B 299 -2.51 1.30 -8.45
CA GLN B 299 -3.31 2.14 -7.57
C GLN B 299 -2.52 3.33 -7.04
N GLU B 300 -2.75 4.49 -7.61
CA GLU B 300 -2.16 5.71 -7.08
C GLU B 300 -2.47 5.80 -5.62
N ILE B 301 -1.47 6.13 -4.82
CA ILE B 301 -1.69 6.44 -3.43
C ILE B 301 -1.23 7.86 -3.18
N GLU B 302 -1.97 8.59 -2.34
CA GLU B 302 -1.58 9.94 -2.00
C GLU B 302 -1.30 10.14 -0.53
N LEU B 303 -0.14 10.73 -0.24
CA LEU B 303 0.13 11.15 1.12
C LEU B 303 0.09 12.67 1.20
N THR B 304 -0.91 13.20 1.92
CA THR B 304 -1.06 14.64 2.07
C THR B 304 -0.95 15.06 3.54
N THR B 305 -0.43 16.26 3.79
CA THR B 305 -0.43 16.84 5.13
C THR B 305 -1.36 18.04 5.18
N ALA B 306 -2.24 18.13 4.20
CA ALA B 306 -3.26 19.17 4.22
C ALA B 306 -3.93 19.11 5.59
N PRO B 307 -4.42 20.26 6.07
CA PRO B 307 -5.20 20.29 7.31
C PRO B 307 -6.41 19.39 7.15
N SER B 308 -6.80 18.64 8.18
CA SER B 308 -7.83 17.61 8.01
C SER B 308 -8.94 17.56 9.08
N GLU B 309 -8.55 17.63 10.34
CA GLU B 309 -9.50 17.49 11.48
C GLU B 309 -9.72 16.04 11.91
N GLN B 310 -8.93 15.13 11.33
CA GLN B 310 -8.92 13.73 11.76
C GLN B 310 -7.65 12.98 11.31
N HIS B 311 -6.98 13.48 10.28
CA HIS B 311 -5.77 12.84 9.78
C HIS B 311 -4.53 13.66 10.09
N CYS B 312 -4.07 13.62 11.33
CA CYS B 312 -2.86 14.35 11.72
C CYS B 312 -1.58 13.53 11.51
N THR B 313 -0.61 14.13 10.83
CA THR B 313 0.71 13.51 10.61
C THR B 313 1.79 14.28 11.39
N HIS B 314 2.96 13.66 11.62
CA HIS B 314 4.02 14.32 12.38
C HIS B 314 4.55 15.63 11.77
N TRP B 315 4.43 15.78 10.45
CA TRP B 315 4.80 17.03 9.79
C TRP B 315 3.88 18.19 10.21
N GLY B 316 2.58 17.91 10.37
CA GLY B 316 1.61 18.95 10.65
C GLY B 316 1.67 19.95 9.51
N GLN B 317 1.48 21.23 9.84
CA GLN B 317 1.73 22.31 8.88
C GLN B 317 2.70 23.34 9.45
N GLN B 318 3.19 24.22 8.59
CA GLN B 318 4.09 25.29 9.00
C GLN B 318 3.34 26.62 9.02
N VAL B 319 3.38 27.31 10.14
CA VAL B 319 2.66 28.58 10.22
C VAL B 319 3.59 29.82 10.18
N PHE B 320 3.39 30.65 9.17
CA PHE B 320 4.20 31.85 9.04
C PHE B 320 3.41 33.02 9.61
N ILE B 321 3.70 33.34 10.86
CA ILE B 321 2.99 34.37 11.62
C ILE B 321 3.00 35.73 10.94
N MET B 322 1.94 36.50 11.18
CA MET B 322 1.82 37.85 10.64
C MET B 322 2.14 38.85 11.74
N SER B 323 3.14 39.69 11.49
CA SER B 323 3.52 40.71 12.47
C SER B 323 2.29 41.56 12.83
N ASN B 324 1.48 41.87 11.81
CA ASN B 324 0.26 42.64 12.00
C ASN B 324 -0.93 42.05 11.23
N PRO B 325 -1.87 41.46 11.90
CA PRO B 325 -2.99 40.97 11.13
C PRO B 325 -3.79 42.11 10.54
N ILE B 326 -4.42 41.93 9.39
CA ILE B 326 -5.28 42.93 8.79
C ILE B 326 -6.63 42.29 8.55
N ASN B 327 -7.68 43.06 8.44
CA ASN B 327 -8.93 42.44 8.08
C ASN B 327 -9.05 42.27 6.64
N VAL B 328 -9.89 41.34 6.27
CA VAL B 328 -9.96 40.87 4.94
C VAL B 328 -11.38 40.49 4.67
N GLU B 329 -11.85 40.93 3.52
CA GLU B 329 -13.23 40.65 3.13
C GLU B 329 -13.32 39.75 1.89
N GLU B 330 -14.45 39.09 1.73
CA GLU B 330 -14.67 38.19 0.59
C GLU B 330 -14.24 38.82 -0.74
N GLY B 331 -13.60 38.03 -1.58
CA GLY B 331 -13.18 38.51 -2.88
C GLY B 331 -11.94 39.35 -2.81
N ASP B 332 -11.42 39.56 -1.61
CA ASP B 332 -10.12 40.23 -1.46
C ASP B 332 -9.11 39.44 -2.29
N ASN B 333 -8.07 40.12 -2.76
CA ASN B 333 -7.14 39.53 -3.71
C ASN B 333 -5.72 39.55 -3.14
N LEU B 334 -5.17 38.37 -2.85
CA LEU B 334 -3.83 38.28 -2.32
C LEU B 334 -2.81 37.93 -3.41
N ASN B 335 -2.04 38.91 -3.86
CA ASN B 335 -0.93 38.64 -4.76
C ASN B 335 0.29 38.26 -3.93
N LEU B 336 0.74 37.03 -4.04
CA LEU B 336 1.83 36.55 -3.18
C LEU B 336 3.04 36.18 -4.02
N GLY B 337 4.21 36.66 -3.62
CA GLY B 337 5.45 36.31 -4.27
C GLY B 337 6.34 35.60 -3.29
N LEU B 338 6.88 34.44 -3.69
CA LEU B 338 7.70 33.64 -2.79
C LEU B 338 9.11 33.47 -3.31
N LEU B 339 10.06 33.63 -2.42
CA LEU B 339 11.42 33.29 -2.75
C LEU B 339 11.90 32.22 -1.78
N MET B 340 11.76 30.97 -2.21
CA MET B 340 12.22 29.82 -1.46
C MET B 340 13.71 29.64 -1.73
N SER B 341 14.53 29.69 -0.68
CA SER B 341 15.97 29.45 -0.82
C SER B 341 16.57 28.92 0.49
N ARG B 342 17.78 28.35 0.40
CA ARG B 342 18.40 27.65 1.53
C ARG B 342 19.52 28.45 2.17
N SER B 343 19.53 28.52 3.49
CA SER B 343 20.39 29.48 4.20
C SER B 343 21.90 29.26 3.98
N LYS B 344 22.62 30.35 3.76
CA LYS B 344 24.06 30.28 3.56
C LYS B 344 24.72 29.50 4.68
N GLU B 345 24.27 29.74 5.92
CA GLU B 345 24.83 29.08 7.10
C GLU B 345 24.73 27.56 7.00
N ASN B 346 23.52 27.04 7.14
CA ASN B 346 23.26 25.60 7.06
C ASN B 346 22.22 25.25 5.99
N HIS B 347 22.72 24.76 4.86
CA HIS B 347 21.88 24.48 3.69
C HIS B 347 20.57 23.73 3.99
N ARG B 348 20.62 22.76 4.91
CA ARG B 348 19.43 21.97 5.22
C ARG B 348 18.26 22.80 5.74
N LEU B 349 18.57 23.97 6.29
CA LEU B 349 17.53 24.88 6.75
C LEU B 349 17.12 25.78 5.61
N MET B 350 16.02 26.50 5.77
CA MET B 350 15.51 27.27 4.66
C MET B 350 15.17 28.70 5.04
N GLU B 351 15.09 29.55 4.01
CA GLU B 351 14.70 30.95 4.19
C GLU B 351 13.65 31.32 3.15
N ILE B 352 12.48 31.73 3.61
CA ILE B 352 11.41 32.16 2.70
C ILE B 352 11.20 33.66 2.73
N GLU B 353 11.50 34.35 1.64
CA GLU B 353 11.11 35.75 1.53
C GLU B 353 9.69 35.86 1.00
N LEU B 354 8.78 36.34 1.83
CA LEU B 354 7.38 36.40 1.45
C LEU B 354 6.95 37.84 1.14
N ASN B 355 6.56 38.07 -0.10
CA ASN B 355 6.06 39.37 -0.54
C ASN B 355 4.58 39.27 -0.90
N CYS B 356 3.76 40.11 -0.28
CA CYS B 356 2.31 40.00 -0.40
C CYS B 356 1.61 41.33 -0.73
N GLU B 357 0.75 41.31 -1.74
CA GLU B 357 0.00 42.50 -2.13
C GLU B 357 -1.51 42.28 -2.09
N ILE B 358 -2.12 42.63 -0.96
CA ILE B 358 -3.56 42.54 -0.77
C ILE B 358 -4.28 43.59 -1.58
N LYS B 359 -5.37 43.19 -2.25
CA LYS B 359 -6.17 44.12 -3.06
C LYS B 359 -7.64 43.76 -2.91
N GLU B 360 -8.50 44.78 -2.83
CA GLU B 360 -9.92 44.52 -2.57
C GLU B 360 -10.60 44.06 -3.85
N ALA B 361 -11.72 43.36 -3.70
CA ALA B 361 -12.49 42.90 -4.86
C ALA B 361 -12.70 44.07 -5.79
N SER B 362 -12.68 45.28 -5.22
CA SER B 362 -12.66 46.52 -5.97
C SER B 362 -11.20 46.87 -6.26
N GLY B 363 -10.85 46.93 -7.54
CA GLY B 363 -9.48 47.22 -7.92
C GLY B 363 -9.09 48.67 -7.65
N ASN B 364 -8.11 48.87 -6.78
CA ASN B 364 -7.44 47.76 -6.10
C ASN B 364 -6.16 48.14 -5.36
N PRO B 365 -6.32 48.59 -4.11
CA PRO B 365 -5.16 48.88 -3.25
C PRO B 365 -5.55 48.72 -1.79
N LYS B 366 -4.78 47.98 -0.99
CA LYS B 366 -5.18 47.77 0.40
C LYS B 366 -4.04 47.44 1.40
N GLU B 367 -2.89 47.00 0.91
CA GLU B 367 -1.79 46.63 1.81
C GLU B 367 -0.64 45.93 1.07
N SER B 368 0.60 46.26 1.46
CA SER B 368 1.76 45.55 0.97
C SER B 368 2.81 45.27 2.06
N PHE B 369 3.34 44.05 2.04
CA PHE B 369 4.38 43.65 2.99
C PHE B 369 5.38 42.64 2.42
N LYS B 370 6.58 42.64 2.98
CA LYS B 370 7.72 41.92 2.45
C LYS B 370 8.45 41.39 3.66
N LYS B 371 8.28 40.10 3.95
CA LYS B 371 8.83 39.53 5.16
C LYS B 371 9.80 38.41 4.85
N THR B 372 10.64 38.09 5.82
CA THR B 372 11.53 36.96 5.70
C THR B 372 11.28 35.99 6.84
N TYR B 373 10.93 34.75 6.51
CA TYR B 373 10.66 33.75 7.52
C TYR B 373 11.76 32.70 7.59
N PHE B 374 11.79 31.99 8.71
CA PHE B 374 12.87 31.07 9.00
C PHE B 374 12.36 29.70 9.43
N ILE B 375 12.67 28.70 8.63
CA ILE B 375 12.47 27.33 9.05
C ILE B 375 13.74 26.96 9.80
N GLU B 376 13.84 27.55 10.99
CA GLU B 376 15.02 27.46 11.84
C GLU B 376 16.20 28.26 11.31
N GLN C 27 -26.34 -17.12 -14.88
CA GLN C 27 -25.69 -17.39 -16.16
C GLN C 27 -25.49 -16.12 -16.97
N TYR C 28 -26.59 -15.44 -17.25
CA TYR C 28 -26.60 -14.21 -18.04
C TYR C 28 -25.78 -13.07 -17.41
N PHE C 29 -26.23 -12.58 -16.27
CA PHE C 29 -25.58 -11.43 -15.64
C PHE C 29 -24.11 -11.64 -15.34
N CYS C 30 -23.74 -12.87 -14.99
CA CYS C 30 -22.38 -13.18 -14.57
C CYS C 30 -21.35 -12.40 -15.39
N THR C 31 -21.49 -12.48 -16.71
CA THR C 31 -20.54 -11.89 -17.65
C THR C 31 -20.32 -10.39 -17.47
N TYR C 32 -21.41 -9.67 -17.20
CA TYR C 32 -21.34 -8.22 -17.10
C TYR C 32 -20.62 -7.71 -15.85
N SER C 33 -20.41 -8.57 -14.86
CA SER C 33 -19.63 -8.18 -13.68
C SER C 33 -18.13 -8.13 -13.98
N PHE C 34 -17.79 -8.36 -15.24
CA PHE C 34 -16.39 -8.39 -15.65
C PHE C 34 -15.95 -7.12 -16.38
N LEU C 35 -15.11 -6.34 -15.70
CA LEU C 35 -14.54 -5.14 -16.28
C LEU C 35 -13.99 -5.39 -17.68
N TYR C 36 -13.35 -6.54 -17.84
CA TYR C 36 -12.71 -6.92 -19.08
C TYR C 36 -13.74 -6.96 -20.23
N HIS C 37 -14.94 -7.42 -19.91
CA HIS C 37 -16.02 -7.50 -20.88
C HIS C 37 -16.65 -6.12 -21.13
N GLN C 38 -17.21 -5.52 -20.09
CA GLN C 38 -17.61 -4.10 -20.13
C GLN C 38 -16.62 -3.31 -20.97
N LYS C 39 -15.34 -3.67 -20.86
CA LYS C 39 -14.25 -3.05 -21.63
C LYS C 39 -14.35 -3.31 -23.13
N ASP C 40 -14.63 -4.54 -23.51
CA ASP C 40 -14.77 -4.86 -24.92
C ASP C 40 -15.75 -3.90 -25.58
N MET C 41 -16.92 -3.75 -24.96
CA MET C 41 -17.98 -2.93 -25.53
C MET C 41 -17.56 -1.47 -25.60
N LEU C 42 -16.97 -0.97 -24.52
CA LEU C 42 -16.48 0.41 -24.47
C LEU C 42 -15.38 0.64 -25.49
N SER C 43 -14.82 -0.45 -26.01
CA SER C 43 -13.76 -0.35 -27.01
C SER C 43 -14.33 -0.25 -28.41
N ASP C 44 -15.64 -0.46 -28.52
CA ASP C 44 -16.32 -0.47 -29.82
C ASP C 44 -16.63 0.94 -30.31
N ARG C 45 -15.71 1.50 -31.10
CA ARG C 45 -15.82 2.85 -31.65
C ARG C 45 -17.17 3.16 -32.31
N VAL C 46 -17.65 2.26 -33.17
CA VAL C 46 -18.91 2.56 -33.87
C VAL C 46 -20.05 2.78 -32.86
N ARG C 47 -20.11 1.89 -31.88
CA ARG C 47 -21.13 1.90 -30.84
C ARG C 47 -20.97 3.10 -29.91
N MET C 48 -19.74 3.45 -29.60
CA MET C 48 -19.53 4.62 -28.76
C MET C 48 -19.82 5.90 -29.55
N ASP C 49 -19.24 6.05 -30.74
CA ASP C 49 -19.44 7.24 -31.55
C ASP C 49 -20.92 7.54 -31.71
N ALA C 50 -21.71 6.49 -31.96
CA ALA C 50 -23.14 6.61 -32.08
C ALA C 50 -23.78 7.24 -30.83
N TYR C 51 -23.63 6.59 -29.69
CA TYR C 51 -24.25 7.05 -28.45
C TYR C 51 -23.74 8.40 -27.99
N PHE C 52 -22.42 8.57 -28.05
CA PHE C 52 -21.77 9.80 -27.66
C PHE C 52 -22.32 10.99 -28.47
N ASN C 53 -22.36 10.83 -29.79
CA ASN C 53 -22.98 11.83 -30.65
C ASN C 53 -24.47 12.01 -30.40
N ALA C 54 -25.18 10.92 -30.12
CA ALA C 54 -26.63 11.00 -29.94
C ALA C 54 -26.94 12.02 -28.87
N VAL C 55 -26.15 11.98 -27.80
CA VAL C 55 -26.30 12.83 -26.64
C VAL C 55 -25.89 14.26 -26.91
N PHE C 56 -24.64 14.45 -27.31
CA PHE C 56 -24.07 15.79 -27.44
C PHE C 56 -24.62 16.61 -28.61
N GLN C 57 -25.11 15.94 -29.65
CA GLN C 57 -25.74 16.64 -30.77
C GLN C 57 -27.16 17.04 -30.40
N ASN C 58 -27.58 16.61 -29.22
CA ASN C 58 -28.94 16.84 -28.79
C ASN C 58 -29.09 17.30 -27.36
N LYS C 59 -28.09 17.96 -26.80
CA LYS C 59 -28.11 18.23 -25.36
C LYS C 59 -29.39 18.94 -24.92
N HIS C 60 -30.22 19.32 -25.90
CA HIS C 60 -31.52 19.98 -25.64
C HIS C 60 -32.54 19.04 -24.97
N HIS C 61 -32.30 17.73 -25.04
CA HIS C 61 -33.09 16.76 -24.28
C HIS C 61 -32.49 16.54 -22.90
N PHE C 62 -31.22 16.92 -22.75
CA PHE C 62 -30.44 16.63 -21.55
C PHE C 62 -30.20 17.88 -20.69
N GLU C 63 -30.17 19.05 -21.31
CA GLU C 63 -29.91 20.29 -20.58
C GLU C 63 -30.95 20.46 -19.49
N GLY C 64 -30.56 20.22 -18.25
CA GLY C 64 -31.44 20.35 -17.11
C GLY C 64 -32.50 19.32 -16.91
N LYS C 65 -32.43 18.25 -17.65
CA LYS C 65 -33.41 17.20 -17.62
C LYS C 65 -33.06 16.10 -16.63
N THR C 66 -34.00 15.19 -16.38
CA THR C 66 -33.77 14.03 -15.54
C THR C 66 -33.63 12.84 -16.41
N VAL C 67 -32.62 12.10 -16.15
CA VAL C 67 -32.30 11.00 -17.04
C VAL C 67 -32.31 9.67 -16.31
N LEU C 68 -32.83 8.64 -16.96
CA LEU C 68 -32.69 7.25 -16.47
C LEU C 68 -31.82 6.45 -17.42
N ASP C 69 -30.73 5.89 -16.89
CA ASP C 69 -29.86 5.01 -17.65
C ASP C 69 -30.11 3.60 -17.15
N VAL C 70 -30.49 2.69 -18.05
CA VAL C 70 -30.84 1.31 -17.68
C VAL C 70 -29.72 0.33 -18.03
N GLY C 71 -29.18 -0.32 -17.01
CA GLY C 71 -27.99 -1.14 -17.17
C GLY C 71 -26.78 -0.26 -17.44
N THR C 72 -26.37 0.49 -16.42
CA THR C 72 -25.31 1.48 -16.59
C THR C 72 -23.93 0.86 -16.88
N GLY C 73 -23.64 -0.29 -16.27
CA GLY C 73 -22.34 -0.92 -16.37
C GLY C 73 -21.22 -0.08 -15.78
N SER C 74 -20.34 0.41 -16.63
CA SER C 74 -19.25 1.28 -16.22
C SER C 74 -19.83 2.62 -15.85
N GLY C 75 -21.01 2.91 -16.38
CA GLY C 75 -21.75 4.13 -16.10
C GLY C 75 -21.50 5.19 -17.15
N ILE C 76 -21.03 4.74 -18.31
CA ILE C 76 -20.55 5.64 -19.36
C ILE C 76 -21.65 6.54 -19.93
N LEU C 77 -22.86 6.01 -20.05
CA LEU C 77 -23.93 6.82 -20.62
C LEU C 77 -24.41 7.84 -19.61
N ALA C 78 -24.47 7.42 -18.34
CA ALA C 78 -24.83 8.30 -17.23
C ALA C 78 -23.87 9.48 -17.19
N ILE C 79 -22.59 9.18 -17.35
CA ILE C 79 -21.56 10.20 -17.28
C ILE C 79 -21.76 11.27 -18.36
N TRP C 80 -21.94 10.83 -19.59
CA TRP C 80 -22.15 11.74 -20.72
C TRP C 80 -23.41 12.58 -20.51
N SER C 81 -24.52 11.93 -20.21
CA SER C 81 -25.74 12.66 -19.90
C SER C 81 -25.47 13.80 -18.93
N ALA C 82 -24.79 13.47 -17.84
CA ALA C 82 -24.48 14.47 -16.82
C ALA C 82 -23.55 15.53 -17.39
N GLN C 83 -22.61 15.10 -18.23
CA GLN C 83 -21.74 16.04 -18.92
C GLN C 83 -22.54 16.99 -19.82
N ALA C 84 -23.67 16.50 -20.33
CA ALA C 84 -24.54 17.29 -21.22
C ALA C 84 -25.54 18.18 -20.47
N GLY C 85 -25.36 18.30 -19.16
CA GLY C 85 -26.11 19.29 -18.40
C GLY C 85 -27.38 18.80 -17.74
N ALA C 86 -27.56 17.49 -17.66
CA ALA C 86 -28.74 16.94 -17.00
C ALA C 86 -28.86 17.51 -15.59
N ARG C 87 -30.08 17.47 -15.06
CA ARG C 87 -30.35 17.91 -13.70
C ARG C 87 -29.89 16.80 -12.74
N LYS C 88 -30.48 15.62 -12.89
CA LYS C 88 -30.00 14.43 -12.21
C LYS C 88 -30.12 13.22 -13.13
N VAL C 89 -29.13 12.33 -13.04
CA VAL C 89 -29.10 11.11 -13.83
C VAL C 89 -29.35 9.88 -12.92
N TYR C 90 -30.06 8.88 -13.43
CA TYR C 90 -30.29 7.66 -12.65
C TYR C 90 -29.64 6.44 -13.31
N ALA C 91 -28.65 5.87 -12.66
CA ALA C 91 -27.88 4.82 -13.29
C ALA C 91 -28.09 3.52 -12.55
N VAL C 92 -28.87 2.62 -13.16
CA VAL C 92 -29.22 1.36 -12.51
C VAL C 92 -28.45 0.18 -13.09
N GLU C 93 -27.68 -0.49 -12.24
CA GLU C 93 -27.04 -1.74 -12.64
C GLU C 93 -27.39 -2.87 -11.68
N ALA C 94 -27.62 -4.05 -12.22
CA ALA C 94 -28.00 -5.20 -11.41
C ALA C 94 -26.78 -5.78 -10.69
N THR C 95 -25.64 -5.70 -11.38
CA THR C 95 -24.41 -6.38 -11.01
C THR C 95 -23.51 -5.58 -10.06
N LYS C 96 -22.60 -6.26 -9.38
CA LYS C 96 -21.57 -5.59 -8.59
C LYS C 96 -20.75 -4.60 -9.41
N MET C 97 -20.99 -4.55 -10.71
CA MET C 97 -20.41 -3.52 -11.56
C MET C 97 -20.90 -2.13 -11.13
N ALA C 98 -22.07 -2.08 -10.49
CA ALA C 98 -22.60 -0.80 -9.99
C ALA C 98 -21.59 -0.10 -9.08
N ASP C 99 -20.78 -0.91 -8.40
CA ASP C 99 -19.71 -0.42 -7.54
C ASP C 99 -18.74 0.49 -8.30
N HIS C 100 -18.37 0.05 -9.50
CA HIS C 100 -17.32 0.71 -10.26
C HIS C 100 -17.81 1.91 -11.06
N ALA C 101 -19.07 1.88 -11.48
CA ALA C 101 -19.68 3.03 -12.14
C ALA C 101 -19.77 4.11 -11.11
N ARG C 102 -19.99 3.67 -9.87
CA ARG C 102 -20.11 4.56 -8.75
C ARG C 102 -18.79 5.21 -8.41
N ALA C 103 -17.70 4.46 -8.51
CA ALA C 103 -16.39 5.04 -8.29
C ALA C 103 -15.94 5.80 -9.53
N LEU C 104 -16.44 5.39 -10.68
CA LEU C 104 -16.02 6.01 -11.93
C LEU C 104 -16.66 7.37 -12.08
N VAL C 105 -17.82 7.53 -11.42
CA VAL C 105 -18.54 8.80 -11.44
C VAL C 105 -18.02 9.78 -10.40
N LYS C 106 -17.52 9.27 -9.27
CA LYS C 106 -16.89 10.10 -8.24
C LYS C 106 -15.60 10.73 -8.77
N ALA C 107 -14.82 9.90 -9.46
CA ALA C 107 -13.49 10.28 -9.93
C ALA C 107 -13.55 11.25 -11.10
N ASN C 108 -14.74 11.44 -11.65
CA ASN C 108 -14.89 12.42 -12.71
C ASN C 108 -15.78 13.60 -12.25
N ASN C 109 -15.78 13.82 -10.93
CA ASN C 109 -16.52 14.91 -10.30
C ASN C 109 -17.97 15.06 -10.79
N LEU C 110 -18.70 13.95 -10.81
CA LEU C 110 -20.10 13.97 -11.23
C LEU C 110 -21.03 13.27 -10.25
N ASP C 111 -20.57 13.00 -9.04
CA ASP C 111 -21.40 12.30 -8.06
C ASP C 111 -22.62 13.10 -7.56
N HIS C 112 -22.62 14.40 -7.85
CA HIS C 112 -23.70 15.30 -7.40
C HIS C 112 -24.84 15.31 -8.42
N ILE C 113 -24.64 14.61 -9.52
CA ILE C 113 -25.66 14.55 -10.56
C ILE C 113 -26.07 13.12 -10.84
N VAL C 114 -25.09 12.23 -10.79
CA VAL C 114 -25.31 10.82 -11.10
C VAL C 114 -25.57 10.03 -9.83
N GLU C 115 -26.60 9.20 -9.83
CA GLU C 115 -26.83 8.32 -8.69
C GLU C 115 -26.83 6.87 -9.15
N VAL C 116 -25.71 6.19 -8.95
CA VAL C 116 -25.61 4.79 -9.29
C VAL C 116 -26.35 3.97 -8.26
N ILE C 117 -27.29 3.16 -8.74
CA ILE C 117 -28.07 2.29 -7.88
C ILE C 117 -27.77 0.84 -8.20
N GLU C 118 -27.72 0.00 -7.17
CA GLU C 118 -27.53 -1.43 -7.37
C GLU C 118 -28.84 -2.19 -7.26
N GLY C 119 -29.27 -2.78 -8.36
CA GLY C 119 -30.48 -3.59 -8.37
C GLY C 119 -31.04 -3.77 -9.77
N SER C 120 -32.10 -4.57 -9.87
CA SER C 120 -32.77 -4.77 -11.14
C SER C 120 -33.82 -3.69 -11.32
N VAL C 121 -33.82 -3.07 -12.50
CA VAL C 121 -34.76 -1.99 -12.79
C VAL C 121 -36.21 -2.46 -12.62
N GLU C 122 -36.37 -3.73 -12.25
CA GLU C 122 -37.69 -4.31 -12.08
C GLU C 122 -38.12 -4.29 -10.62
N ASP C 123 -37.15 -4.27 -9.71
CA ASP C 123 -37.43 -4.26 -8.28
C ASP C 123 -37.11 -2.91 -7.65
N ILE C 124 -36.81 -1.93 -8.48
CA ILE C 124 -36.41 -0.61 -8.00
C ILE C 124 -37.48 0.45 -8.19
N SER C 125 -37.62 1.33 -7.20
CA SER C 125 -38.56 2.43 -7.28
C SER C 125 -37.79 3.74 -7.37
N LEU C 126 -38.43 4.80 -7.86
CA LEU C 126 -37.74 6.07 -8.10
C LEU C 126 -38.33 7.27 -7.36
N PRO C 127 -37.46 8.19 -6.93
CA PRO C 127 -37.84 9.45 -6.28
C PRO C 127 -38.62 10.40 -7.19
N GLU C 128 -39.01 9.95 -8.38
CA GLU C 128 -39.68 10.81 -9.35
C GLU C 128 -39.75 10.17 -10.75
N LYS C 129 -40.45 10.84 -11.67
CA LYS C 129 -40.50 10.43 -13.06
C LYS C 129 -39.40 11.12 -13.89
N VAL C 130 -39.14 10.56 -15.06
CA VAL C 130 -37.92 10.83 -15.82
C VAL C 130 -38.23 11.39 -17.21
N ASP C 131 -37.43 12.34 -17.68
CA ASP C 131 -37.62 12.87 -19.04
C ASP C 131 -37.09 11.93 -20.13
N VAL C 132 -35.81 11.55 -20.01
CA VAL C 132 -35.14 10.73 -21.02
C VAL C 132 -34.80 9.31 -20.50
N ILE C 133 -35.03 8.30 -21.33
CA ILE C 133 -34.55 6.96 -21.02
C ILE C 133 -33.56 6.53 -22.08
N ILE C 134 -32.30 6.42 -21.68
CA ILE C 134 -31.22 6.03 -22.55
C ILE C 134 -30.64 4.76 -21.99
N SER C 135 -30.27 3.83 -22.88
CA SER C 135 -29.75 2.53 -22.49
C SER C 135 -29.21 1.78 -23.72
N GLU C 136 -28.26 0.88 -23.51
CA GLU C 136 -27.71 0.05 -24.58
C GLU C 136 -28.08 -1.37 -24.27
N TRP C 137 -29.13 -1.82 -24.94
CA TRP C 137 -29.88 -2.99 -24.53
C TRP C 137 -29.93 -4.01 -25.64
N MET C 138 -29.26 -3.67 -26.74
CA MET C 138 -29.30 -4.48 -27.95
C MET C 138 -28.28 -5.63 -27.90
N GLY C 139 -28.80 -6.84 -28.00
CA GLY C 139 -27.95 -8.01 -28.07
C GLY C 139 -27.79 -8.46 -29.52
N TYR C 140 -27.20 -9.64 -29.69
CA TYR C 140 -27.02 -10.22 -31.01
C TYR C 140 -28.34 -10.31 -31.76
N PHE C 141 -28.35 -9.81 -32.99
CA PHE C 141 -29.58 -9.75 -33.79
C PHE C 141 -30.66 -8.98 -33.05
N LEU C 142 -30.24 -7.95 -32.35
CA LEU C 142 -31.14 -7.05 -31.64
C LEU C 142 -31.80 -7.66 -30.42
N LEU C 143 -32.25 -8.91 -30.54
CA LEU C 143 -33.21 -9.49 -29.58
C LEU C 143 -32.66 -10.42 -28.50
N ARG C 144 -31.40 -10.82 -28.63
CA ARG C 144 -30.78 -11.70 -27.64
C ARG C 144 -30.65 -11.06 -26.27
N GLU C 145 -30.60 -11.91 -25.24
CA GLU C 145 -30.48 -11.45 -23.86
C GLU C 145 -31.83 -10.89 -23.40
N SER C 146 -32.60 -10.38 -24.34
CA SER C 146 -33.92 -9.84 -24.04
C SER C 146 -33.83 -8.75 -22.99
N MET C 147 -32.83 -7.88 -23.12
CA MET C 147 -32.70 -6.80 -22.16
C MET C 147 -33.74 -5.72 -22.37
N PHE C 148 -34.41 -5.76 -23.51
CA PHE C 148 -35.42 -4.75 -23.75
C PHE C 148 -36.61 -4.86 -22.81
N ASP C 149 -36.88 -6.07 -22.31
CA ASP C 149 -37.96 -6.26 -21.37
C ASP C 149 -37.79 -5.32 -20.19
N SER C 150 -36.54 -5.06 -19.83
CA SER C 150 -36.25 -4.26 -18.64
C SER C 150 -36.41 -2.76 -18.95
N VAL C 151 -36.02 -2.38 -20.15
CA VAL C 151 -36.14 -1.00 -20.60
C VAL C 151 -37.63 -0.66 -20.65
N ILE C 152 -38.42 -1.51 -21.31
CA ILE C 152 -39.86 -1.28 -21.38
C ILE C 152 -40.38 -1.00 -19.97
N SER C 153 -40.22 -1.97 -19.09
CA SER C 153 -40.65 -1.84 -17.71
C SER C 153 -40.24 -0.49 -17.15
N ALA C 154 -39.01 -0.10 -17.43
CA ALA C 154 -38.47 1.17 -16.96
C ALA C 154 -39.22 2.34 -17.55
N ARG C 155 -39.55 2.25 -18.84
CA ARG C 155 -40.33 3.28 -19.49
C ARG C 155 -41.76 3.35 -18.91
N ASP C 156 -42.42 2.21 -18.81
CA ASP C 156 -43.83 2.19 -18.43
C ASP C 156 -44.09 2.77 -17.07
N ARG C 157 -43.25 2.43 -16.10
CA ARG C 157 -43.45 2.92 -14.75
C ARG C 157 -42.95 4.35 -14.57
N TRP C 158 -41.81 4.69 -15.18
CA TRP C 158 -41.10 5.91 -14.84
C TRP C 158 -41.16 7.05 -15.85
N LEU C 159 -41.21 6.73 -17.13
CA LEU C 159 -41.22 7.78 -18.16
C LEU C 159 -42.48 8.66 -18.04
N LYS C 160 -42.31 9.96 -18.28
CA LYS C 160 -43.44 10.88 -18.31
C LYS C 160 -43.88 11.04 -19.75
N PRO C 161 -45.13 11.51 -19.96
CA PRO C 161 -45.68 11.65 -21.31
C PRO C 161 -44.71 12.31 -22.28
N THR C 162 -44.12 13.42 -21.84
CA THR C 162 -43.17 14.21 -22.59
C THR C 162 -41.94 13.38 -22.96
N GLY C 163 -41.62 12.41 -22.11
CA GLY C 163 -40.41 11.63 -22.21
C GLY C 163 -39.90 11.27 -23.58
N VAL C 164 -38.57 11.24 -23.70
CA VAL C 164 -37.92 10.79 -24.94
C VAL C 164 -37.10 9.53 -24.64
N MET C 165 -36.70 8.81 -25.69
CA MET C 165 -35.97 7.54 -25.51
C MET C 165 -34.80 7.37 -26.48
N TYR C 166 -33.73 6.75 -25.98
CA TYR C 166 -32.52 6.56 -26.75
C TYR C 166 -32.06 5.12 -26.76
N PRO C 167 -32.16 4.46 -27.92
CA PRO C 167 -32.68 4.96 -29.20
C PRO C 167 -34.18 5.18 -29.21
N SER C 168 -34.72 5.65 -30.32
CA SER C 168 -36.17 5.86 -30.41
C SER C 168 -36.82 4.81 -31.33
N HIS C 169 -36.00 4.11 -32.09
CA HIS C 169 -36.51 3.04 -32.92
C HIS C 169 -35.46 1.98 -33.14
N ALA C 170 -35.91 0.80 -33.53
CA ALA C 170 -34.99 -0.28 -33.86
C ALA C 170 -35.46 -0.93 -35.13
N ARG C 171 -34.78 -1.98 -35.55
CA ARG C 171 -35.06 -2.57 -36.84
C ARG C 171 -34.14 -3.76 -37.13
N MET C 172 -34.76 -4.91 -37.39
CA MET C 172 -34.03 -6.11 -37.74
C MET C 172 -34.14 -6.33 -39.23
N TRP C 173 -33.04 -6.74 -39.84
CA TRP C 173 -32.96 -7.00 -41.28
C TRP C 173 -32.56 -8.45 -41.52
N LEU C 174 -32.79 -8.93 -42.73
CA LEU C 174 -32.38 -10.27 -43.16
C LEU C 174 -31.96 -10.14 -44.64
N ALA C 175 -31.05 -10.99 -45.08
CA ALA C 175 -30.51 -10.88 -46.43
C ALA C 175 -29.66 -12.08 -46.81
N PRO C 176 -30.04 -12.77 -47.90
CA PRO C 176 -29.39 -13.98 -48.43
C PRO C 176 -27.94 -13.72 -48.78
N ILE C 177 -27.06 -14.67 -48.47
CA ILE C 177 -25.64 -14.41 -48.56
C ILE C 177 -24.87 -15.53 -49.24
N LYS C 178 -23.60 -15.26 -49.52
CA LYS C 178 -22.71 -16.20 -50.13
C LYS C 178 -21.42 -16.24 -49.30
N SER C 179 -21.20 -17.36 -48.63
CA SER C 179 -20.14 -17.46 -47.63
C SER C 179 -19.53 -18.87 -47.61
N ASN C 180 -18.21 -18.93 -47.49
CA ASN C 180 -17.51 -20.21 -47.49
C ASN C 180 -17.57 -20.90 -46.12
N ILE C 181 -18.33 -20.32 -45.20
CA ILE C 181 -18.45 -20.89 -43.86
C ILE C 181 -19.46 -22.04 -43.86
N ALA C 182 -20.34 -22.06 -44.85
CA ALA C 182 -21.33 -23.12 -44.94
C ALA C 182 -20.66 -24.40 -45.43
N ASP C 183 -19.47 -24.25 -46.01
CA ASP C 183 -18.62 -25.38 -46.32
C ASP C 183 -17.84 -25.75 -45.07
N ARG C 184 -17.19 -24.74 -44.49
CA ARG C 184 -16.38 -24.92 -43.28
C ARG C 184 -17.07 -25.76 -42.20
N LYS C 185 -18.35 -25.49 -41.95
CA LYS C 185 -19.10 -26.19 -40.92
C LYS C 185 -19.47 -27.66 -41.26
N ARG C 186 -19.78 -27.92 -42.53
CA ARG C 186 -20.10 -29.27 -42.99
C ARG C 186 -18.85 -30.12 -43.19
N ASN C 187 -17.71 -29.48 -43.43
CA ASN C 187 -16.47 -30.23 -43.41
C ASN C 187 -16.15 -30.52 -41.95
N ASP C 188 -16.71 -29.70 -41.05
CA ASP C 188 -16.52 -29.86 -39.62
C ASP C 188 -17.39 -30.99 -39.12
N PHE C 189 -18.65 -30.96 -39.55
CA PHE C 189 -19.56 -32.03 -39.21
C PHE C 189 -19.00 -33.38 -39.66
N ASP C 190 -18.63 -33.48 -40.94
CA ASP C 190 -18.10 -34.73 -41.48
C ASP C 190 -16.90 -35.24 -40.67
N GLY C 191 -15.99 -34.34 -40.34
CA GLY C 191 -14.92 -34.64 -39.41
C GLY C 191 -15.50 -35.31 -38.17
N ALA C 192 -16.45 -34.63 -37.52
CA ALA C 192 -17.09 -35.16 -36.32
C ALA C 192 -17.59 -36.58 -36.52
N MET C 193 -18.39 -36.79 -37.56
CA MET C 193 -18.92 -38.12 -37.87
C MET C 193 -17.83 -39.19 -38.07
N ALA C 194 -16.87 -38.90 -38.94
CA ALA C 194 -15.72 -39.78 -39.12
C ALA C 194 -15.09 -40.20 -37.78
N ASP C 195 -14.79 -39.22 -36.92
CA ASP C 195 -14.21 -39.49 -35.61
C ASP C 195 -15.07 -40.43 -34.73
N TRP C 196 -16.39 -40.32 -34.84
CA TRP C 196 -17.30 -41.18 -34.08
C TRP C 196 -17.21 -42.64 -34.50
N HIS C 197 -17.15 -42.87 -35.81
CA HIS C 197 -17.19 -44.24 -36.33
C HIS C 197 -15.90 -44.99 -36.02
N ASN C 198 -14.83 -44.24 -35.83
CA ASN C 198 -13.60 -44.84 -35.35
C ASN C 198 -13.76 -45.14 -33.87
N PHE C 199 -14.13 -44.11 -33.12
CA PHE C 199 -14.41 -44.24 -31.71
C PHE C 199 -15.19 -45.51 -31.41
N SER C 200 -16.33 -45.67 -32.08
CA SER C 200 -17.21 -46.80 -31.81
C SER C 200 -16.51 -48.12 -32.14
N ASP C 201 -15.73 -48.12 -33.22
CA ASP C 201 -15.00 -49.30 -33.63
C ASP C 201 -13.89 -49.63 -32.64
N GLU C 202 -13.34 -48.59 -32.01
CA GLU C 202 -12.28 -48.76 -31.02
C GLU C 202 -12.86 -49.19 -29.68
N ILE C 203 -14.14 -48.88 -29.46
CA ILE C 203 -14.82 -49.23 -28.22
C ILE C 203 -15.29 -50.69 -28.27
N LYS C 204 -15.46 -51.20 -29.49
CA LYS C 204 -15.88 -52.58 -29.68
C LYS C 204 -14.68 -53.51 -29.63
N SER C 205 -13.58 -53.08 -30.24
CA SER C 205 -12.35 -53.86 -30.25
C SER C 205 -11.85 -54.10 -28.82
N TYR C 206 -11.82 -53.04 -28.03
CA TYR C 206 -11.48 -53.11 -26.63
C TYR C 206 -12.70 -52.72 -25.81
N TYR C 207 -12.99 -53.47 -24.75
CA TYR C 207 -14.16 -53.13 -23.93
C TYR C 207 -15.45 -53.82 -24.33
N GLY C 208 -15.51 -54.28 -25.57
CA GLY C 208 -16.65 -55.08 -26.01
C GLY C 208 -18.00 -54.40 -25.83
N VAL C 209 -18.09 -53.17 -26.30
CA VAL C 209 -19.38 -52.50 -26.45
C VAL C 209 -19.52 -51.98 -27.89
N ASP C 210 -20.70 -52.16 -28.45
CA ASP C 210 -21.01 -51.54 -29.72
C ASP C 210 -21.76 -50.26 -29.45
N MET C 211 -21.32 -49.17 -30.08
CA MET C 211 -21.90 -47.85 -29.86
C MET C 211 -22.91 -47.46 -30.92
N GLY C 212 -23.37 -48.44 -31.69
CA GLY C 212 -24.13 -48.19 -32.91
C GLY C 212 -25.46 -47.49 -32.72
N VAL C 213 -26.16 -47.81 -31.64
CA VAL C 213 -27.49 -47.27 -31.44
C VAL C 213 -27.44 -45.78 -31.13
N LEU C 214 -26.23 -45.24 -30.98
CA LEU C 214 -26.06 -43.82 -30.65
C LEU C 214 -25.54 -43.01 -31.84
N THR C 215 -25.36 -43.69 -32.98
CA THR C 215 -24.87 -43.04 -34.19
C THR C 215 -25.73 -41.88 -34.68
N LYS C 216 -27.06 -42.06 -34.62
CA LYS C 216 -28.00 -41.05 -35.09
C LYS C 216 -28.09 -39.85 -34.14
N PRO C 217 -28.36 -40.11 -32.85
CA PRO C 217 -28.40 -39.05 -31.85
C PRO C 217 -27.10 -38.24 -31.85
N PHE C 218 -25.96 -38.94 -31.83
CA PHE C 218 -24.69 -38.27 -31.97
C PHE C 218 -24.76 -37.33 -33.17
N ALA C 219 -25.26 -37.86 -34.29
CA ALA C 219 -25.34 -37.08 -35.54
C ALA C 219 -26.11 -35.78 -35.37
N GLU C 220 -27.29 -35.87 -34.77
CA GLU C 220 -28.20 -34.72 -34.65
C GLU C 220 -27.61 -33.62 -33.78
N GLU C 221 -26.86 -34.02 -32.78
CA GLU C 221 -26.21 -33.14 -31.88
C GLU C 221 -25.19 -32.42 -32.66
N GLN C 222 -24.62 -33.04 -33.65
CA GLN C 222 -23.54 -32.44 -34.35
C GLN C 222 -24.07 -31.57 -35.43
N GLU C 223 -25.28 -31.83 -35.88
CA GLU C 223 -25.85 -30.97 -36.87
C GLU C 223 -26.50 -29.77 -36.21
N LYS C 224 -27.15 -30.03 -35.10
CA LYS C 224 -27.71 -28.96 -34.28
C LYS C 224 -26.65 -27.93 -33.90
N TYR C 225 -25.42 -28.38 -33.77
CA TYR C 225 -24.35 -27.55 -33.21
C TYR C 225 -23.49 -26.85 -34.27
N TYR C 226 -23.22 -27.53 -35.38
CA TYR C 226 -22.43 -26.94 -36.45
C TYR C 226 -23.29 -26.21 -37.47
N ILE C 227 -24.50 -26.68 -37.69
CA ILE C 227 -25.33 -26.20 -38.79
C ILE C 227 -26.44 -25.24 -38.32
N GLN C 228 -27.37 -25.76 -37.50
CA GLN C 228 -28.55 -25.02 -37.09
C GLN C 228 -28.31 -23.93 -36.05
N THR C 229 -27.06 -23.78 -35.61
CA THR C 229 -26.74 -22.78 -34.59
C THR C 229 -26.07 -21.55 -35.23
N ALA C 230 -26.57 -20.36 -34.90
CA ALA C 230 -26.11 -19.12 -35.53
C ALA C 230 -24.67 -18.80 -35.19
N MET C 231 -23.92 -18.39 -36.21
CA MET C 231 -22.54 -18.01 -36.01
C MET C 231 -22.44 -16.48 -36.00
N TRP C 232 -21.51 -15.97 -35.21
CA TRP C 232 -21.08 -14.57 -35.29
C TRP C 232 -20.25 -14.52 -36.56
N ASN C 233 -20.39 -13.43 -37.31
CA ASN C 233 -19.57 -13.25 -38.48
C ASN C 233 -19.44 -11.77 -38.79
N ASP C 234 -18.37 -11.42 -39.48
CA ASP C 234 -18.21 -10.06 -39.97
C ASP C 234 -18.25 -10.04 -41.49
N LEU C 235 -19.46 -9.95 -42.01
CA LEU C 235 -19.74 -10.07 -43.44
C LEU C 235 -19.29 -8.87 -44.26
N ASN C 236 -18.89 -9.15 -45.50
CA ASN C 236 -18.56 -8.13 -46.48
C ASN C 236 -19.82 -7.84 -47.30
N PRO C 237 -20.05 -6.56 -47.63
CA PRO C 237 -21.26 -6.25 -48.40
C PRO C 237 -21.38 -7.06 -49.70
N GLN C 238 -20.27 -7.57 -50.21
CA GLN C 238 -20.29 -8.33 -51.45
C GLN C 238 -20.99 -9.65 -51.26
N GLN C 239 -20.86 -10.18 -50.05
CA GLN C 239 -21.40 -11.48 -49.68
C GLN C 239 -22.93 -11.49 -49.57
N ILE C 240 -23.56 -10.42 -50.03
CA ILE C 240 -25.01 -10.27 -50.01
C ILE C 240 -25.55 -10.46 -51.43
N ILE C 241 -26.15 -11.62 -51.68
CA ILE C 241 -26.51 -12.01 -53.05
C ILE C 241 -27.96 -11.72 -53.46
N GLY C 242 -28.72 -11.07 -52.56
CA GLY C 242 -30.09 -10.68 -52.84
C GLY C 242 -30.45 -9.35 -52.18
N THR C 243 -31.66 -8.86 -52.43
CA THR C 243 -32.15 -7.63 -51.81
C THR C 243 -32.43 -7.88 -50.33
N PRO C 244 -31.94 -6.99 -49.44
CA PRO C 244 -32.23 -7.20 -48.01
C PRO C 244 -33.71 -7.03 -47.75
N THR C 245 -34.16 -7.35 -46.53
CA THR C 245 -35.57 -7.18 -46.17
C THR C 245 -35.73 -6.89 -44.68
N ILE C 246 -36.65 -5.99 -44.38
CA ILE C 246 -36.94 -5.66 -43.00
C ILE C 246 -37.93 -6.69 -42.45
N VAL C 247 -37.56 -7.31 -41.33
CA VAL C 247 -38.37 -8.37 -40.75
C VAL C 247 -39.16 -7.85 -39.55
N LYS C 248 -38.70 -6.75 -38.99
CA LYS C 248 -39.34 -6.20 -37.81
C LYS C 248 -38.87 -4.76 -37.66
N GLU C 249 -39.77 -3.90 -37.20
CA GLU C 249 -39.48 -2.48 -36.98
C GLU C 249 -40.10 -2.12 -35.65
N MET C 250 -39.35 -1.38 -34.85
CA MET C 250 -39.71 -1.23 -33.45
C MET C 250 -39.80 0.23 -33.02
N ASP C 251 -40.89 0.57 -32.34
CA ASP C 251 -41.01 1.88 -31.73
C ASP C 251 -40.86 1.72 -30.22
N CYS C 252 -39.70 2.08 -29.71
CA CYS C 252 -39.36 1.84 -28.29
C CYS C 252 -40.32 2.55 -27.35
N LEU C 253 -40.95 3.61 -27.84
CA LEU C 253 -41.96 4.29 -27.04
C LEU C 253 -43.19 3.43 -26.77
N THR C 254 -43.55 2.57 -27.71
CA THR C 254 -44.79 1.81 -27.58
C THR C 254 -44.63 0.28 -27.62
N ALA C 255 -43.52 -0.18 -28.18
CA ALA C 255 -43.25 -1.61 -28.26
C ALA C 255 -43.63 -2.34 -26.98
N SER C 256 -44.40 -3.41 -27.10
CA SER C 256 -44.74 -4.23 -25.94
C SER C 256 -43.79 -5.42 -25.82
N VAL C 257 -43.80 -6.08 -24.67
CA VAL C 257 -43.03 -7.30 -24.48
C VAL C 257 -43.61 -8.42 -25.33
N SER C 258 -44.93 -8.40 -25.52
CA SER C 258 -45.58 -9.43 -26.33
C SER C 258 -45.29 -9.17 -27.80
N GLU C 259 -45.02 -7.91 -28.13
CA GLU C 259 -44.58 -7.57 -29.46
C GLU C 259 -43.25 -8.26 -29.74
N ILE C 260 -42.56 -8.66 -28.67
CA ILE C 260 -41.20 -9.22 -28.74
C ILE C 260 -41.04 -10.66 -29.28
N GLU C 261 -42.12 -11.45 -29.34
CA GLU C 261 -42.09 -12.71 -30.09
C GLU C 261 -42.75 -12.51 -31.46
N GLU C 262 -41.98 -12.72 -32.51
CA GLU C 262 -42.21 -12.05 -33.78
C GLU C 262 -42.43 -12.94 -35.01
N VAL C 263 -43.47 -12.63 -35.77
CA VAL C 263 -43.72 -13.30 -37.05
C VAL C 263 -43.53 -12.30 -38.19
N ARG C 264 -42.92 -12.76 -39.27
CA ARG C 264 -42.48 -11.89 -40.36
C ARG C 264 -42.38 -12.65 -41.67
N SER C 265 -43.23 -12.31 -42.63
CA SER C 265 -43.16 -12.92 -43.95
C SER C 265 -42.65 -11.89 -44.96
N ASN C 266 -41.44 -12.11 -45.46
CA ASN C 266 -40.80 -11.24 -46.42
C ASN C 266 -40.57 -11.94 -47.73
N VAL C 267 -40.06 -11.20 -48.70
CA VAL C 267 -39.64 -11.77 -49.96
C VAL C 267 -38.38 -11.05 -50.41
N THR C 268 -37.46 -11.79 -51.01
CA THR C 268 -36.20 -11.22 -51.49
C THR C 268 -35.89 -11.71 -52.88
N SER C 269 -35.17 -10.89 -53.63
CA SER C 269 -34.87 -11.14 -55.04
C SER C 269 -33.35 -11.19 -55.23
N VAL C 270 -32.88 -12.25 -55.87
CA VAL C 270 -31.44 -12.41 -56.11
C VAL C 270 -30.92 -11.40 -57.14
N ILE C 271 -29.89 -10.66 -56.76
CA ILE C 271 -29.34 -9.59 -57.59
C ILE C 271 -28.12 -10.02 -58.39
N ASN C 272 -27.05 -10.41 -57.69
CA ASN C 272 -25.85 -10.85 -58.35
C ASN C 272 -26.28 -11.75 -59.48
N MET C 273 -26.80 -12.91 -59.09
CA MET C 273 -27.77 -13.63 -59.89
C MET C 273 -27.46 -13.84 -61.34
N GLU C 274 -26.34 -13.34 -61.81
CA GLU C 274 -25.83 -13.81 -63.07
C GLU C 274 -25.66 -15.31 -62.80
N HIS C 275 -24.92 -15.65 -61.75
CA HIS C 275 -24.90 -17.01 -61.16
C HIS C 275 -24.17 -16.97 -59.82
N THR C 276 -24.85 -17.34 -58.73
CA THR C 276 -24.15 -17.62 -57.48
C THR C 276 -24.84 -18.76 -56.73
N ARG C 277 -24.46 -18.92 -55.47
CA ARG C 277 -24.99 -19.99 -54.63
C ARG C 277 -25.55 -19.41 -53.35
N LEU C 278 -26.69 -19.95 -52.89
CA LEU C 278 -27.24 -19.56 -51.61
C LEU C 278 -26.61 -20.39 -50.52
N CYS C 279 -25.92 -19.73 -49.60
CA CYS C 279 -25.19 -20.44 -48.56
C CYS C 279 -25.76 -20.19 -47.16
N GLY C 280 -26.54 -19.13 -47.02
CA GLY C 280 -27.31 -18.91 -45.81
C GLY C 280 -27.96 -17.54 -45.73
N PHE C 281 -28.19 -17.07 -44.51
CA PHE C 281 -28.76 -15.74 -44.28
C PHE C 281 -28.00 -14.93 -43.24
N GLY C 282 -27.96 -13.62 -43.45
CA GLY C 282 -27.43 -12.70 -42.47
C GLY C 282 -28.57 -11.91 -41.86
N GLY C 283 -28.50 -11.72 -40.55
CA GLY C 283 -29.38 -10.82 -39.86
C GLY C 283 -28.56 -9.75 -39.13
N TRP C 284 -29.13 -8.56 -39.03
CA TRP C 284 -28.51 -7.47 -38.31
C TRP C 284 -29.58 -6.48 -37.95
N PHE C 285 -29.19 -5.41 -37.25
CA PHE C 285 -30.17 -4.43 -36.80
C PHE C 285 -29.70 -2.99 -36.94
N ASP C 286 -30.67 -2.07 -37.04
CA ASP C 286 -30.44 -0.63 -37.00
C ASP C 286 -31.00 -0.11 -35.69
N VAL C 287 -30.41 0.95 -35.18
CA VAL C 287 -31.01 1.69 -34.08
C VAL C 287 -30.97 3.18 -34.45
N GLN C 288 -32.01 3.93 -34.07
CA GLN C 288 -32.07 5.35 -34.39
C GLN C 288 -32.36 6.21 -33.15
N PHE C 289 -31.76 7.40 -33.12
CA PHE C 289 -32.03 8.37 -32.07
C PHE C 289 -32.70 9.61 -32.68
N SER C 290 -34.03 9.57 -32.77
CA SER C 290 -34.80 10.59 -33.45
C SER C 290 -35.68 11.32 -32.45
N GLY C 291 -35.64 10.85 -31.21
CA GLY C 291 -36.47 11.43 -30.19
C GLY C 291 -37.93 11.27 -30.57
N ARG C 292 -38.74 12.25 -30.19
CA ARG C 292 -40.18 12.14 -30.28
C ARG C 292 -40.72 13.11 -31.34
N LYS C 293 -41.90 12.82 -31.87
CA LYS C 293 -42.49 13.68 -32.88
C LYS C 293 -42.91 15.06 -32.36
N GLU C 294 -43.07 15.19 -31.05
CA GLU C 294 -43.34 16.50 -30.46
C GLU C 294 -42.13 17.00 -29.69
N ASP C 295 -41.04 16.25 -29.78
CA ASP C 295 -39.75 16.72 -29.28
C ASP C 295 -38.64 16.07 -30.09
N PRO C 296 -38.51 16.46 -31.37
CA PRO C 296 -37.60 15.74 -32.26
C PRO C 296 -36.14 16.07 -31.99
N ALA C 297 -35.25 15.14 -32.31
CA ALA C 297 -33.81 15.38 -32.23
C ALA C 297 -33.38 16.56 -33.10
N GLN C 298 -32.45 17.38 -32.60
CA GLN C 298 -31.82 18.42 -33.41
C GLN C 298 -31.07 17.70 -34.52
N GLN C 299 -30.53 16.55 -34.19
CA GLN C 299 -30.01 15.69 -35.22
C GLN C 299 -30.21 14.23 -34.95
N GLU C 300 -30.60 13.51 -36.00
CA GLU C 300 -30.79 12.08 -35.90
C GLU C 300 -29.45 11.36 -36.09
N ILE C 301 -29.21 10.42 -35.19
CA ILE C 301 -28.02 9.60 -35.19
C ILE C 301 -28.47 8.17 -35.51
N GLU C 302 -27.58 7.38 -36.11
CA GLU C 302 -27.92 5.99 -36.42
C GLU C 302 -26.80 5.07 -36.00
N LEU C 303 -27.15 3.85 -35.60
CA LEU C 303 -26.16 2.84 -35.29
C LEU C 303 -26.53 1.55 -36.01
N THR C 304 -25.88 1.26 -37.13
CA THR C 304 -26.19 0.04 -37.89
C THR C 304 -25.12 -1.03 -37.80
N THR C 305 -25.55 -2.29 -37.95
CA THR C 305 -24.64 -3.43 -37.92
C THR C 305 -24.63 -4.16 -39.26
N ALA C 306 -25.13 -3.51 -40.31
CA ALA C 306 -25.08 -4.10 -41.64
C ALA C 306 -23.64 -4.36 -42.03
N PRO C 307 -23.42 -5.26 -43.01
CA PRO C 307 -22.16 -5.47 -43.75
C PRO C 307 -21.48 -4.16 -44.11
N SER C 308 -20.16 -4.12 -43.93
CA SER C 308 -19.46 -2.88 -43.69
C SER C 308 -18.32 -2.56 -44.64
N GLU C 309 -17.41 -3.52 -44.79
CA GLU C 309 -16.18 -3.29 -45.55
C GLU C 309 -15.19 -2.41 -44.78
N GLN C 310 -15.70 -1.38 -44.10
CA GLN C 310 -14.85 -0.51 -43.29
C GLN C 310 -15.33 -0.26 -41.84
N HIS C 311 -16.54 -0.68 -41.50
CA HIS C 311 -17.08 -0.45 -40.15
C HIS C 311 -17.36 -1.77 -39.40
N CYS C 312 -16.63 -2.02 -38.31
CA CYS C 312 -16.86 -3.21 -37.50
C CYS C 312 -17.65 -2.85 -36.24
N THR C 313 -18.36 -3.84 -35.71
CA THR C 313 -19.09 -3.71 -34.45
C THR C 313 -18.94 -5.02 -33.69
N HIS C 314 -19.18 -4.99 -32.37
CA HIS C 314 -18.96 -6.19 -31.56
C HIS C 314 -20.09 -7.20 -31.73
N TRP C 315 -21.19 -6.77 -32.35
CA TRP C 315 -22.28 -7.65 -32.67
C TRP C 315 -22.06 -8.34 -34.01
N GLY C 316 -21.32 -7.67 -34.89
CA GLY C 316 -21.04 -8.20 -36.20
C GLY C 316 -22.34 -8.50 -36.93
N GLN C 317 -22.39 -9.65 -37.61
CA GLN C 317 -23.64 -10.13 -38.19
C GLN C 317 -23.87 -11.58 -37.77
N GLN C 318 -25.14 -11.95 -37.58
CA GLN C 318 -25.49 -13.34 -37.30
C GLN C 318 -25.70 -14.11 -38.60
N VAL C 319 -25.02 -15.23 -38.74
CA VAL C 319 -25.19 -16.06 -39.94
C VAL C 319 -25.95 -17.36 -39.66
N PHE C 320 -26.87 -17.68 -40.56
CA PHE C 320 -27.65 -18.91 -40.48
C PHE C 320 -27.33 -19.74 -41.70
N ILE C 321 -26.47 -20.75 -41.51
CA ILE C 321 -25.97 -21.62 -42.57
C ILE C 321 -27.04 -22.46 -43.29
N MET C 322 -26.80 -22.76 -44.57
CA MET C 322 -27.61 -23.71 -45.34
C MET C 322 -27.14 -25.12 -45.04
N SER C 323 -28.07 -25.95 -44.59
CA SER C 323 -27.82 -27.38 -44.53
C SER C 323 -27.24 -27.78 -45.89
N ASN C 324 -27.98 -27.45 -46.94
CA ASN C 324 -27.58 -27.77 -48.31
C ASN C 324 -27.68 -26.55 -49.26
N PRO C 325 -26.53 -26.01 -49.69
CA PRO C 325 -26.46 -24.84 -50.59
C PRO C 325 -27.19 -25.06 -51.90
N ILE C 326 -27.81 -24.01 -52.43
CA ILE C 326 -28.62 -24.11 -53.64
C ILE C 326 -28.23 -23.06 -54.67
N ASN C 327 -28.07 -23.50 -55.92
CA ASN C 327 -27.78 -22.57 -57.01
C ASN C 327 -28.91 -21.57 -57.21
N VAL C 328 -28.61 -20.48 -57.91
CA VAL C 328 -29.55 -19.37 -58.00
C VAL C 328 -29.15 -18.38 -59.09
N GLU C 329 -30.14 -17.73 -59.71
CA GLU C 329 -29.90 -16.81 -60.82
C GLU C 329 -30.61 -15.46 -60.71
N GLU C 330 -30.52 -14.66 -61.78
CA GLU C 330 -31.12 -13.34 -61.85
C GLU C 330 -32.63 -13.41 -61.74
N GLY C 331 -33.18 -12.76 -60.72
CA GLY C 331 -34.63 -12.68 -60.58
C GLY C 331 -35.24 -13.80 -59.77
N ASP C 332 -34.43 -14.78 -59.37
CA ASP C 332 -34.90 -15.86 -58.51
C ASP C 332 -35.42 -15.30 -57.19
N ASN C 333 -36.60 -15.76 -56.78
CA ASN C 333 -37.40 -15.10 -55.76
C ASN C 333 -37.46 -15.90 -54.46
N LEU C 334 -36.81 -15.42 -53.40
CA LEU C 334 -36.85 -16.09 -52.12
C LEU C 334 -38.02 -15.62 -51.24
N ASN C 335 -39.09 -16.41 -51.22
CA ASN C 335 -40.26 -16.12 -50.38
C ASN C 335 -40.08 -16.67 -48.96
N LEU C 336 -39.60 -15.84 -48.03
CA LEU C 336 -39.25 -16.33 -46.69
C LEU C 336 -40.38 -16.17 -45.69
N GLY C 337 -40.62 -17.21 -44.90
CA GLY C 337 -41.57 -17.14 -43.82
C GLY C 337 -40.80 -17.28 -42.53
N LEU C 338 -40.78 -16.21 -41.74
CA LEU C 338 -40.03 -16.18 -40.51
C LEU C 338 -40.94 -16.15 -39.29
N LEU C 339 -40.43 -16.64 -38.17
CA LEU C 339 -41.18 -16.65 -36.93
C LEU C 339 -40.24 -16.65 -35.73
N MET C 340 -39.94 -15.46 -35.21
CA MET C 340 -39.03 -15.31 -34.11
C MET C 340 -39.71 -15.55 -32.77
N SER C 341 -39.09 -16.36 -31.93
CA SER C 341 -39.63 -16.67 -30.61
C SER C 341 -38.50 -17.03 -29.64
N ARG C 342 -38.81 -16.97 -28.35
CA ARG C 342 -37.85 -17.35 -27.33
C ARG C 342 -37.93 -18.84 -27.05
N SER C 343 -36.82 -19.42 -26.60
CA SER C 343 -36.80 -20.85 -26.30
C SER C 343 -37.38 -21.11 -24.90
N LYS C 344 -38.01 -22.27 -24.73
CA LYS C 344 -38.66 -22.55 -23.44
C LYS C 344 -37.63 -22.54 -22.32
N GLU C 345 -36.52 -23.24 -22.54
CA GLU C 345 -35.46 -23.34 -21.54
C GLU C 345 -35.13 -21.98 -20.94
N ASN C 346 -34.35 -21.19 -21.68
CA ASN C 346 -34.00 -19.82 -21.30
C ASN C 346 -34.78 -18.80 -22.14
N HIS C 347 -35.29 -17.75 -21.50
CA HIS C 347 -36.09 -16.75 -22.19
C HIS C 347 -35.19 -15.70 -22.83
N ARG C 348 -33.88 -15.84 -22.61
CA ARG C 348 -32.93 -14.85 -23.12
C ARG C 348 -32.30 -15.35 -24.40
N LEU C 349 -32.65 -16.57 -24.77
CA LEU C 349 -32.17 -17.15 -26.02
C LEU C 349 -33.29 -17.17 -27.07
N MET C 350 -32.91 -17.26 -28.34
CA MET C 350 -33.87 -17.21 -29.44
C MET C 350 -33.93 -18.49 -30.26
N GLU C 351 -35.01 -18.64 -31.01
CA GLU C 351 -35.17 -19.72 -31.97
C GLU C 351 -35.80 -19.11 -33.21
N ILE C 352 -35.40 -19.58 -34.36
CA ILE C 352 -35.90 -19.02 -35.60
C ILE C 352 -36.36 -20.10 -36.57
N GLU C 353 -37.67 -20.25 -36.71
CA GLU C 353 -38.21 -21.12 -37.76
C GLU C 353 -38.22 -20.37 -39.09
N LEU C 354 -37.28 -20.74 -39.97
CA LEU C 354 -37.17 -20.14 -41.29
C LEU C 354 -37.72 -21.06 -42.37
N ASN C 355 -38.89 -20.74 -42.91
CA ASN C 355 -39.44 -21.50 -44.03
C ASN C 355 -39.19 -20.79 -45.37
N CYS C 356 -38.64 -21.52 -46.35
CA CYS C 356 -38.21 -20.90 -47.59
C CYS C 356 -38.84 -21.49 -48.85
N GLU C 357 -39.56 -20.66 -49.61
CA GLU C 357 -40.00 -21.02 -50.95
C GLU C 357 -39.21 -20.19 -51.98
N ILE C 358 -38.48 -20.88 -52.85
CA ILE C 358 -37.75 -20.21 -53.92
C ILE C 358 -38.46 -20.41 -55.25
N LYS C 359 -38.60 -19.33 -56.00
CA LYS C 359 -39.36 -19.35 -57.24
C LYS C 359 -38.58 -18.59 -58.29
N GLU C 360 -38.21 -19.27 -59.37
CA GLU C 360 -37.51 -18.62 -60.46
C GLU C 360 -38.28 -17.41 -60.98
N ALA C 361 -37.57 -16.52 -61.67
CA ALA C 361 -38.19 -15.33 -62.25
C ALA C 361 -39.42 -15.71 -63.06
N SER C 362 -39.39 -16.91 -63.64
CA SER C 362 -40.54 -17.43 -64.33
C SER C 362 -41.28 -18.41 -63.41
N GLY C 363 -42.08 -17.85 -62.49
CA GLY C 363 -42.91 -18.65 -61.60
C GLY C 363 -43.43 -19.91 -62.26
N ASN C 364 -43.03 -21.05 -61.68
CA ASN C 364 -42.13 -20.98 -60.52
C ASN C 364 -40.72 -21.54 -60.71
N PRO C 365 -40.53 -22.85 -60.54
CA PRO C 365 -41.33 -23.99 -60.10
C PRO C 365 -41.31 -24.07 -58.58
N LYS C 366 -40.11 -24.21 -57.99
CA LYS C 366 -39.99 -24.34 -56.54
C LYS C 366 -38.59 -24.64 -56.01
N GLU C 367 -38.57 -25.38 -54.89
CA GLU C 367 -37.37 -25.72 -54.12
C GLU C 367 -37.51 -25.14 -52.72
N SER C 368 -38.44 -25.69 -51.94
CA SER C 368 -38.78 -25.14 -50.63
C SER C 368 -38.23 -25.95 -49.45
N PHE C 369 -37.72 -25.25 -48.44
CA PHE C 369 -37.17 -25.91 -47.26
C PHE C 369 -37.56 -25.23 -45.94
N LYS C 370 -37.19 -25.88 -44.85
CA LYS C 370 -37.67 -25.48 -43.53
C LYS C 370 -36.62 -25.88 -42.50
N LYS C 371 -36.09 -24.90 -41.77
CA LYS C 371 -35.05 -25.17 -40.78
C LYS C 371 -35.17 -24.23 -39.58
N THR C 372 -35.07 -24.80 -38.39
CA THR C 372 -35.09 -24.02 -37.16
C THR C 372 -33.67 -23.71 -36.72
N TYR C 373 -33.36 -22.42 -36.57
CA TYR C 373 -32.02 -22.02 -36.12
C TYR C 373 -32.00 -21.52 -34.69
N PHE C 374 -30.93 -21.86 -33.99
CA PHE C 374 -30.78 -21.50 -32.60
C PHE C 374 -29.75 -20.41 -32.42
N ILE C 375 -30.06 -19.42 -31.61
CA ILE C 375 -29.08 -18.40 -31.29
C ILE C 375 -28.51 -18.75 -29.91
N GLU C 376 -27.54 -19.66 -29.91
CA GLU C 376 -27.08 -20.37 -28.72
C GLU C 376 -27.96 -21.59 -28.42
N TYR D 28 28.70 24.07 20.65
CA TYR D 28 29.22 24.86 21.76
C TYR D 28 29.13 26.37 21.63
N PHE D 29 29.69 26.96 20.59
CA PHE D 29 29.69 28.42 20.42
C PHE D 29 28.58 28.83 19.50
N CYS D 30 27.36 28.65 19.91
CA CYS D 30 26.29 28.90 19.01
C CYS D 30 25.25 29.40 19.94
N THR D 31 25.09 28.69 21.01
CA THR D 31 24.08 29.19 21.96
C THR D 31 24.56 30.34 22.89
N TYR D 32 25.76 30.85 22.65
CA TYR D 32 26.29 31.99 23.40
C TYR D 32 26.32 33.20 22.48
N SER D 33 25.71 33.04 21.31
CA SER D 33 25.69 34.10 20.31
C SER D 33 24.42 34.89 20.47
N PHE D 34 23.52 34.41 21.32
CA PHE D 34 22.22 35.04 21.56
C PHE D 34 22.27 35.94 22.79
N LEU D 35 21.61 37.10 22.71
CA LEU D 35 21.51 37.96 23.88
C LEU D 35 20.62 37.32 24.94
N TYR D 36 19.80 36.37 24.51
CA TYR D 36 18.89 35.68 25.42
C TYR D 36 19.67 34.84 26.43
N HIS D 37 20.62 34.05 25.94
CA HIS D 37 21.40 33.25 26.86
C HIS D 37 22.39 34.10 27.65
N GLN D 38 23.00 35.07 27.00
CA GLN D 38 23.93 35.98 27.68
C GLN D 38 23.34 36.68 28.89
N LYS D 39 22.02 36.90 28.88
CA LYS D 39 21.36 37.54 30.02
C LYS D 39 20.90 36.52 31.04
N ASP D 40 20.62 35.31 30.57
CA ASP D 40 20.27 34.23 31.46
C ASP D 40 21.29 34.25 32.59
N MET D 41 22.56 34.45 32.22
CA MET D 41 23.66 34.43 33.18
C MET D 41 23.78 35.70 33.99
N LEU D 42 23.39 36.83 33.39
CA LEU D 42 23.52 38.13 34.04
C LEU D 42 22.39 38.35 35.03
N SER D 43 21.42 37.44 34.99
CA SER D 43 20.26 37.44 35.88
C SER D 43 20.50 36.62 37.14
N ASP D 44 21.60 35.87 37.13
CA ASP D 44 22.02 35.04 38.25
C ASP D 44 22.71 35.94 39.26
N ARG D 45 21.98 36.40 40.27
CA ARG D 45 22.50 37.41 41.17
C ARG D 45 23.66 36.91 42.02
N VAL D 46 23.49 35.70 42.57
CA VAL D 46 24.51 35.08 43.39
C VAL D 46 25.76 35.14 42.55
N ARG D 47 25.68 34.64 41.32
CA ARG D 47 26.83 34.63 40.41
C ARG D 47 27.36 36.04 40.15
N MET D 48 26.45 36.96 39.85
CA MET D 48 26.82 38.34 39.61
C MET D 48 27.48 39.03 40.82
N ASP D 49 26.86 38.88 41.99
CA ASP D 49 27.38 39.50 43.23
C ASP D 49 28.75 38.98 43.63
N ALA D 50 29.01 37.71 43.32
CA ALA D 50 30.28 37.11 43.69
C ALA D 50 31.42 37.81 42.98
N TYR D 51 31.20 38.12 41.71
CA TYR D 51 32.22 38.75 40.86
C TYR D 51 32.24 40.28 41.02
N PHE D 52 31.09 40.89 41.25
CA PHE D 52 31.07 42.32 41.56
C PHE D 52 32.01 42.58 42.72
N ASN D 53 31.72 41.95 43.86
CA ASN D 53 32.58 42.01 45.04
C ASN D 53 34.02 41.59 44.78
N ALA D 54 34.24 40.45 44.13
CA ALA D 54 35.59 40.00 43.87
C ALA D 54 36.36 41.21 43.38
N VAL D 55 35.92 41.75 42.25
CA VAL D 55 36.55 42.93 41.66
C VAL D 55 36.73 44.11 42.63
N PHE D 56 35.60 44.66 43.10
CA PHE D 56 35.56 45.97 43.76
C PHE D 56 35.96 45.93 45.22
N GLN D 57 36.12 44.74 45.76
CA GLN D 57 36.58 44.61 47.13
C GLN D 57 38.04 44.29 47.10
N ASN D 58 38.56 44.14 45.89
CA ASN D 58 39.98 43.92 45.66
C ASN D 58 40.53 44.80 44.55
N LYS D 59 40.00 46.01 44.41
CA LYS D 59 40.48 46.93 43.37
C LYS D 59 41.99 47.15 43.41
N HIS D 60 42.64 46.72 44.49
CA HIS D 60 44.10 46.78 44.56
C HIS D 60 44.75 45.85 43.53
N HIS D 61 43.97 44.91 43.00
CA HIS D 61 44.48 43.96 41.99
C HIS D 61 44.35 44.50 40.58
N PHE D 62 43.47 45.49 40.42
CA PHE D 62 43.07 46.02 39.12
C PHE D 62 43.60 47.43 38.82
N GLU D 63 43.74 48.27 39.83
CA GLU D 63 44.13 49.66 39.58
C GLU D 63 45.47 49.73 38.87
N GLY D 64 45.47 50.35 37.71
CA GLY D 64 46.68 50.54 36.94
C GLY D 64 47.28 49.25 36.37
N LYS D 65 46.60 48.13 36.58
CA LYS D 65 47.11 46.85 36.10
C LYS D 65 46.48 46.46 34.76
N THR D 66 47.03 45.46 34.10
CA THR D 66 46.49 45.04 32.80
C THR D 66 45.70 43.76 32.95
N VAL D 67 44.49 43.76 32.40
CA VAL D 67 43.59 42.63 32.59
C VAL D 67 43.29 41.90 31.28
N LEU D 68 42.91 40.63 31.39
CA LEU D 68 42.46 39.84 30.25
C LEU D 68 41.20 39.10 30.67
N ASP D 69 40.12 39.28 29.92
CA ASP D 69 38.85 38.63 30.21
C ASP D 69 38.65 37.55 29.15
N VAL D 70 38.83 36.30 29.55
CA VAL D 70 38.77 35.16 28.64
C VAL D 70 37.34 34.68 28.44
N GLY D 71 36.74 35.09 27.32
CA GLY D 71 35.37 34.71 27.01
C GLY D 71 34.42 35.80 27.45
N THR D 72 34.61 36.99 26.89
CA THR D 72 34.06 38.20 27.47
C THR D 72 32.52 38.26 27.47
N GLY D 73 31.90 37.63 26.49
CA GLY D 73 30.46 37.65 26.35
C GLY D 73 29.93 39.06 26.14
N SER D 74 29.03 39.50 27.01
CA SER D 74 28.52 40.86 26.90
C SER D 74 29.63 41.83 27.32
N GLY D 75 30.74 41.28 27.78
CA GLY D 75 31.86 42.08 28.24
C GLY D 75 31.61 42.74 29.59
N ILE D 76 30.84 42.06 30.44
CA ILE D 76 30.47 42.61 31.76
C ILE D 76 31.60 42.54 32.77
N LEU D 77 32.44 41.50 32.70
CA LEU D 77 33.56 41.42 33.62
C LEU D 77 34.60 42.48 33.25
N ALA D 78 34.79 42.68 31.95
CA ALA D 78 35.73 43.67 31.42
C ALA D 78 35.34 45.12 31.74
N ILE D 79 34.05 45.41 31.79
CA ILE D 79 33.59 46.73 32.24
C ILE D 79 34.00 46.94 33.69
N TRP D 80 33.64 45.98 34.55
CA TRP D 80 34.00 46.04 35.96
C TRP D 80 35.49 46.24 36.15
N SER D 81 36.29 45.49 35.40
CA SER D 81 37.75 45.59 35.49
C SER D 81 38.27 47.00 35.17
N ALA D 82 37.65 47.66 34.20
CA ALA D 82 38.00 49.02 33.83
C ALA D 82 37.44 49.99 34.85
N GLN D 83 36.20 49.76 35.27
CA GLN D 83 35.57 50.63 36.26
C GLN D 83 36.44 50.70 37.51
N ALA D 84 37.11 49.58 37.82
CA ALA D 84 37.96 49.41 39.01
C ALA D 84 39.37 50.03 38.94
N GLY D 85 39.79 50.44 37.75
CA GLY D 85 41.08 51.11 37.61
C GLY D 85 41.98 50.56 36.53
N ALA D 86 41.64 49.38 36.01
CA ALA D 86 42.45 48.74 34.98
C ALA D 86 43.02 49.73 33.98
N ARG D 87 44.33 49.70 33.80
CA ARG D 87 45.01 50.57 32.84
C ARG D 87 44.55 50.27 31.42
N LYS D 88 44.49 48.98 31.10
CA LYS D 88 44.00 48.53 29.80
C LYS D 88 43.43 47.13 29.95
N VAL D 89 42.19 46.96 29.50
CA VAL D 89 41.52 45.68 29.63
C VAL D 89 41.31 45.04 28.26
N TYR D 90 41.74 43.78 28.12
CA TYR D 90 41.58 43.01 26.90
C TYR D 90 40.44 42.02 27.06
N ALA D 91 39.43 42.12 26.21
CA ALA D 91 38.26 41.24 26.30
C ALA D 91 38.01 40.45 25.02
N VAL D 92 38.19 39.12 25.11
CA VAL D 92 38.12 38.22 23.96
C VAL D 92 36.86 37.36 23.98
N GLU D 93 36.00 37.54 22.99
CA GLU D 93 34.80 36.72 22.83
C GLU D 93 34.84 36.06 21.44
N ALA D 94 34.57 34.76 21.40
CA ALA D 94 34.81 33.97 20.20
C ALA D 94 33.70 34.08 19.17
N THR D 95 32.50 34.40 19.66
CA THR D 95 31.30 34.47 18.85
C THR D 95 30.99 35.91 18.37
N LYS D 96 29.81 36.08 17.75
CA LYS D 96 29.35 37.38 17.29
C LYS D 96 28.80 38.22 18.46
N MET D 97 28.92 37.68 19.66
CA MET D 97 28.62 38.44 20.86
C MET D 97 29.65 39.57 21.01
N ALA D 98 30.80 39.41 20.38
CA ALA D 98 31.87 40.42 20.46
C ALA D 98 31.40 41.82 20.06
N ASP D 99 30.60 41.92 19.00
CA ASP D 99 30.05 43.20 18.60
C ASP D 99 29.25 43.80 19.74
N HIS D 100 28.31 43.01 20.28
CA HIS D 100 27.51 43.45 21.43
C HIS D 100 28.37 43.90 22.60
N ALA D 101 29.38 43.09 22.94
CA ALA D 101 30.31 43.47 23.99
C ALA D 101 30.98 44.77 23.64
N ARG D 102 31.33 44.93 22.37
CA ARG D 102 32.10 46.09 21.96
C ARG D 102 31.27 47.37 21.89
N ALA D 103 29.94 47.24 21.86
CA ALA D 103 29.06 48.40 21.78
C ALA D 103 28.63 48.82 23.17
N LEU D 104 28.38 47.83 24.02
CA LEU D 104 28.03 48.06 25.41
C LEU D 104 29.14 48.85 26.09
N VAL D 105 30.37 48.54 25.72
CA VAL D 105 31.52 49.27 26.22
C VAL D 105 31.46 50.72 25.74
N LYS D 106 31.41 50.92 24.43
CA LYS D 106 31.44 52.24 23.82
C LYS D 106 30.43 53.19 24.47
N ALA D 107 29.27 52.66 24.85
CA ALA D 107 28.19 53.46 25.43
C ALA D 107 28.36 53.64 26.92
N ASN D 108 29.26 52.84 27.48
CA ASN D 108 29.60 52.94 28.89
C ASN D 108 30.95 53.64 29.08
N ASN D 109 31.37 54.35 28.04
CA ASN D 109 32.52 55.23 28.12
C ASN D 109 33.79 54.53 28.57
N LEU D 110 34.05 53.37 27.96
CA LEU D 110 35.20 52.55 28.33
C LEU D 110 35.95 51.99 27.12
N ASP D 111 35.64 52.48 25.92
CA ASP D 111 36.30 51.95 24.72
C ASP D 111 37.72 52.50 24.59
N HIS D 112 38.12 53.31 25.57
CA HIS D 112 39.49 53.81 25.63
C HIS D 112 40.31 52.91 26.53
N ILE D 113 39.65 51.94 27.15
CA ILE D 113 40.35 51.03 28.06
C ILE D 113 40.13 49.57 27.73
N VAL D 114 38.88 49.21 27.44
CA VAL D 114 38.53 47.83 27.11
C VAL D 114 38.68 47.59 25.61
N GLU D 115 39.48 46.60 25.25
CA GLU D 115 39.76 46.28 23.85
C GLU D 115 39.11 44.95 23.48
N VAL D 116 37.91 44.99 22.93
CA VAL D 116 37.21 43.77 22.56
C VAL D 116 37.85 43.18 21.30
N ILE D 117 37.89 41.85 21.23
CA ILE D 117 38.63 41.16 20.19
C ILE D 117 37.96 39.85 19.83
N GLU D 118 37.03 39.89 18.88
CA GLU D 118 36.38 38.67 18.40
C GLU D 118 37.44 37.67 17.97
N GLY D 119 37.44 36.49 18.57
CA GLY D 119 38.46 35.50 18.28
C GLY D 119 38.53 34.43 19.35
N SER D 120 39.15 33.31 19.01
CA SER D 120 39.38 32.25 19.98
C SER D 120 40.68 32.54 20.74
N VAL D 121 40.62 32.51 22.07
CA VAL D 121 41.76 32.86 22.92
C VAL D 121 43.06 32.28 22.38
N GLU D 122 42.98 31.04 21.91
CA GLU D 122 44.17 30.31 21.50
C GLU D 122 44.63 30.66 20.09
N ASP D 123 43.76 31.30 19.31
CA ASP D 123 44.12 31.75 17.96
C ASP D 123 44.69 33.17 18.02
N ILE D 124 44.54 33.81 19.16
CA ILE D 124 44.82 35.23 19.30
C ILE D 124 46.28 35.50 19.69
N SER D 125 46.71 36.74 19.48
CA SER D 125 47.96 37.25 20.02
C SER D 125 47.65 38.43 20.93
N LEU D 126 48.55 38.73 21.86
CA LEU D 126 48.39 39.93 22.69
C LEU D 126 49.62 40.82 22.60
N PRO D 127 49.41 42.14 22.75
CA PRO D 127 50.55 43.06 22.69
C PRO D 127 51.49 42.88 23.88
N GLU D 128 50.99 42.29 24.96
CA GLU D 128 51.71 42.29 26.23
C GLU D 128 51.19 41.25 27.21
N LYS D 129 52.09 40.69 28.02
CA LYS D 129 51.70 39.77 29.10
C LYS D 129 50.75 40.49 30.04
N VAL D 130 50.23 39.78 31.04
CA VAL D 130 49.02 40.23 31.72
C VAL D 130 48.99 40.07 33.25
N ASP D 131 48.61 41.14 33.94
CA ASP D 131 48.60 41.18 35.41
C ASP D 131 47.51 40.33 36.03
N VAL D 132 46.35 40.30 35.39
CA VAL D 132 45.22 39.57 35.91
C VAL D 132 44.51 38.87 34.78
N ILE D 133 44.08 37.64 35.01
CA ILE D 133 43.11 37.02 34.13
C ILE D 133 41.85 36.82 34.95
N ILE D 134 40.75 37.42 34.49
CA ILE D 134 39.46 37.23 35.12
C ILE D 134 38.55 36.47 34.18
N SER D 135 37.88 35.45 34.72
CA SER D 135 37.03 34.59 33.87
C SER D 135 35.94 33.80 34.61
N GLU D 136 34.80 33.61 33.96
CA GLU D 136 33.76 32.74 34.47
C GLU D 136 33.62 31.62 33.43
N TRP D 137 34.17 30.45 33.78
CA TRP D 137 34.48 29.38 32.82
C TRP D 137 33.90 28.07 33.27
N MET D 138 32.98 28.17 34.22
CA MET D 138 32.48 27.01 34.91
C MET D 138 31.21 26.44 34.28
N GLY D 139 31.29 25.19 33.86
CA GLY D 139 30.16 24.50 33.28
C GLY D 139 29.38 23.85 34.41
N TYR D 140 28.44 22.97 34.10
CA TYR D 140 27.73 22.24 35.15
C TYR D 140 28.70 21.29 35.85
N PHE D 141 28.52 21.11 37.15
CA PHE D 141 29.45 20.33 37.94
C PHE D 141 30.85 20.81 37.58
N LEU D 142 31.04 22.13 37.64
CA LEU D 142 32.33 22.78 37.42
C LEU D 142 32.93 22.56 36.04
N LEU D 143 33.30 21.32 35.74
CA LEU D 143 34.09 20.98 34.56
C LEU D 143 33.37 20.86 33.20
N ARG D 144 32.07 20.62 33.18
CA ARG D 144 31.42 20.47 31.88
C ARG D 144 31.75 21.67 30.99
N GLU D 145 31.74 21.49 29.67
CA GLU D 145 32.09 22.58 28.72
C GLU D 145 33.59 22.66 28.42
N SER D 146 34.41 22.28 29.40
CA SER D 146 35.85 22.17 29.19
C SER D 146 36.51 23.49 28.78
N MET D 147 35.89 24.60 29.18
CA MET D 147 36.39 25.93 28.88
C MET D 147 37.59 26.35 29.72
N PHE D 148 37.92 25.59 30.76
CA PHE D 148 39.10 25.96 31.53
C PHE D 148 40.37 25.65 30.76
N ASP D 149 40.25 24.81 29.73
CA ASP D 149 41.34 24.57 28.78
C ASP D 149 41.84 25.90 28.25
N SER D 150 40.92 26.65 27.63
CA SER D 150 41.25 27.95 27.05
C SER D 150 41.90 28.84 28.08
N VAL D 151 41.35 28.84 29.30
CA VAL D 151 41.85 29.69 30.36
C VAL D 151 43.27 29.29 30.76
N ILE D 152 43.58 28.00 30.66
CA ILE D 152 44.96 27.56 30.85
C ILE D 152 45.84 28.17 29.76
N SER D 153 45.43 27.96 28.51
CA SER D 153 46.17 28.48 27.38
C SER D 153 46.47 29.96 27.53
N ALA D 154 45.48 30.72 27.99
CA ALA D 154 45.65 32.16 28.20
C ALA D 154 46.65 32.44 29.31
N ARG D 155 46.68 31.53 30.28
CA ARG D 155 47.56 31.66 31.44
C ARG D 155 49.00 31.40 31.05
N ASP D 156 49.27 30.17 30.61
CA ASP D 156 50.63 29.71 30.36
C ASP D 156 51.39 30.68 29.46
N ARG D 157 50.64 31.44 28.66
CA ARG D 157 51.23 32.32 27.65
C ARG D 157 51.36 33.78 28.12
N TRP D 158 50.24 34.40 28.47
CA TRP D 158 50.20 35.84 28.73
C TRP D 158 50.24 36.19 30.21
N LEU D 159 50.13 35.19 31.07
CA LEU D 159 50.10 35.48 32.51
C LEU D 159 51.52 35.73 33.01
N LYS D 160 51.74 36.89 33.62
CA LYS D 160 53.07 37.22 34.11
C LYS D 160 53.37 36.58 35.47
N PRO D 161 54.65 36.44 35.77
CA PRO D 161 55.18 35.70 36.93
C PRO D 161 54.48 35.98 38.25
N THR D 162 53.86 37.15 38.38
CA THR D 162 53.37 37.62 39.66
C THR D 162 51.87 37.95 39.62
N GLY D 163 51.24 37.62 38.50
CA GLY D 163 49.83 37.92 38.30
C GLY D 163 48.90 37.03 39.10
N VAL D 164 47.61 37.31 38.98
CA VAL D 164 46.61 36.61 39.77
C VAL D 164 45.53 36.00 38.85
N MET D 165 44.63 35.20 39.42
CA MET D 165 43.55 34.62 38.63
C MET D 165 42.19 34.65 39.33
N TYR D 166 41.19 35.08 38.58
CA TYR D 166 39.84 35.29 39.08
C TYR D 166 38.86 34.40 38.35
N PRO D 167 38.35 33.34 39.00
CA PRO D 167 38.68 32.92 40.37
C PRO D 167 40.07 32.31 40.43
N SER D 168 40.60 32.11 41.64
CA SER D 168 41.94 31.58 41.83
C SER D 168 41.89 30.10 42.17
N HIS D 169 40.87 29.72 42.95
CA HIS D 169 40.68 28.31 43.28
C HIS D 169 39.32 27.76 42.90
N ALA D 170 39.26 26.45 42.73
CA ALA D 170 37.97 25.73 42.47
C ALA D 170 37.96 24.34 43.17
N ARG D 171 36.79 23.77 43.33
CA ARG D 171 36.64 22.64 44.17
C ARG D 171 35.31 21.98 43.82
N MET D 172 35.26 20.64 43.95
CA MET D 172 34.11 19.82 43.55
C MET D 172 33.61 18.94 44.68
N TRP D 173 32.30 18.97 44.93
CA TRP D 173 31.72 18.26 46.06
C TRP D 173 30.72 17.29 45.58
N LEU D 174 30.54 16.24 46.37
CA LEU D 174 29.61 15.17 46.08
C LEU D 174 29.05 14.69 47.42
N ALA D 175 27.80 14.24 47.43
CA ALA D 175 27.17 13.80 48.69
C ALA D 175 25.90 12.99 48.44
N PRO D 176 25.60 12.01 49.31
CA PRO D 176 24.38 11.22 49.08
C PRO D 176 23.21 12.17 49.15
N ILE D 177 22.10 11.86 48.48
CA ILE D 177 20.88 12.67 48.57
C ILE D 177 19.62 11.80 48.59
N LYS D 178 18.53 12.37 49.14
CA LYS D 178 17.20 11.77 49.08
C LYS D 178 16.32 12.69 48.24
N SER D 179 15.77 12.18 47.14
CA SER D 179 15.11 13.01 46.13
C SER D 179 13.88 12.33 45.46
N ASN D 180 12.78 13.07 45.38
CA ASN D 180 11.62 12.58 44.63
C ASN D 180 11.96 12.29 43.19
N ILE D 181 12.99 12.95 42.67
CA ILE D 181 13.40 12.76 41.28
C ILE D 181 13.68 11.30 40.96
N ALA D 182 14.31 10.59 41.90
CA ALA D 182 14.53 9.15 41.77
C ALA D 182 13.29 8.49 41.19
N ASP D 183 12.17 8.63 41.90
CA ASP D 183 10.90 7.95 41.57
C ASP D 183 10.37 8.36 40.19
N ARG D 184 10.55 9.63 39.85
CA ARG D 184 9.98 10.22 38.65
C ARG D 184 10.60 9.64 37.40
N LYS D 185 11.93 9.57 37.41
CA LYS D 185 12.69 9.17 36.24
C LYS D 185 12.56 7.68 35.99
N ARG D 186 12.41 6.92 37.07
CA ARG D 186 12.25 5.47 36.96
C ARG D 186 10.82 5.10 36.54
N ASN D 187 9.86 5.97 36.86
CA ASN D 187 8.50 5.77 36.37
C ASN D 187 8.35 6.33 34.95
N ASP D 188 9.20 7.31 34.61
CA ASP D 188 9.32 7.75 33.24
C ASP D 188 9.88 6.61 32.40
N PHE D 189 10.98 6.03 32.86
CA PHE D 189 11.61 4.93 32.14
C PHE D 189 10.59 3.81 31.88
N ASP D 190 9.88 3.40 32.94
CA ASP D 190 8.87 2.33 32.82
C ASP D 190 7.85 2.72 31.76
N GLY D 191 7.38 3.96 31.83
CA GLY D 191 6.44 4.48 30.85
C GLY D 191 6.90 4.14 29.44
N ALA D 192 8.11 4.58 29.10
CA ALA D 192 8.70 4.27 27.80
C ALA D 192 8.60 2.79 27.42
N MET D 193 9.12 1.89 28.26
CA MET D 193 9.16 0.48 27.89
C MET D 193 7.77 -0.04 27.50
N ALA D 194 6.80 0.21 28.38
CA ALA D 194 5.42 -0.16 28.15
C ALA D 194 4.94 0.34 26.79
N ASP D 195 5.17 1.61 26.50
CA ASP D 195 4.72 2.16 25.23
C ASP D 195 5.44 1.51 24.06
N TRP D 196 6.68 1.08 24.31
CA TRP D 196 7.44 0.34 23.32
C TRP D 196 6.74 -0.97 23.01
N HIS D 197 6.23 -1.61 24.05
CA HIS D 197 5.61 -2.92 23.91
C HIS D 197 4.28 -2.90 23.18
N ASN D 198 3.47 -1.87 23.45
CA ASN D 198 2.19 -1.67 22.74
C ASN D 198 2.49 -1.33 21.28
N PHE D 199 3.51 -0.49 21.09
CA PHE D 199 3.94 -0.13 19.76
C PHE D 199 4.30 -1.37 18.94
N SER D 200 5.24 -2.16 19.44
CA SER D 200 5.76 -3.29 18.67
C SER D 200 4.65 -4.29 18.33
N ASP D 201 3.65 -4.36 19.19
CA ASP D 201 2.45 -5.17 18.96
C ASP D 201 1.60 -4.59 17.82
N GLU D 202 1.41 -3.28 17.84
CA GLU D 202 0.52 -2.63 16.90
C GLU D 202 1.15 -2.60 15.51
N ILE D 203 2.45 -2.85 15.46
CA ILE D 203 3.20 -2.89 14.20
C ILE D 203 3.30 -4.31 13.63
N LYS D 204 3.05 -5.30 14.48
CA LYS D 204 2.95 -6.68 14.04
C LYS D 204 1.51 -6.94 13.61
N SER D 205 0.57 -6.26 14.27
CA SER D 205 -0.84 -6.34 13.93
C SER D 205 -1.05 -5.83 12.51
N TYR D 206 -0.71 -4.56 12.29
CA TYR D 206 -0.70 -3.99 10.95
C TYR D 206 0.74 -3.92 10.49
N TYR D 207 0.98 -4.25 9.23
CA TYR D 207 2.32 -4.17 8.66
C TYR D 207 3.08 -5.48 8.78
N GLY D 208 2.62 -6.39 9.64
CA GLY D 208 3.24 -7.69 9.75
C GLY D 208 4.75 -7.69 9.88
N VAL D 209 5.28 -6.81 10.72
CA VAL D 209 6.70 -6.82 11.12
C VAL D 209 6.84 -6.96 12.63
N ASP D 210 7.78 -7.80 13.07
CA ASP D 210 8.01 -7.98 14.50
C ASP D 210 9.17 -7.12 14.97
N MET D 211 8.99 -6.42 16.09
CA MET D 211 10.00 -5.46 16.53
C MET D 211 10.79 -5.96 17.74
N GLY D 212 10.46 -7.17 18.19
CA GLY D 212 11.02 -7.72 19.42
C GLY D 212 12.51 -7.50 19.60
N VAL D 213 13.30 -7.89 18.61
CA VAL D 213 14.75 -7.84 18.77
C VAL D 213 15.23 -6.49 19.28
N LEU D 214 14.55 -5.43 18.88
CA LEU D 214 15.03 -4.09 19.17
C LEU D 214 14.54 -3.63 20.53
N THR D 215 14.13 -4.56 21.39
CA THR D 215 13.56 -4.20 22.69
C THR D 215 14.71 -3.85 23.63
N LYS D 216 15.76 -4.67 23.59
CA LYS D 216 16.96 -4.44 24.39
C LYS D 216 17.66 -3.16 23.99
N PRO D 217 18.03 -3.03 22.72
CA PRO D 217 18.73 -1.78 22.37
C PRO D 217 17.95 -0.51 22.66
N PHE D 218 16.63 -0.58 22.53
CA PHE D 218 15.76 0.51 22.92
C PHE D 218 15.95 0.73 24.40
N ALA D 219 15.42 -0.19 25.21
CA ALA D 219 15.58 -0.14 26.66
C ALA D 219 16.91 0.41 27.13
N GLU D 220 18.00 0.07 26.44
CA GLU D 220 19.31 0.60 26.81
C GLU D 220 19.37 2.11 26.61
N GLU D 221 18.94 2.55 25.44
CA GLU D 221 18.83 3.95 25.11
C GLU D 221 18.01 4.68 26.17
N GLN D 222 16.89 4.05 26.55
CA GLN D 222 15.96 4.69 27.47
C GLN D 222 16.55 4.85 28.88
N GLU D 223 17.25 3.82 29.36
CA GLU D 223 17.96 3.92 30.63
C GLU D 223 19.03 5.02 30.57
N LYS D 224 19.84 5.02 29.52
CA LYS D 224 20.87 6.05 29.36
C LYS D 224 20.29 7.45 29.37
N TYR D 225 18.98 7.55 29.18
CA TYR D 225 18.34 8.86 29.09
C TYR D 225 17.50 9.23 30.31
N TYR D 226 16.88 8.24 30.95
CA TYR D 226 16.13 8.51 32.17
C TYR D 226 16.95 8.27 33.43
N ILE D 227 17.93 7.39 33.37
CA ILE D 227 18.66 7.03 34.58
C ILE D 227 20.16 7.37 34.55
N GLN D 228 20.84 7.09 33.43
CA GLN D 228 22.29 7.28 33.34
C GLN D 228 22.77 8.70 33.15
N THR D 229 21.88 9.60 32.75
CA THR D 229 22.25 10.98 32.50
C THR D 229 21.98 11.86 33.71
N ALA D 230 22.91 12.77 34.02
CA ALA D 230 22.73 13.64 35.18
C ALA D 230 21.67 14.70 34.89
N MET D 231 20.91 15.05 35.92
CA MET D 231 19.82 16.00 35.79
C MET D 231 20.11 17.30 36.52
N TRP D 232 19.55 18.41 36.05
CA TRP D 232 19.65 19.69 36.76
C TRP D 232 18.65 19.65 37.88
N ASN D 233 18.99 20.29 38.99
CA ASN D 233 18.10 20.27 40.13
C ASN D 233 18.43 21.45 41.00
N ASP D 234 17.43 21.99 41.69
CA ASP D 234 17.68 22.91 42.77
C ASP D 234 17.54 22.15 44.07
N LEU D 235 18.66 21.68 44.59
CA LEU D 235 18.63 20.87 45.80
C LEU D 235 18.48 21.70 47.05
N ASN D 236 17.65 21.18 47.96
CA ASN D 236 17.43 21.77 49.25
C ASN D 236 18.27 21.04 50.30
N PRO D 237 18.92 21.78 51.20
CA PRO D 237 19.84 21.16 52.17
C PRO D 237 19.22 19.99 52.95
N GLN D 238 17.91 20.00 53.16
CA GLN D 238 17.25 18.90 53.86
C GLN D 238 17.26 17.58 53.10
N GLN D 239 17.82 17.57 51.89
CA GLN D 239 17.84 16.38 51.04
C GLN D 239 19.20 15.67 51.16
N ILE D 240 20.18 16.37 51.73
CA ILE D 240 21.51 15.80 51.92
C ILE D 240 21.46 14.86 53.14
N ILE D 241 21.73 13.58 52.91
CA ILE D 241 21.54 12.54 53.93
C ILE D 241 22.84 12.01 54.50
N GLY D 242 23.95 12.51 53.98
CA GLY D 242 25.23 12.02 54.39
C GLY D 242 26.16 13.20 54.48
N THR D 243 27.33 12.98 55.07
CA THR D 243 28.33 14.02 55.12
C THR D 243 28.80 14.27 53.70
N PRO D 244 29.15 15.52 53.38
CA PRO D 244 29.60 15.83 52.03
C PRO D 244 31.08 15.49 51.88
N THR D 245 31.57 15.50 50.64
CA THR D 245 32.98 15.25 50.36
C THR D 245 33.44 16.21 49.30
N ILE D 246 34.74 16.46 49.28
CA ILE D 246 35.36 17.24 48.23
C ILE D 246 36.12 16.29 47.32
N VAL D 247 35.62 16.09 46.12
CA VAL D 247 36.19 15.10 45.20
C VAL D 247 37.37 15.59 44.38
N LYS D 248 37.59 16.90 44.32
CA LYS D 248 38.71 17.47 43.59
C LYS D 248 38.96 18.91 43.96
N GLU D 249 40.12 19.22 44.52
CA GLU D 249 40.54 20.60 44.71
C GLU D 249 41.51 21.02 43.60
N MET D 250 41.64 22.32 43.38
CA MET D 250 42.22 22.81 42.14
C MET D 250 42.69 24.27 42.28
N ASP D 251 43.93 24.51 41.88
CA ASP D 251 44.59 25.82 41.98
C ASP D 251 44.68 26.39 40.56
N CYS D 252 43.76 27.26 40.21
CA CYS D 252 43.60 27.67 38.82
C CYS D 252 44.88 28.23 38.23
N LEU D 253 45.80 28.55 39.12
CA LEU D 253 47.05 29.17 38.72
C LEU D 253 48.06 28.12 38.24
N THR D 254 47.86 26.86 38.65
CA THR D 254 48.80 25.79 38.31
C THR D 254 48.16 24.57 37.63
N ALA D 255 46.85 24.40 37.78
CA ALA D 255 46.17 23.26 37.12
C ALA D 255 46.59 23.14 35.67
N SER D 256 46.53 21.91 35.15
CA SER D 256 46.77 21.67 33.74
C SER D 256 45.72 20.72 33.20
N VAL D 257 45.58 20.68 31.88
CA VAL D 257 44.57 19.85 31.25
C VAL D 257 44.66 18.39 31.72
N SER D 258 45.83 17.78 31.54
CA SER D 258 46.06 16.37 31.84
C SER D 258 45.64 15.99 33.26
N GLU D 259 45.40 17.00 34.08
CA GLU D 259 45.02 16.82 35.48
C GLU D 259 43.49 16.82 35.57
N ILE D 260 42.84 17.05 34.43
CA ILE D 260 41.39 17.31 34.38
C ILE D 260 40.48 16.10 34.08
N GLU D 261 41.03 15.05 33.46
CA GLU D 261 40.42 13.72 33.62
C GLU D 261 40.95 13.27 34.97
N GLU D 262 40.16 12.53 35.74
CA GLU D 262 40.41 12.48 37.18
C GLU D 262 39.84 11.28 37.92
N VAL D 263 40.56 10.85 38.97
CA VAL D 263 40.15 9.76 39.85
C VAL D 263 40.20 10.26 41.30
N ARG D 264 39.23 9.83 42.12
CA ARG D 264 39.15 10.24 43.52
C ARG D 264 38.40 9.19 44.34
N SER D 265 38.92 8.84 45.51
CA SER D 265 38.21 7.91 46.38
C SER D 265 37.75 8.61 47.65
N ASN D 266 36.53 8.33 48.09
CA ASN D 266 35.96 9.13 49.17
C ASN D 266 35.12 8.39 50.18
N VAL D 267 34.63 9.12 51.18
CA VAL D 267 33.87 8.47 52.23
C VAL D 267 32.85 9.45 52.78
N THR D 268 31.62 8.97 52.87
CA THR D 268 30.55 9.75 53.48
C THR D 268 29.81 8.94 54.53
N SER D 269 29.56 9.56 55.68
CA SER D 269 28.88 8.90 56.78
C SER D 269 27.45 9.41 56.99
N VAL D 270 26.48 8.58 56.63
CA VAL D 270 25.09 8.99 56.74
C VAL D 270 24.75 9.70 58.06
N ILE D 271 24.18 10.90 57.91
CA ILE D 271 23.98 11.83 59.02
C ILE D 271 22.56 11.75 59.52
N ASN D 272 21.63 11.57 58.58
CA ASN D 272 20.24 11.33 58.93
C ASN D 272 20.08 9.91 59.43
N MET D 273 19.47 9.78 60.61
CA MET D 273 19.21 8.48 61.19
C MET D 273 17.80 8.03 60.85
N GLU D 274 17.03 8.94 60.24
CA GLU D 274 15.61 8.69 59.95
C GLU D 274 15.34 7.32 59.33
N HIS D 275 16.26 6.89 58.46
CA HIS D 275 16.13 5.65 57.71
C HIS D 275 15.63 5.96 56.31
N THR D 276 16.23 6.99 55.71
CA THR D 276 15.87 7.42 54.36
C THR D 276 16.50 6.50 53.34
N ARG D 277 16.20 6.77 52.07
CA ARG D 277 16.75 5.99 50.98
C ARG D 277 17.99 6.67 50.45
N LEU D 278 18.80 5.92 49.71
CA LEU D 278 19.85 6.48 48.87
C LEU D 278 19.31 6.52 47.45
N CYS D 279 18.68 7.61 47.11
CA CYS D 279 17.99 7.76 45.84
C CYS D 279 18.91 8.32 44.74
N GLY D 280 20.16 8.57 45.10
CA GLY D 280 21.11 9.20 44.18
C GLY D 280 22.15 10.09 44.85
N PHE D 281 22.94 10.79 44.03
CA PHE D 281 24.00 11.70 44.50
C PHE D 281 23.89 13.09 43.88
N GLY D 282 24.21 14.12 44.67
CA GLY D 282 24.26 15.48 44.18
C GLY D 282 25.71 15.87 43.97
N GLY D 283 25.98 16.72 42.99
CA GLY D 283 27.33 17.15 42.68
C GLY D 283 27.42 18.61 42.26
N TRP D 284 28.14 19.39 43.06
CA TRP D 284 28.29 20.82 42.82
C TRP D 284 29.75 21.26 42.99
N PHE D 285 29.97 22.56 43.16
CA PHE D 285 31.33 23.09 43.11
C PHE D 285 31.55 24.44 43.78
N ASP D 286 32.80 24.73 44.09
CA ASP D 286 33.19 25.98 44.70
C ASP D 286 34.12 26.78 43.83
N VAL D 287 34.09 28.08 44.06
CA VAL D 287 35.01 28.96 43.38
C VAL D 287 35.48 30.01 44.39
N GLN D 288 36.79 30.28 44.42
CA GLN D 288 37.34 31.24 45.37
C GLN D 288 38.18 32.31 44.66
N PHE D 289 38.01 33.55 45.09
CA PHE D 289 38.88 34.63 44.67
C PHE D 289 39.73 35.07 45.86
N SER D 290 40.82 34.33 46.11
CA SER D 290 41.72 34.57 47.24
C SER D 290 43.04 35.16 46.76
N GLY D 291 43.07 35.56 45.49
CA GLY D 291 44.25 36.16 44.92
C GLY D 291 45.37 35.14 44.87
N ARG D 292 46.57 35.60 45.19
CA ARG D 292 47.75 34.78 45.01
C ARG D 292 48.36 34.51 46.39
N LYS D 293 49.44 33.73 46.43
CA LYS D 293 50.10 33.47 47.70
C LYS D 293 50.85 34.71 48.18
N GLU D 294 51.38 35.46 47.23
CA GLU D 294 52.27 36.58 47.52
C GLU D 294 51.51 37.90 47.43
N ASP D 295 50.52 37.92 46.55
CA ASP D 295 49.64 39.08 46.40
C ASP D 295 48.21 38.62 46.63
N PRO D 296 47.74 38.72 47.87
CA PRO D 296 46.43 38.17 48.22
C PRO D 296 45.34 39.21 48.05
N ALA D 297 44.09 38.74 47.99
CA ALA D 297 42.94 39.63 47.96
C ALA D 297 42.77 40.27 49.33
N GLN D 298 42.39 41.55 49.37
CA GLN D 298 42.05 42.23 50.62
C GLN D 298 40.74 41.67 51.20
N GLN D 299 39.95 41.04 50.34
CA GLN D 299 38.71 40.40 50.79
C GLN D 299 38.46 39.17 49.95
N GLU D 300 38.51 38.01 50.61
CA GLU D 300 38.25 36.73 49.96
C GLU D 300 36.79 36.58 49.66
N ILE D 301 36.47 36.26 48.42
CA ILE D 301 35.08 36.03 48.03
C ILE D 301 34.91 34.61 47.52
N GLU D 302 33.85 33.96 47.97
CA GLU D 302 33.52 32.65 47.47
C GLU D 302 32.18 32.66 46.73
N LEU D 303 32.13 31.91 45.64
CA LEU D 303 30.88 31.64 44.96
C LEU D 303 30.65 30.15 45.01
N THR D 304 29.65 29.75 45.80
CA THR D 304 29.32 28.35 45.94
C THR D 304 27.98 28.09 45.30
N THR D 305 27.71 26.83 45.02
CA THR D 305 26.50 26.41 44.36
C THR D 305 25.79 25.41 45.26
N ALA D 306 26.46 25.02 46.33
CA ALA D 306 25.91 24.11 47.33
C ALA D 306 24.45 24.41 47.66
N PRO D 307 23.72 23.36 48.07
CA PRO D 307 22.34 23.53 48.52
C PRO D 307 22.22 24.70 49.47
N SER D 308 21.16 25.49 49.36
CA SER D 308 20.95 26.62 50.28
C SER D 308 19.54 26.73 50.87
N GLU D 309 18.53 26.81 50.00
CA GLU D 309 17.15 27.12 50.39
C GLU D 309 16.70 28.47 49.85
N GLN D 310 17.57 29.48 49.96
CA GLN D 310 17.22 30.78 49.38
C GLN D 310 18.38 31.50 48.70
N HIS D 311 19.14 30.76 47.90
CA HIS D 311 20.28 31.32 47.19
C HIS D 311 20.62 30.52 45.94
N CYS D 312 19.60 30.20 45.14
CA CYS D 312 19.75 29.42 43.91
C CYS D 312 20.71 30.07 42.90
N THR D 313 21.40 29.27 42.08
CA THR D 313 22.13 29.79 40.92
C THR D 313 21.73 29.00 39.68
N HIS D 314 22.24 29.40 38.51
CA HIS D 314 21.81 28.79 37.26
C HIS D 314 22.46 27.42 37.01
N TRP D 315 23.35 27.03 37.92
CA TRP D 315 24.01 25.74 37.78
C TRP D 315 23.34 24.67 38.65
N GLY D 316 22.38 25.09 39.49
CA GLY D 316 21.82 24.22 40.49
C GLY D 316 22.83 23.24 41.01
N GLN D 317 22.42 21.98 41.16
CA GLN D 317 23.36 20.89 41.34
C GLN D 317 23.03 19.79 40.34
N GLN D 318 23.99 18.94 40.04
CA GLN D 318 23.75 17.82 39.14
C GLN D 318 23.32 16.62 39.95
N VAL D 319 22.14 16.10 39.62
CA VAL D 319 21.65 14.92 40.30
C VAL D 319 22.02 13.67 39.49
N PHE D 320 22.63 12.71 40.18
CA PHE D 320 22.90 11.41 39.62
C PHE D 320 21.91 10.45 40.24
N ILE D 321 20.96 10.00 39.42
CA ILE D 321 19.86 9.16 39.89
C ILE D 321 20.32 7.75 40.19
N MET D 322 19.65 7.19 41.19
CA MET D 322 19.88 5.83 41.60
C MET D 322 18.84 4.94 40.94
N SER D 323 19.31 4.01 40.13
CA SER D 323 18.48 3.01 39.46
C SER D 323 17.57 2.28 40.47
N ASN D 324 18.19 1.74 41.52
CA ASN D 324 17.48 1.02 42.56
C ASN D 324 17.86 1.54 43.96
N PRO D 325 16.97 2.33 44.59
CA PRO D 325 17.24 2.99 45.87
C PRO D 325 17.51 2.02 47.02
N ILE D 326 18.20 2.51 48.05
CA ILE D 326 18.66 1.67 49.15
C ILE D 326 18.26 2.21 50.53
N ASN D 327 18.07 1.32 51.50
CA ASN D 327 17.79 1.72 52.88
C ASN D 327 19.08 1.97 53.67
N VAL D 328 19.07 3.03 54.46
CA VAL D 328 20.29 3.46 55.14
C VAL D 328 20.07 3.87 56.61
N GLU D 329 21.03 3.54 57.46
CA GLU D 329 20.95 3.81 58.89
C GLU D 329 22.06 4.75 59.33
N GLU D 330 21.78 5.56 60.35
CA GLU D 330 22.77 6.50 60.88
C GLU D 330 24.11 5.83 61.20
N GLY D 331 25.16 6.23 60.48
CA GLY D 331 26.49 5.70 60.75
C GLY D 331 26.98 4.89 59.57
N ASP D 332 26.03 4.37 58.81
CA ASP D 332 26.33 3.67 57.57
C ASP D 332 27.48 4.39 56.88
N ASN D 333 28.34 3.61 56.24
CA ASN D 333 29.61 4.10 55.75
C ASN D 333 29.75 3.85 54.24
N LEU D 334 29.84 4.92 53.47
CA LEU D 334 29.99 4.87 52.03
C LEU D 334 31.33 5.20 51.45
N ASN D 335 32.18 4.27 51.10
CA ASN D 335 33.34 4.62 50.35
C ASN D 335 33.06 4.52 48.89
N LEU D 336 33.36 5.60 48.20
CA LEU D 336 32.93 5.78 46.87
C LEU D 336 34.14 5.91 46.02
N GLY D 337 34.29 5.05 45.03
CA GLY D 337 35.31 5.28 44.04
C GLY D 337 34.77 6.18 42.97
N LEU D 338 35.59 7.10 42.48
CA LEU D 338 35.11 8.15 41.60
C LEU D 338 36.05 8.38 40.44
N LEU D 339 35.73 7.79 39.32
CA LEU D 339 36.47 8.00 38.09
C LEU D 339 35.70 8.99 37.23
N MET D 340 36.36 10.02 36.75
CA MET D 340 35.70 11.05 35.96
C MET D 340 36.57 11.45 34.76
N SER D 341 35.98 11.39 33.58
CA SER D 341 36.70 11.65 32.35
C SER D 341 35.83 12.32 31.31
N ARG D 342 36.43 12.64 30.17
CA ARG D 342 35.73 13.27 29.06
C ARG D 342 35.40 12.22 28.01
N SER D 343 34.22 12.34 27.41
CA SER D 343 33.78 11.33 26.45
C SER D 343 34.57 11.41 25.15
N LYS D 344 34.87 10.24 24.59
CA LYS D 344 35.65 10.14 23.37
C LYS D 344 35.04 10.98 22.25
N GLU D 345 33.75 10.81 22.00
CA GLU D 345 33.01 11.63 21.05
C GLU D 345 33.31 13.11 21.23
N ASN D 346 32.90 13.65 22.39
CA ASN D 346 33.01 15.09 22.65
C ASN D 346 33.79 15.38 23.94
N HIS D 347 34.88 16.13 23.83
CA HIS D 347 35.72 16.39 24.98
C HIS D 347 35.12 17.43 25.92
N ARG D 348 33.97 18.00 25.54
CA ARG D 348 33.29 18.99 26.39
C ARG D 348 32.21 18.36 27.28
N LEU D 349 31.86 17.11 26.97
CA LEU D 349 30.91 16.36 27.79
C LEU D 349 31.76 15.52 28.72
N MET D 350 31.20 15.10 29.85
CA MET D 350 31.92 14.22 30.77
C MET D 350 31.23 12.86 30.97
N GLU D 351 31.92 11.94 31.64
CA GLU D 351 31.36 10.65 32.02
C GLU D 351 31.85 10.29 33.40
N ILE D 352 31.09 9.47 34.12
CA ILE D 352 31.33 9.24 35.55
C ILE D 352 31.15 7.77 35.92
N GLU D 353 32.24 7.03 36.00
CA GLU D 353 32.15 5.67 36.53
C GLU D 353 32.12 5.76 38.05
N LEU D 354 31.02 5.29 38.65
CA LEU D 354 30.77 5.49 40.08
C LEU D 354 30.64 4.17 40.85
N ASN D 355 31.62 3.90 41.71
CA ASN D 355 31.64 2.66 42.49
C ASN D 355 31.36 2.96 43.95
N CYS D 356 30.42 2.24 44.55
CA CYS D 356 29.96 2.57 45.89
C CYS D 356 29.93 1.34 46.79
N GLU D 357 30.85 1.28 47.75
CA GLU D 357 30.84 0.20 48.74
C GLU D 357 30.22 0.72 50.02
N ILE D 358 28.96 0.38 50.24
CA ILE D 358 28.29 0.77 51.47
C ILE D 358 28.62 -0.20 52.60
N LYS D 359 28.90 0.34 53.78
CA LYS D 359 29.34 -0.47 54.91
C LYS D 359 28.66 -0.02 56.20
N GLU D 360 27.84 -0.89 56.79
CA GLU D 360 27.18 -0.64 58.07
C GLU D 360 28.17 -0.03 59.05
N ALA D 361 27.69 0.82 59.96
CA ALA D 361 28.57 1.49 60.92
C ALA D 361 29.54 0.51 61.62
N SER D 362 29.24 -0.79 61.53
CA SER D 362 30.13 -1.84 61.99
C SER D 362 30.61 -2.68 60.80
N GLY D 363 31.92 -2.80 60.63
CA GLY D 363 32.49 -3.57 59.54
C GLY D 363 32.03 -5.01 59.43
N ASN D 364 31.81 -5.47 58.20
CA ASN D 364 31.92 -4.59 57.05
C ASN D 364 30.62 -3.80 56.87
N PRO D 365 29.52 -4.45 56.48
CA PRO D 365 29.30 -5.78 55.93
C PRO D 365 29.36 -5.62 54.42
N LYS D 366 28.31 -5.05 53.84
CA LYS D 366 28.38 -4.48 52.50
C LYS D 366 27.09 -4.31 51.69
N GLU D 367 27.29 -4.45 50.39
CA GLU D 367 26.46 -3.86 49.37
C GLU D 367 27.41 -3.03 48.49
N SER D 368 27.18 -3.07 47.19
CA SER D 368 28.13 -2.54 46.24
C SER D 368 27.39 -2.26 44.94
N PHE D 369 28.00 -1.43 44.12
CA PHE D 369 27.44 -1.14 42.82
C PHE D 369 28.26 -0.13 42.04
N LYS D 370 28.32 -0.35 40.73
CA LYS D 370 28.99 0.56 39.84
C LYS D 370 28.01 1.06 38.78
N LYS D 371 27.86 2.37 38.68
CA LYS D 371 26.99 2.96 37.68
C LYS D 371 27.72 4.02 36.85
N THR D 372 27.49 4.04 35.55
CA THR D 372 28.04 5.09 34.71
C THR D 372 27.00 6.17 34.47
N TYR D 373 27.42 7.42 34.63
CA TYR D 373 26.55 8.55 34.48
C TYR D 373 27.12 9.45 33.42
N PHE D 374 26.22 10.19 32.78
CA PHE D 374 26.63 11.06 31.69
C PHE D 374 26.12 12.47 31.95
N ILE D 375 26.99 13.46 31.82
CA ILE D 375 26.51 14.83 31.80
C ILE D 375 26.27 15.18 30.32
N GLU D 376 25.32 14.45 29.73
CA GLU D 376 24.89 14.57 28.32
C GLU D 376 25.39 13.42 27.43
#